data_5VJB
# 
_entry.id   5VJB 
# 
_audit_conform.dict_name       mmcif_pdbx.dic 
_audit_conform.dict_version    5.387 
_audit_conform.dict_location   http://mmcif.pdb.org/dictionaries/ascii/mmcif_pdbx.dic 
# 
loop_
_database_2.database_id 
_database_2.database_code 
_database_2.pdbx_database_accession 
_database_2.pdbx_DOI 
PDB   5VJB         pdb_00005vjb 10.2210/pdb5vjb/pdb 
WWPDB D_1000227525 ?            ?                   
# 
loop_
_pdbx_audit_revision_history.ordinal 
_pdbx_audit_revision_history.data_content_type 
_pdbx_audit_revision_history.major_revision 
_pdbx_audit_revision_history.minor_revision 
_pdbx_audit_revision_history.revision_date 
1 'Structure model' 1 0 2017-06-28 
2 'Structure model' 1 1 2017-08-30 
3 'Structure model' 1 2 2017-09-13 
4 'Structure model' 1 3 2020-01-01 
5 'Structure model' 1 4 2024-03-13 
# 
_pdbx_audit_revision_details.ordinal             1 
_pdbx_audit_revision_details.revision_ordinal    1 
_pdbx_audit_revision_details.data_content_type   'Structure model' 
_pdbx_audit_revision_details.provider            repository 
_pdbx_audit_revision_details.type                'Initial release' 
_pdbx_audit_revision_details.description         ? 
_pdbx_audit_revision_details.details             ? 
# 
loop_
_pdbx_audit_revision_group.ordinal 
_pdbx_audit_revision_group.revision_ordinal 
_pdbx_audit_revision_group.data_content_type 
_pdbx_audit_revision_group.group 
1 2 'Structure model' 'Database references'        
2 2 'Structure model' 'Refinement description'     
3 3 'Structure model' 'Author supporting evidence' 
4 4 'Structure model' 'Author supporting evidence' 
5 5 'Structure model' 'Data collection'            
6 5 'Structure model' 'Database references'        
7 5 'Structure model' 'Derived calculations'       
# 
loop_
_pdbx_audit_revision_category.ordinal 
_pdbx_audit_revision_category.revision_ordinal 
_pdbx_audit_revision_category.data_content_type 
_pdbx_audit_revision_category.category 
1 2 'Structure model' citation           
2 2 'Structure model' software           
3 3 'Structure model' pdbx_audit_support 
4 4 'Structure model' pdbx_audit_support 
5 5 'Structure model' chem_comp_atom     
6 5 'Structure model' chem_comp_bond     
7 5 'Structure model' database_2         
8 5 'Structure model' struct_conn        
# 
loop_
_pdbx_audit_revision_item.ordinal 
_pdbx_audit_revision_item.revision_ordinal 
_pdbx_audit_revision_item.data_content_type 
_pdbx_audit_revision_item.item 
1  2 'Structure model' '_citation.journal_volume'                 
2  2 'Structure model' '_citation.page_first'                     
3  2 'Structure model' '_citation.page_last'                      
4  2 'Structure model' '_software.name'                           
5  3 'Structure model' '_pdbx_audit_support.funding_organization' 
6  4 'Structure model' '_pdbx_audit_support.funding_organization' 
7  5 'Structure model' '_database_2.pdbx_DOI'                     
8  5 'Structure model' '_database_2.pdbx_database_accession'      
9  5 'Structure model' '_struct_conn.conn_type_id'                
10 5 'Structure model' '_struct_conn.id'                          
11 5 'Structure model' '_struct_conn.pdbx_dist_value'             
12 5 'Structure model' '_struct_conn.pdbx_leaving_atom_flag'      
13 5 'Structure model' '_struct_conn.ptnr1_auth_asym_id'          
14 5 'Structure model' '_struct_conn.ptnr1_auth_comp_id'          
15 5 'Structure model' '_struct_conn.ptnr1_auth_seq_id'           
16 5 'Structure model' '_struct_conn.ptnr1_label_asym_id'         
17 5 'Structure model' '_struct_conn.ptnr1_label_atom_id'         
18 5 'Structure model' '_struct_conn.ptnr1_label_comp_id'         
19 5 'Structure model' '_struct_conn.ptnr1_label_seq_id'          
20 5 'Structure model' '_struct_conn.ptnr2_auth_asym_id'          
21 5 'Structure model' '_struct_conn.ptnr2_auth_comp_id'          
22 5 'Structure model' '_struct_conn.ptnr2_auth_seq_id'           
23 5 'Structure model' '_struct_conn.ptnr2_label_asym_id'         
24 5 'Structure model' '_struct_conn.ptnr2_label_atom_id'         
25 5 'Structure model' '_struct_conn.ptnr2_label_comp_id'         
26 5 'Structure model' '_struct_conn.ptnr2_label_seq_id'          
# 
_pdbx_database_status.status_code                     REL 
_pdbx_database_status.status_code_sf                  REL 
_pdbx_database_status.status_code_mr                  ? 
_pdbx_database_status.entry_id                        5VJB 
_pdbx_database_status.recvd_initial_deposition_date   2017-04-19 
_pdbx_database_status.SG_entry                        N 
_pdbx_database_status.deposit_site                    RCSB 
_pdbx_database_status.process_site                    RCSB 
_pdbx_database_status.status_code_cs                  ? 
_pdbx_database_status.methods_development_category    ? 
_pdbx_database_status.pdb_format_compatible           Y 
_pdbx_database_status.status_code_nmr_data            ? 
# 
_pdbx_database_related.content_type   unspecified 
_pdbx_database_related.db_id          5VJ9 
_pdbx_database_related.db_name        PDB 
_pdbx_database_related.details        . 
# 
loop_
_audit_author.name 
_audit_author.pdbx_ordinal 
_audit_author.identifier_ORCID 
'Reiss, C.W.'   1 ? 
'Strobel, S.A.' 2 ? 
# 
_citation.abstract                  ? 
_citation.abstract_id_CAS           ? 
_citation.book_id_ISBN              ? 
_citation.book_publisher            ? 
_citation.book_publisher_city       ? 
_citation.book_title                ? 
_citation.coordinate_linkage        ? 
_citation.country                   UK 
_citation.database_id_Medline       ? 
_citation.details                   ? 
_citation.id                        primary 
_citation.journal_abbrev            RNA 
_citation.journal_id_ASTM           RNARFU 
_citation.journal_id_CSD            2122 
_citation.journal_id_ISSN           1469-9001 
_citation.journal_full              ? 
_citation.journal_issue             ? 
_citation.journal_volume            23 
_citation.language                  ? 
_citation.page_first                1338 
_citation.page_last                 1343 
_citation.title                     'Structural basis for ligand binding to the guanidine-II riboswitch.' 
_citation.year                      2017 
_citation.database_id_CSD           ? 
_citation.pdbx_database_id_DOI      10.1261/rna.061804.117 
_citation.pdbx_database_id_PubMed   28600356 
_citation.unpublished_flag          ? 
# 
loop_
_citation_author.citation_id 
_citation_author.name 
_citation_author.ordinal 
_citation_author.identifier_ORCID 
primary 'Reiss, C.W.'   1 ? 
primary 'Strobel, S.A.' 2 ? 
# 
loop_
_entity.id 
_entity.type 
_entity.src_method 
_entity.pdbx_description 
_entity.formula_weight 
_entity.pdbx_number_of_molecules 
_entity.pdbx_ec 
_entity.pdbx_mutation 
_entity.pdbx_fragment 
_entity.details 
1 polymer     syn 
;RNA (5'-R(*GP*CP*GP*GP*GP*GP*AP*CP*GP*AP*CP*CP*CP*(5BU)P*GP*C)-3')
;
5246.047 4  ? ? ? ? 
2 non-polymer syn GUANIDINE                                                            59.070   4  ? ? ? ? 
3 non-polymer syn SPERMINE                                                             202.340  4  ? ? ? ? 
4 non-polymer syn 'MAGNESIUM ION'                                                      24.305   1  ? ? ? ? 
5 water       nat water                                                                18.015   11 ? ? ? ? 
# 
_entity_poly.entity_id                      1 
_entity_poly.type                           polyribonucleotide 
_entity_poly.nstd_linkage                   no 
_entity_poly.nstd_monomer                   yes 
_entity_poly.pdbx_seq_one_letter_code       'GCGGGGACGACCC(5BU)GC' 
_entity_poly.pdbx_seq_one_letter_code_can   GCGGGGACGACCCUGC 
_entity_poly.pdbx_strand_id                 A,B,C,D 
_entity_poly.pdbx_target_identifier         ? 
# 
loop_
_pdbx_entity_nonpoly.entity_id 
_pdbx_entity_nonpoly.name 
_pdbx_entity_nonpoly.comp_id 
2 GUANIDINE       GAI 
3 SPERMINE        SPM 
4 'MAGNESIUM ION' MG  
5 water           HOH 
# 
loop_
_entity_poly_seq.entity_id 
_entity_poly_seq.num 
_entity_poly_seq.mon_id 
_entity_poly_seq.hetero 
1 1  G   n 
1 2  C   n 
1 3  G   n 
1 4  G   n 
1 5  G   n 
1 6  G   n 
1 7  A   n 
1 8  C   n 
1 9  G   n 
1 10 A   n 
1 11 C   n 
1 12 C   n 
1 13 C   n 
1 14 5BU n 
1 15 G   n 
1 16 C   n 
# 
_pdbx_entity_src_syn.entity_id              1 
_pdbx_entity_src_syn.pdbx_src_id            1 
_pdbx_entity_src_syn.pdbx_alt_source_flag   sample 
_pdbx_entity_src_syn.pdbx_beg_seq_num       1 
_pdbx_entity_src_syn.pdbx_end_seq_num       16 
_pdbx_entity_src_syn.organism_scientific    'Pseudomonas aeruginosa' 
_pdbx_entity_src_syn.organism_common_name   ? 
_pdbx_entity_src_syn.ncbi_taxonomy_id       287 
_pdbx_entity_src_syn.details                ? 
# 
loop_
_chem_comp.id 
_chem_comp.type 
_chem_comp.mon_nstd_flag 
_chem_comp.name 
_chem_comp.pdbx_synonyms 
_chem_comp.formula 
_chem_comp.formula_weight 
5BU 'RNA linking' n "5-BROMO-URIDINE-5'-MONOPHOSPHATE" ? 'C9 H12 Br N2 O9 P' 403.077 
A   'RNA linking' y "ADENOSINE-5'-MONOPHOSPHATE"       ? 'C10 H14 N5 O7 P'   347.221 
C   'RNA linking' y "CYTIDINE-5'-MONOPHOSPHATE"        ? 'C9 H14 N3 O8 P'    323.197 
G   'RNA linking' y "GUANOSINE-5'-MONOPHOSPHATE"       ? 'C10 H14 N5 O8 P'   363.221 
GAI non-polymer   . GUANIDINE                          ? 'C H5 N3'           59.070  
HOH non-polymer   . WATER                              ? 'H2 O'              18.015  
MG  non-polymer   . 'MAGNESIUM ION'                    ? 'Mg 2'              24.305  
SPM non-polymer   . SPERMINE                           ? 'C10 H26 N4'        202.340 
# 
loop_
_pdbx_poly_seq_scheme.asym_id 
_pdbx_poly_seq_scheme.entity_id 
_pdbx_poly_seq_scheme.seq_id 
_pdbx_poly_seq_scheme.mon_id 
_pdbx_poly_seq_scheme.ndb_seq_num 
_pdbx_poly_seq_scheme.pdb_seq_num 
_pdbx_poly_seq_scheme.auth_seq_num 
_pdbx_poly_seq_scheme.pdb_mon_id 
_pdbx_poly_seq_scheme.auth_mon_id 
_pdbx_poly_seq_scheme.pdb_strand_id 
_pdbx_poly_seq_scheme.pdb_ins_code 
_pdbx_poly_seq_scheme.hetero 
A 1 1  G   1  1  1  G   G   A . n 
A 1 2  C   2  2  2  C   C   A . n 
A 1 3  G   3  3  3  G   G   A . n 
A 1 4  G   4  4  4  G   G   A . n 
A 1 5  G   5  5  5  G   G   A . n 
A 1 6  G   6  6  6  G   G   A . n 
A 1 7  A   7  7  7  A   A   A . n 
A 1 8  C   8  8  8  C   C   A . n 
A 1 9  G   9  9  9  G   G   A . n 
A 1 10 A   10 10 10 A   A   A . n 
A 1 11 C   11 11 11 C   C   A . n 
A 1 12 C   12 12 12 C   C   A . n 
A 1 13 C   13 13 13 C   C   A . n 
A 1 14 5BU 14 14 14 5BU 5BU A . n 
A 1 15 G   15 15 15 G   G   A . n 
A 1 16 C   16 16 16 C   C   A . n 
B 1 1  G   1  1  1  G   G   B . n 
B 1 2  C   2  2  2  C   C   B . n 
B 1 3  G   3  3  3  G   G   B . n 
B 1 4  G   4  4  4  G   G   B . n 
B 1 5  G   5  5  5  G   G   B . n 
B 1 6  G   6  6  6  G   G   B . n 
B 1 7  A   7  7  7  A   A   B . n 
B 1 8  C   8  8  8  C   C   B . n 
B 1 9  G   9  9  9  G   G   B . n 
B 1 10 A   10 10 10 A   A   B . n 
B 1 11 C   11 11 11 C   C   B . n 
B 1 12 C   12 12 12 C   C   B . n 
B 1 13 C   13 13 13 C   C   B . n 
B 1 14 5BU 14 14 14 5BU 5BU B . n 
B 1 15 G   15 15 15 G   G   B . n 
B 1 16 C   16 16 16 C   C   B . n 
C 1 1  G   1  1  1  G   G   C . n 
C 1 2  C   2  2  2  C   C   C . n 
C 1 3  G   3  3  3  G   G   C . n 
C 1 4  G   4  4  4  G   G   C . n 
C 1 5  G   5  5  5  G   G   C . n 
C 1 6  G   6  6  6  G   G   C . n 
C 1 7  A   7  7  7  A   A   C . n 
C 1 8  C   8  8  8  C   C   C . n 
C 1 9  G   9  9  9  G   G   C . n 
C 1 10 A   10 10 10 A   A   C . n 
C 1 11 C   11 11 11 C   C   C . n 
C 1 12 C   12 12 12 C   C   C . n 
C 1 13 C   13 13 13 C   C   C . n 
C 1 14 5BU 14 14 14 5BU 5BU C . n 
C 1 15 G   15 15 15 G   G   C . n 
C 1 16 C   16 16 16 C   C   C . n 
D 1 1  G   1  1  1  G   G   D . n 
D 1 2  C   2  2  2  C   C   D . n 
D 1 3  G   3  3  3  G   G   D . n 
D 1 4  G   4  4  4  G   G   D . n 
D 1 5  G   5  5  5  G   G   D . n 
D 1 6  G   6  6  6  G   G   D . n 
D 1 7  A   7  7  7  A   A   D . n 
D 1 8  C   8  8  8  C   C   D . n 
D 1 9  G   9  9  9  G   G   D . n 
D 1 10 A   10 10 10 A   A   D . n 
D 1 11 C   11 11 11 C   C   D . n 
D 1 12 C   12 12 12 C   C   D . n 
D 1 13 C   13 13 13 C   C   D . n 
D 1 14 5BU 14 14 14 5BU 5BU D . n 
D 1 15 G   15 15 15 G   G   D . n 
D 1 16 C   16 16 16 C   C   D . n 
# 
loop_
_pdbx_nonpoly_scheme.asym_id 
_pdbx_nonpoly_scheme.entity_id 
_pdbx_nonpoly_scheme.mon_id 
_pdbx_nonpoly_scheme.ndb_seq_num 
_pdbx_nonpoly_scheme.pdb_seq_num 
_pdbx_nonpoly_scheme.auth_seq_num 
_pdbx_nonpoly_scheme.pdb_mon_id 
_pdbx_nonpoly_scheme.auth_mon_id 
_pdbx_nonpoly_scheme.pdb_strand_id 
_pdbx_nonpoly_scheme.pdb_ins_code 
E 2 GAI 1 101 3  GAI GAI A . 
F 3 SPM 1 102 2  SPM SPM A . 
G 2 GAI 1 101 4  GAI GAI B . 
H 3 SPM 1 102 3  SPM SPM B . 
I 4 MG  1 103 1  MG  MG  B . 
J 2 GAI 1 101 2  GAI GAI C . 
K 3 SPM 1 102 4  SPM SPM C . 
L 2 GAI 1 101 1  GAI GAI D . 
M 3 SPM 1 102 1  SPM SPM D . 
N 5 HOH 1 201 1  HOH HOH A . 
N 5 HOH 2 202 6  HOH HOH A . 
O 5 HOH 1 201 8  HOH HOH B . 
O 5 HOH 2 202 7  HOH HOH B . 
O 5 HOH 3 203 10 HOH HOH B . 
O 5 HOH 4 204 11 HOH HOH B . 
O 5 HOH 5 205 9  HOH HOH B . 
P 5 HOH 1 201 4  HOH HOH C . 
Q 5 HOH 1 201 2  HOH HOH D . 
Q 5 HOH 2 202 3  HOH HOH D . 
Q 5 HOH 3 203 5  HOH HOH D . 
# 
loop_
_software.citation_id 
_software.classification 
_software.compiler_name 
_software.compiler_version 
_software.contact_author 
_software.contact_author_email 
_software.date 
_software.description 
_software.dependencies 
_software.hardware 
_software.language 
_software.location 
_software.mods 
_software.name 
_software.os 
_software.os_version 
_software.type 
_software.version 
_software.pdbx_ordinal 
? refinement        ? ? ? ? ? ? ? ? ? ? ? REFMAC      ? ? ? 5.8.0158 1 
? 'data scaling'    ? ? ? ? ? ? ? ? ? ? ? SCALEPACK   ? ? ? .        2 
? phasing           ? ? ? ? ? ? ? ? ? ? ? SHELXDE     ? ? ? .        3 
? 'data extraction' ? ? ? ? ? ? ? ? ? ? ? PDB_EXTRACT ? ? ? 3.22     4 
? 'model building'  ? ? ? ? ? ? ? ? ? ? ? Coot        ? ? ? .        5 
? 'data reduction'  ? ? ? ? ? ? ? ? ? ? ? HKL-2000    ? ? ? .        6 
# 
_cell.angle_alpha                  90.000 
_cell.angle_alpha_esd              ? 
_cell.angle_beta                   90.000 
_cell.angle_beta_esd               ? 
_cell.angle_gamma                  90.000 
_cell.angle_gamma_esd              ? 
_cell.entry_id                     5VJB 
_cell.details                      ? 
_cell.formula_units_Z              ? 
_cell.length_a                     50.234 
_cell.length_a_esd                 ? 
_cell.length_b                     60.540 
_cell.length_b_esd                 ? 
_cell.length_c                     71.914 
_cell.length_c_esd                 ? 
_cell.volume                       ? 
_cell.volume_esd                   ? 
_cell.Z_PDB                        16 
_cell.reciprocal_angle_alpha       ? 
_cell.reciprocal_angle_beta        ? 
_cell.reciprocal_angle_gamma       ? 
_cell.reciprocal_angle_alpha_esd   ? 
_cell.reciprocal_angle_beta_esd    ? 
_cell.reciprocal_angle_gamma_esd   ? 
_cell.reciprocal_length_a          ? 
_cell.reciprocal_length_b          ? 
_cell.reciprocal_length_c          ? 
_cell.reciprocal_length_a_esd      ? 
_cell.reciprocal_length_b_esd      ? 
_cell.reciprocal_length_c_esd      ? 
_cell.pdbx_unique_axis             ? 
# 
_symmetry.entry_id                         5VJB 
_symmetry.cell_setting                     ? 
_symmetry.Int_Tables_number                19 
_symmetry.space_group_name_Hall            ? 
_symmetry.space_group_name_H-M             'P 21 21 21' 
_symmetry.pdbx_full_space_group_name_H-M   ? 
# 
_exptl.absorpt_coefficient_mu     ? 
_exptl.absorpt_correction_T_max   ? 
_exptl.absorpt_correction_T_min   ? 
_exptl.absorpt_correction_type    ? 
_exptl.absorpt_process_details    ? 
_exptl.entry_id                   5VJB 
_exptl.crystals_number            1 
_exptl.details                    ? 
_exptl.method                     'X-RAY DIFFRACTION' 
_exptl.method_details             ? 
# 
_exptl_crystal.colour                      ? 
_exptl_crystal.density_diffrn              ? 
_exptl_crystal.density_Matthews            2.61 
_exptl_crystal.density_method              ? 
_exptl_crystal.density_percent_sol         52.79 
_exptl_crystal.description                 ? 
_exptl_crystal.F_000                       ? 
_exptl_crystal.id                          1 
_exptl_crystal.preparation                 ? 
_exptl_crystal.size_max                    ? 
_exptl_crystal.size_mid                    ? 
_exptl_crystal.size_min                    ? 
_exptl_crystal.size_rad                    ? 
_exptl_crystal.colour_lustre               ? 
_exptl_crystal.colour_modifier             ? 
_exptl_crystal.colour_primary              ? 
_exptl_crystal.density_meas                ? 
_exptl_crystal.density_meas_esd            ? 
_exptl_crystal.density_meas_gt             ? 
_exptl_crystal.density_meas_lt             ? 
_exptl_crystal.density_meas_temp           ? 
_exptl_crystal.density_meas_temp_esd       ? 
_exptl_crystal.density_meas_temp_gt        ? 
_exptl_crystal.density_meas_temp_lt        ? 
_exptl_crystal.pdbx_crystal_image_url      ? 
_exptl_crystal.pdbx_crystal_image_format   ? 
_exptl_crystal.pdbx_mosaicity              ? 
_exptl_crystal.pdbx_mosaicity_esd          ? 
# 
_exptl_crystal_grow.apparatus       ? 
_exptl_crystal_grow.atmosphere      ? 
_exptl_crystal_grow.crystal_id      1 
_exptl_crystal_grow.details         ? 
_exptl_crystal_grow.method          MICROBATCH 
_exptl_crystal_grow.method_ref      ? 
_exptl_crystal_grow.pH              5.6 
_exptl_crystal_grow.pressure        ? 
_exptl_crystal_grow.pressure_esd    ? 
_exptl_crystal_grow.seeding         ? 
_exptl_crystal_grow.seeding_ref     ? 
_exptl_crystal_grow.temp            296.15 
_exptl_crystal_grow.temp_details    ? 
_exptl_crystal_grow.temp_esd        ? 
_exptl_crystal_grow.time            ? 
_exptl_crystal_grow.pdbx_details    
;1:1 ratio of 200uM RNA in crystallization buffer (10 mM MgCl2, 10 mM KCl, 10 mM HEPES-KOH, pH 7.5, and 40 mM guanidine) and crystallization reagent (45% MPD, 50 mM MES, pH 5.6, 4 mM NaCl, 40 mM KCl, and 12 mM spermine)
;
_exptl_crystal_grow.pdbx_pH_range   ? 
# 
_diffrn.ambient_environment    ? 
_diffrn.ambient_temp           100 
_diffrn.ambient_temp_details   ? 
_diffrn.ambient_temp_esd       ? 
_diffrn.crystal_id             1 
_diffrn.crystal_support        ? 
_diffrn.crystal_treatment      ? 
_diffrn.details                ? 
_diffrn.id                     1 
_diffrn.ambient_pressure       ? 
_diffrn.ambient_pressure_esd   ? 
_diffrn.ambient_pressure_gt    ? 
_diffrn.ambient_pressure_lt    ? 
_diffrn.ambient_temp_gt        ? 
_diffrn.ambient_temp_lt        ? 
# 
_diffrn_detector.details                      ? 
_diffrn_detector.detector                     PIXEL 
_diffrn_detector.diffrn_id                    1 
_diffrn_detector.type                         'DECTRIS PILATUS 6M-F' 
_diffrn_detector.area_resol_mean              ? 
_diffrn_detector.dtime                        ? 
_diffrn_detector.pdbx_frames_total            ? 
_diffrn_detector.pdbx_collection_time_total   ? 
_diffrn_detector.pdbx_collection_date         2017-04-07 
# 
_diffrn_radiation.collimation                      ? 
_diffrn_radiation.diffrn_id                        1 
_diffrn_radiation.filter_edge                      ? 
_diffrn_radiation.inhomogeneity                    ? 
_diffrn_radiation.monochromator                    ? 
_diffrn_radiation.polarisn_norm                    ? 
_diffrn_radiation.polarisn_ratio                   ? 
_diffrn_radiation.probe                            ? 
_diffrn_radiation.type                             ? 
_diffrn_radiation.xray_symbol                      ? 
_diffrn_radiation.wavelength_id                    1 
_diffrn_radiation.pdbx_monochromatic_or_laue_m_l   M 
_diffrn_radiation.pdbx_wavelength_list             ? 
_diffrn_radiation.pdbx_wavelength                  ? 
_diffrn_radiation.pdbx_diffrn_protocol             'SINGLE WAVELENGTH' 
_diffrn_radiation.pdbx_analyzer                    ? 
_diffrn_radiation.pdbx_scattering_type             x-ray 
# 
_diffrn_radiation_wavelength.id           1 
_diffrn_radiation_wavelength.wavelength   0.919300 
_diffrn_radiation_wavelength.wt           1.0 
# 
_diffrn_source.current                     ? 
_diffrn_source.details                     ? 
_diffrn_source.diffrn_id                   1 
_diffrn_source.power                       ? 
_diffrn_source.size                        ? 
_diffrn_source.source                      SYNCHROTRON 
_diffrn_source.target                      ? 
_diffrn_source.type                        'APS BEAMLINE 24-ID-C' 
_diffrn_source.voltage                     ? 
_diffrn_source.take-off_angle              ? 
_diffrn_source.pdbx_wavelength_list        0.919300 
_diffrn_source.pdbx_wavelength             ? 
_diffrn_source.pdbx_synchrotron_beamline   24-ID-C 
_diffrn_source.pdbx_synchrotron_site       APS 
# 
_reflns.B_iso_Wilson_estimate            ? 
_reflns.entry_id                         5VJB 
_reflns.data_reduction_details           ? 
_reflns.data_reduction_method            ? 
_reflns.d_resolution_high                2.100 
_reflns.d_resolution_low                 40.000 
_reflns.details                          ? 
_reflns.limit_h_max                      ? 
_reflns.limit_h_min                      ? 
_reflns.limit_k_max                      ? 
_reflns.limit_k_min                      ? 
_reflns.limit_l_max                      ? 
_reflns.limit_l_min                      ? 
_reflns.number_all                       ? 
_reflns.number_obs                       25445 
_reflns.observed_criterion               ? 
_reflns.observed_criterion_F_max         ? 
_reflns.observed_criterion_F_min         ? 
_reflns.observed_criterion_I_max         ? 
_reflns.observed_criterion_I_min         ? 
_reflns.observed_criterion_sigma_F       ? 
_reflns.observed_criterion_sigma_I       ? 
_reflns.percent_possible_obs             99.900 
_reflns.R_free_details                   ? 
_reflns.Rmerge_F_all                     ? 
_reflns.Rmerge_F_obs                     ? 
_reflns.Friedel_coverage                 ? 
_reflns.number_gt                        ? 
_reflns.threshold_expression             ? 
_reflns.pdbx_redundancy                  6.800 
_reflns.pdbx_Rmerge_I_obs                0.068 
_reflns.pdbx_Rmerge_I_all                ? 
_reflns.pdbx_Rsym_value                  ? 
_reflns.pdbx_netI_over_av_sigmaI         ? 
_reflns.pdbx_netI_over_sigmaI            6.800 
_reflns.pdbx_res_netI_over_av_sigmaI_2   ? 
_reflns.pdbx_res_netI_over_sigmaI_2      ? 
_reflns.pdbx_chi_squared                 1.027 
_reflns.pdbx_scaling_rejects             ? 
_reflns.pdbx_d_res_high_opt              ? 
_reflns.pdbx_d_res_low_opt               ? 
_reflns.pdbx_d_res_opt_method            ? 
_reflns.phase_calculation_details        ? 
_reflns.pdbx_Rrim_I_all                  0.073 
_reflns.pdbx_Rpim_I_all                  0.028 
_reflns.pdbx_d_opt                       ? 
_reflns.pdbx_number_measured_all         ? 
_reflns.pdbx_diffrn_id                   1 
_reflns.pdbx_ordinal                     1 
_reflns.pdbx_CC_half                     ? 
_reflns.pdbx_R_split                     ? 
# 
loop_
_reflns_shell.d_res_high 
_reflns_shell.d_res_low 
_reflns_shell.meanI_over_sigI_all 
_reflns_shell.meanI_over_sigI_obs 
_reflns_shell.number_measured_all 
_reflns_shell.number_measured_obs 
_reflns_shell.number_possible 
_reflns_shell.number_unique_all 
_reflns_shell.number_unique_obs 
_reflns_shell.percent_possible_all 
_reflns_shell.percent_possible_obs 
_reflns_shell.Rmerge_F_all 
_reflns_shell.Rmerge_F_obs 
_reflns_shell.Rmerge_I_all 
_reflns_shell.Rmerge_I_obs 
_reflns_shell.meanI_over_sigI_gt 
_reflns_shell.meanI_over_uI_all 
_reflns_shell.meanI_over_uI_gt 
_reflns_shell.number_measured_gt 
_reflns_shell.number_unique_gt 
_reflns_shell.percent_possible_gt 
_reflns_shell.Rmerge_F_gt 
_reflns_shell.Rmerge_I_gt 
_reflns_shell.pdbx_redundancy 
_reflns_shell.pdbx_Rsym_value 
_reflns_shell.pdbx_chi_squared 
_reflns_shell.pdbx_netI_over_sigmaI_all 
_reflns_shell.pdbx_netI_over_sigmaI_obs 
_reflns_shell.pdbx_Rrim_I_all 
_reflns_shell.pdbx_Rpim_I_all 
_reflns_shell.pdbx_rejects 
_reflns_shell.pdbx_ordinal 
_reflns_shell.pdbx_diffrn_id 
_reflns_shell.pdbx_CC_half 
_reflns_shell.pdbx_R_split 
2.100 2.140  ? ? ? ? ? ? ? 100.000 ? ? ? ? 1.058 ? ? ? ? ? ? ? ? 7.000 ? 0.820 ? ? 1.142 0.427 ? 1  1 0.552 ? 
2.140 2.180  ? ? ? ? ? ? ? 100.000 ? ? ? ? 0.948 ? ? ? ? ? ? ? ? 6.900 ? 0.863 ? ? 1.024 0.384 ? 2  1 0.627 ? 
2.180 2.220  ? ? ? ? ? ? ? 100.000 ? ? ? ? 0.916 ? ? ? ? ? ? ? ? 6.900 ? 0.858 ? ? 0.990 0.374 ? 3  1 0.637 ? 
2.220 2.260  ? ? ? ? ? ? ? 100.000 ? ? ? ? 0.681 ? ? ? ? ? ? ? ? 6.800 ? 0.870 ? ? 0.737 0.280 ? 4  1 0.793 ? 
2.260 2.310  ? ? ? ? ? ? ? 100.000 ? ? ? ? 0.568 ? ? ? ? ? ? ? ? 6.800 ? 0.894 ? ? 0.615 0.233 ? 5  1 0.848 ? 
2.310 2.370  ? ? ? ? ? ? ? 100.000 ? ? ? ? 0.474 ? ? ? ? ? ? ? ? 6.800 ? 0.896 ? ? 0.513 0.195 ? 6  1 0.891 ? 
2.370 2.420  ? ? ? ? ? ? ? 99.900  ? ? ? ? 0.404 ? ? ? ? ? ? ? ? 6.500 ? 0.938 ? ? 0.439 0.171 ? 7  1 0.907 ? 
2.420 2.490  ? ? ? ? ? ? ? 99.800  ? ? ? ? 0.329 ? ? ? ? ? ? ? ? 6.100 ? 0.919 ? ? 0.360 0.145 ? 8  1 0.944 ? 
2.490 2.560  ? ? ? ? ? ? ? 99.900  ? ? ? ? 0.286 ? ? ? ? ? ? ? ? 6.400 ? 0.910 ? ? 0.311 0.123 ? 9  1 0.956 ? 
2.560 2.650  ? ? ? ? ? ? ? 99.900  ? ? ? ? 0.241 ? ? ? ? ? ? ? ? 7.100 ? 0.961 ? ? 0.260 0.097 ? 10 1 0.971 ? 
2.650 2.740  ? ? ? ? ? ? ? 99.900  ? ? ? ? 0.190 ? ? ? ? ? ? ? ? 7.100 ? 0.940 ? ? 0.205 0.077 ? 11 1 0.984 ? 
2.740 2.850  ? ? ? ? ? ? ? 99.900  ? ? ? ? 0.129 ? ? ? ? ? ? ? ? 7.000 ? 1.005 ? ? 0.139 0.053 ? 12 1 0.993 ? 
2.850 2.980  ? ? ? ? ? ? ? 99.900  ? ? ? ? 0.101 ? ? ? ? ? ? ? ? 6.900 ? 1.119 ? ? 0.109 0.041 ? 13 1 0.997 ? 
2.980 3.140  ? ? ? ? ? ? ? 100.000 ? ? ? ? 0.077 ? ? ? ? ? ? ? ? 6.600 ? 1.165 ? ? 0.084 0.032 ? 14 1 0.998 ? 
3.140 3.330  ? ? ? ? ? ? ? 99.700  ? ? ? ? 0.061 ? ? ? ? ? ? ? ? 6.100 ? 1.307 ? ? 0.067 0.026 ? 15 1 0.999 ? 
3.330 3.590  ? ? ? ? ? ? ? 100.000 ? ? ? ? 0.056 ? ? ? ? ? ? ? ? 7.300 ? 1.319 ? ? 0.061 0.023 ? 16 1 0.998 ? 
3.590 3.950  ? ? ? ? ? ? ? 99.900  ? ? ? ? 0.048 ? ? ? ? ? ? ? ? 7.100 ? 1.257 ? ? 0.052 0.019 ? 17 1 0.999 ? 
3.950 4.520  ? ? ? ? ? ? ? 100.000 ? ? ? ? 0.043 ? ? ? ? ? ? ? ? 6.900 ? 1.167 ? ? 0.047 0.018 ? 18 1 0.998 ? 
4.520 5.700  ? ? ? ? ? ? ? 99.800  ? ? ? ? 0.037 ? ? ? ? ? ? ? ? 6.600 ? 1.114 ? ? 0.040 0.015 ? 19 1 0.999 ? 
5.700 40.000 ? ? ? ? ? ? ? 99.800  ? ? ? ? 0.040 ? ? ? ? ? ? ? ? 6.900 ? 1.203 ? ? 0.043 0.017 ? 20 1 0.998 ? 
# 
_refine.aniso_B[1][1]                            1.0200 
_refine.aniso_B[1][2]                            0.0000 
_refine.aniso_B[1][3]                            0.0000 
_refine.aniso_B[2][2]                            -1.3800 
_refine.aniso_B[2][3]                            0.0000 
_refine.aniso_B[3][3]                            0.3600 
_refine.B_iso_max                                102.460 
_refine.B_iso_mean                               40.5340 
_refine.B_iso_min                                29.510 
_refine.correlation_coeff_Fo_to_Fc               0.9630 
_refine.correlation_coeff_Fo_to_Fc_free          0.9710 
_refine.details                                  
'HYDROGENS HAVE BEEN ADDED IN THE RIDING POSITIONS U VALUES      : REFINED INDIVIDUALLY' 
_refine.diff_density_max                         ? 
_refine.diff_density_max_esd                     ? 
_refine.diff_density_min                         ? 
_refine.diff_density_min_esd                     ? 
_refine.diff_density_rms                         ? 
_refine.diff_density_rms_esd                     ? 
_refine.entry_id                                 5VJB 
_refine.pdbx_refine_id                           'X-RAY DIFFRACTION' 
_refine.ls_abs_structure_details                 ? 
_refine.ls_abs_structure_Flack                   ? 
_refine.ls_abs_structure_Flack_esd               ? 
_refine.ls_abs_structure_Rogers                  ? 
_refine.ls_abs_structure_Rogers_esd              ? 
_refine.ls_d_res_high                            2.1 
_refine.ls_d_res_low                             40 
_refine.ls_extinction_coef                       ? 
_refine.ls_extinction_coef_esd                   ? 
_refine.ls_extinction_expression                 ? 
_refine.ls_extinction_method                     ? 
_refine.ls_goodness_of_fit_all                   ? 
_refine.ls_goodness_of_fit_all_esd               ? 
_refine.ls_goodness_of_fit_obs                   ? 
_refine.ls_goodness_of_fit_obs_esd               ? 
_refine.ls_hydrogen_treatment                    ? 
_refine.ls_matrix_type                           ? 
_refine.ls_number_constraints                    ? 
_refine.ls_number_parameters                     ? 
_refine.ls_number_reflns_all                     ? 
_refine.ls_number_reflns_obs                     13040 
_refine.ls_number_reflns_R_free                  634 
_refine.ls_number_reflns_R_work                  ? 
_refine.ls_number_restraints                     ? 
_refine.ls_percent_reflns_obs                    98.3000 
_refine.ls_percent_reflns_R_free                 4.6000 
_refine.ls_R_factor_all                          ? 
_refine.ls_R_factor_obs                          0.2167 
_refine.ls_R_factor_R_free                       0.2383 
_refine.ls_R_factor_R_free_error                 ? 
_refine.ls_R_factor_R_free_error_details         ? 
_refine.ls_R_factor_R_work                       0.2156 
_refine.ls_R_Fsqd_factor_obs                     ? 
_refine.ls_R_I_factor_obs                        ? 
_refine.ls_redundancy_reflns_all                 ? 
_refine.ls_redundancy_reflns_obs                 ? 
_refine.ls_restrained_S_all                      ? 
_refine.ls_restrained_S_obs                      ? 
_refine.ls_shift_over_esd_max                    ? 
_refine.ls_shift_over_esd_mean                   ? 
_refine.ls_structure_factor_coef                 ? 
_refine.ls_weighting_details                     ? 
_refine.ls_weighting_scheme                      ? 
_refine.ls_wR_factor_all                         ? 
_refine.ls_wR_factor_obs                         ? 
_refine.ls_wR_factor_R_free                      ? 
_refine.ls_wR_factor_R_work                      ? 
_refine.occupancy_max                            ? 
_refine.occupancy_min                            ? 
_refine.solvent_model_details                    ? 
_refine.solvent_model_param_bsol                 ? 
_refine.solvent_model_param_ksol                 ? 
_refine.ls_R_factor_gt                           ? 
_refine.ls_goodness_of_fit_gt                    ? 
_refine.ls_goodness_of_fit_ref                   ? 
_refine.ls_shift_over_su_max                     ? 
_refine.ls_shift_over_su_max_lt                  ? 
_refine.ls_shift_over_su_mean                    ? 
_refine.ls_shift_over_su_mean_lt                 ? 
_refine.pdbx_ls_sigma_I                          ? 
_refine.pdbx_ls_sigma_F                          0.000 
_refine.pdbx_ls_sigma_Fsqd                       ? 
_refine.pdbx_data_cutoff_high_absF               ? 
_refine.pdbx_data_cutoff_high_rms_absF           ? 
_refine.pdbx_data_cutoff_low_absF                ? 
_refine.pdbx_isotropic_thermal_model             ? 
_refine.pdbx_ls_cross_valid_method               THROUGHOUT 
_refine.pdbx_method_to_determine_struct          SAD 
_refine.pdbx_starting_model                      ? 
_refine.pdbx_stereochemistry_target_values       ? 
_refine.pdbx_R_Free_selection_details            RANDOM 
_refine.pdbx_stereochem_target_val_spec_case     ? 
_refine.pdbx_overall_ESU_R                       0.2050 
_refine.pdbx_overall_ESU_R_Free                  0.1680 
_refine.pdbx_solvent_vdw_probe_radii             1.2000 
_refine.pdbx_solvent_ion_probe_radii             0.8000 
_refine.pdbx_solvent_shrinkage_radii             0.8000 
_refine.pdbx_real_space_R                        ? 
_refine.pdbx_density_correlation                 ? 
_refine.pdbx_pd_number_of_powder_patterns        ? 
_refine.pdbx_pd_number_of_points                 ? 
_refine.pdbx_pd_meas_number_of_points            ? 
_refine.pdbx_pd_proc_ls_prof_R_factor            ? 
_refine.pdbx_pd_proc_ls_prof_wR_factor           ? 
_refine.pdbx_pd_Marquardt_correlation_coeff      ? 
_refine.pdbx_pd_Fsqrd_R_factor                   ? 
_refine.pdbx_pd_ls_matrix_band_width             ? 
_refine.pdbx_overall_phase_error                 ? 
_refine.pdbx_overall_SU_R_free_Cruickshank_DPI   ? 
_refine.pdbx_overall_SU_R_free_Blow_DPI          ? 
_refine.pdbx_overall_SU_R_Blow_DPI               ? 
_refine.pdbx_TLS_residual_ADP_flag               ? 
_refine.pdbx_diffrn_id                           1 
_refine.overall_SU_B                             4.8440 
_refine.overall_SU_ML                            0.1270 
_refine.overall_SU_R_Cruickshank_DPI             0.2048 
_refine.overall_SU_R_free                        ? 
_refine.overall_FOM_free_R_set                   ? 
_refine.overall_FOM_work_R_set                   ? 
_refine.pdbx_average_fsc_overall                 ? 
_refine.pdbx_average_fsc_work                    ? 
_refine.pdbx_average_fsc_free                    ? 
# 
_refine_hist.cycle_id                         final 
_refine_hist.pdbx_refine_id                   'X-RAY DIFFRACTION' 
_refine_hist.d_res_high                       2.1 
_refine_hist.d_res_low                        40 
_refine_hist.pdbx_number_atoms_ligand         73 
_refine_hist.number_atoms_solvent             11 
_refine_hist.number_atoms_total               1456 
_refine_hist.pdbx_number_residues_total       64 
_refine_hist.pdbx_B_iso_mean_ligand           60.01 
_refine_hist.pdbx_B_iso_mean_solvent          36.09 
_refine_hist.pdbx_number_atoms_protein        0 
_refine_hist.pdbx_number_atoms_nucleic_acid   1372 
# 
loop_
_refine_ls_restr.pdbx_refine_id 
_refine_ls_restr.criterion 
_refine_ls_restr.dev_ideal 
_refine_ls_restr.dev_ideal_target 
_refine_ls_restr.number 
_refine_ls_restr.rejects 
_refine_ls_restr.type 
_refine_ls_restr.weight 
_refine_ls_restr.pdbx_restraint_function 
'X-RAY DIFFRACTION' ? 0.012 0.012 1601 ? r_bond_refined_d     ? ? 
'X-RAY DIFFRACTION' ? 0.008 0.020 761  ? r_bond_other_d       ? ? 
'X-RAY DIFFRACTION' ? 1.995 1.393 2458 ? r_angle_refined_deg  ? ? 
'X-RAY DIFFRACTION' ? 1.775 3.000 1797 ? r_angle_other_deg    ? ? 
'X-RAY DIFFRACTION' ? 0.106 0.200 256  ? r_chiral_restr       ? ? 
'X-RAY DIFFRACTION' ? 0.017 0.020 824  ? r_gen_planes_refined ? ? 
'X-RAY DIFFRACTION' ? 0.003 0.020 396  ? r_gen_planes_other   ? ? 
# 
_refine_ls_shell.pdbx_refine_id                   'X-RAY DIFFRACTION' 
_refine_ls_shell.d_res_high                       2.0700 
_refine_ls_shell.d_res_low                        2.1240 
_refine_ls_shell.number_reflns_all                793 
_refine_ls_shell.number_reflns_obs                ? 
_refine_ls_shell.number_reflns_R_free             36 
_refine_ls_shell.number_reflns_R_work             757 
_refine_ls_shell.percent_reflns_obs               78.0500 
_refine_ls_shell.percent_reflns_R_free            ? 
_refine_ls_shell.R_factor_all                     ? 
_refine_ls_shell.R_factor_obs                     ? 
_refine_ls_shell.R_factor_R_free                  0.3910 
_refine_ls_shell.R_factor_R_free_error            0.0000 
_refine_ls_shell.R_factor_R_work                  0.3160 
_refine_ls_shell.redundancy_reflns_all            ? 
_refine_ls_shell.redundancy_reflns_obs            ? 
_refine_ls_shell.wR_factor_all                    ? 
_refine_ls_shell.wR_factor_obs                    ? 
_refine_ls_shell.wR_factor_R_free                 ? 
_refine_ls_shell.wR_factor_R_work                 ? 
_refine_ls_shell.pdbx_total_number_of_bins_used   20 
_refine_ls_shell.pdbx_phase_error                 ? 
_refine_ls_shell.pdbx_fsc_work                    ? 
_refine_ls_shell.pdbx_fsc_free                    ? 
# 
_struct.entry_id                     5VJB 
_struct.title                        
'Guanidine-II riboswitch P2 hairpin dimer with 5-bromoU substitution from Pseudomonas aeruginosa' 
_struct.pdbx_model_details           ? 
_struct.pdbx_formula_weight          ? 
_struct.pdbx_formula_weight_method   ? 
_struct.pdbx_model_type_details      ? 
_struct.pdbx_CASP_flag               N 
# 
_struct_keywords.entry_id        5VJB 
_struct_keywords.text            'guanidine, riboswitch, kissing loop, hairpin, RNA' 
_struct_keywords.pdbx_keywords   RNA 
# 
loop_
_struct_asym.id 
_struct_asym.pdbx_blank_PDB_chainid_flag 
_struct_asym.pdbx_modified 
_struct_asym.entity_id 
_struct_asym.details 
A N N 1 ? 
B N N 1 ? 
C N N 1 ? 
D N N 1 ? 
E N N 2 ? 
F N N 3 ? 
G N N 2 ? 
H N N 3 ? 
I N N 4 ? 
J N N 2 ? 
K N N 3 ? 
L N N 2 ? 
M N N 3 ? 
N N N 5 ? 
O N N 5 ? 
P N N 5 ? 
Q N N 5 ? 
# 
_struct_ref.id                         1 
_struct_ref.db_name                    PDB 
_struct_ref.db_code                    5VJB 
_struct_ref.pdbx_db_accession          5VJB 
_struct_ref.pdbx_db_isoform            ? 
_struct_ref.entity_id                  1 
_struct_ref.pdbx_seq_one_letter_code   ? 
_struct_ref.pdbx_align_begin           1 
# 
loop_
_struct_ref_seq.align_id 
_struct_ref_seq.ref_id 
_struct_ref_seq.pdbx_PDB_id_code 
_struct_ref_seq.pdbx_strand_id 
_struct_ref_seq.seq_align_beg 
_struct_ref_seq.pdbx_seq_align_beg_ins_code 
_struct_ref_seq.seq_align_end 
_struct_ref_seq.pdbx_seq_align_end_ins_code 
_struct_ref_seq.pdbx_db_accession 
_struct_ref_seq.db_align_beg 
_struct_ref_seq.pdbx_db_align_beg_ins_code 
_struct_ref_seq.db_align_end 
_struct_ref_seq.pdbx_db_align_end_ins_code 
_struct_ref_seq.pdbx_auth_seq_align_beg 
_struct_ref_seq.pdbx_auth_seq_align_end 
1 1 5VJB A 1 ? 16 ? 5VJB 1 ? 16 ? 1 16 
2 1 5VJB B 1 ? 16 ? 5VJB 1 ? 16 ? 1 16 
3 1 5VJB C 1 ? 16 ? 5VJB 1 ? 16 ? 1 16 
4 1 5VJB D 1 ? 16 ? 5VJB 1 ? 16 ? 1 16 
# 
loop_
_pdbx_struct_assembly.id 
_pdbx_struct_assembly.details 
_pdbx_struct_assembly.method_details 
_pdbx_struct_assembly.oligomeric_details 
_pdbx_struct_assembly.oligomeric_count 
1 author_defined_assembly ? dimeric 2 
2 author_defined_assembly ? dimeric 2 
# 
loop_
_pdbx_struct_assembly_gen.assembly_id 
_pdbx_struct_assembly_gen.oper_expression 
_pdbx_struct_assembly_gen.asym_id_list 
1 1 A,B,E,F,G,H,I,N,O 
2 1 C,D,J,K,L,M,P,Q   
# 
_pdbx_struct_assembly_auth_evidence.id                     1 
_pdbx_struct_assembly_auth_evidence.assembly_id            1 
_pdbx_struct_assembly_auth_evidence.experimental_support   none 
_pdbx_struct_assembly_auth_evidence.details                ? 
# 
_pdbx_struct_oper_list.id                   1 
_pdbx_struct_oper_list.type                 'identity operation' 
_pdbx_struct_oper_list.name                 1_555 
_pdbx_struct_oper_list.symmetry_operation   x,y,z 
_pdbx_struct_oper_list.matrix[1][1]         1.0000000000 
_pdbx_struct_oper_list.matrix[1][2]         0.0000000000 
_pdbx_struct_oper_list.matrix[1][3]         0.0000000000 
_pdbx_struct_oper_list.vector[1]            0.0000000000 
_pdbx_struct_oper_list.matrix[2][1]         0.0000000000 
_pdbx_struct_oper_list.matrix[2][2]         1.0000000000 
_pdbx_struct_oper_list.matrix[2][3]         0.0000000000 
_pdbx_struct_oper_list.vector[2]            0.0000000000 
_pdbx_struct_oper_list.matrix[3][1]         0.0000000000 
_pdbx_struct_oper_list.matrix[3][2]         0.0000000000 
_pdbx_struct_oper_list.matrix[3][3]         1.0000000000 
_pdbx_struct_oper_list.vector[3]            0.0000000000 
# 
loop_
_struct_conn.id 
_struct_conn.conn_type_id 
_struct_conn.pdbx_leaving_atom_flag 
_struct_conn.pdbx_PDB_id 
_struct_conn.ptnr1_label_asym_id 
_struct_conn.ptnr1_label_comp_id 
_struct_conn.ptnr1_label_seq_id 
_struct_conn.ptnr1_label_atom_id 
_struct_conn.pdbx_ptnr1_label_alt_id 
_struct_conn.pdbx_ptnr1_PDB_ins_code 
_struct_conn.pdbx_ptnr1_standard_comp_id 
_struct_conn.ptnr1_symmetry 
_struct_conn.ptnr2_label_asym_id 
_struct_conn.ptnr2_label_comp_id 
_struct_conn.ptnr2_label_seq_id 
_struct_conn.ptnr2_label_atom_id 
_struct_conn.pdbx_ptnr2_label_alt_id 
_struct_conn.pdbx_ptnr2_PDB_ins_code 
_struct_conn.ptnr1_auth_asym_id 
_struct_conn.ptnr1_auth_comp_id 
_struct_conn.ptnr1_auth_seq_id 
_struct_conn.ptnr2_auth_asym_id 
_struct_conn.ptnr2_auth_comp_id 
_struct_conn.ptnr2_auth_seq_id 
_struct_conn.ptnr2_symmetry 
_struct_conn.pdbx_ptnr3_label_atom_id 
_struct_conn.pdbx_ptnr3_label_seq_id 
_struct_conn.pdbx_ptnr3_label_comp_id 
_struct_conn.pdbx_ptnr3_label_asym_id 
_struct_conn.pdbx_ptnr3_label_alt_id 
_struct_conn.pdbx_ptnr3_PDB_ins_code 
_struct_conn.details 
_struct_conn.pdbx_dist_value 
_struct_conn.pdbx_value_order 
_struct_conn.pdbx_role 
covale1  covale both ? A C   13 "O3'" ? ? ? 1_555 A 5BU 14 P  ? ? A C   13  A 5BU 14  1_555 ? ? ? ? ? ? ?             1.590 ? ? 
covale2  covale both ? A 5BU 14 "O3'" ? ? ? 1_555 A G   15 P  ? ? A 5BU 14  A G   15  1_555 ? ? ? ? ? ? ?             1.624 ? ? 
covale3  covale both ? B C   13 "O3'" ? ? ? 1_555 B 5BU 14 P  ? ? B C   13  B 5BU 14  1_555 ? ? ? ? ? ? ?             1.576 ? ? 
covale4  covale both ? B 5BU 14 "O3'" ? ? ? 1_555 B G   15 P  ? ? B 5BU 14  B G   15  1_555 ? ? ? ? ? ? ?             1.631 ? ? 
covale5  covale both ? C C   13 "O3'" ? ? ? 1_555 C 5BU 14 P  ? ? C C   13  C 5BU 14  1_555 ? ? ? ? ? ? ?             1.579 ? ? 
covale6  covale both ? C 5BU 14 "O3'" ? ? ? 1_555 C G   15 P  ? ? C 5BU 14  C G   15  1_555 ? ? ? ? ? ? ?             1.602 ? ? 
covale7  covale both ? D C   13 "O3'" ? ? ? 1_555 D 5BU 14 P  ? ? D C   13  D 5BU 14  1_555 ? ? ? ? ? ? ?             1.638 ? ? 
covale8  covale both ? D 5BU 14 "O3'" ? ? ? 1_555 D G   15 P  ? ? D 5BU 14  D G   15  1_555 ? ? ? ? ? ? ?             1.624 ? ? 
metalc1  metalc ?    ? B C   8  OP1   ? ? ? 1_555 I MG  .  MG ? ? B C   8   B MG  103 1_555 ? ? ? ? ? ? ?             2.188 ? ? 
metalc2  metalc ?    ? I MG  .  MG    ? ? ? 1_555 O HOH .  O  ? ? B MG  103 B HOH 201 1_555 ? ? ? ? ? ? ?             2.157 ? ? 
metalc3  metalc ?    ? I MG  .  MG    ? ? ? 1_555 O HOH .  O  ? ? B MG  103 B HOH 202 1_555 ? ? ? ? ? ? ?             2.184 ? ? 
metalc4  metalc ?    ? I MG  .  MG    ? ? ? 1_555 O HOH .  O  ? ? B MG  103 B HOH 203 1_555 ? ? ? ? ? ? ?             2.147 ? ? 
metalc5  metalc ?    ? I MG  .  MG    ? ? ? 1_555 O HOH .  O  ? ? B MG  103 B HOH 204 1_555 ? ? ? ? ? ? ?             2.154 ? ? 
metalc6  metalc ?    ? I MG  .  MG    ? ? ? 1_555 O HOH .  O  ? ? B MG  103 B HOH 205 1_555 ? ? ? ? ? ? ?             2.201 ? ? 
hydrog1  hydrog ?    ? A G   1  N1    ? ? ? 1_555 A C   16 N3 ? ? A G   1   A C   16  1_555 ? ? ? ? ? ? WATSON-CRICK  ?     ? ? 
hydrog2  hydrog ?    ? A G   1  N2    ? ? ? 1_555 A C   16 O2 ? ? A G   1   A C   16  1_555 ? ? ? ? ? ? WATSON-CRICK  ?     ? ? 
hydrog3  hydrog ?    ? A G   1  O6    ? ? ? 1_555 A C   16 N4 ? ? A G   1   A C   16  1_555 ? ? ? ? ? ? WATSON-CRICK  ?     ? ? 
hydrog4  hydrog ?    ? A C   2  N3    ? ? ? 1_555 A G   15 N1 ? ? A C   2   A G   15  1_555 ? ? ? ? ? ? WATSON-CRICK  ?     ? ? 
hydrog5  hydrog ?    ? A C   2  N4    ? ? ? 1_555 A G   15 O6 ? ? A C   2   A G   15  1_555 ? ? ? ? ? ? WATSON-CRICK  ?     ? ? 
hydrog6  hydrog ?    ? A C   2  O2    ? ? ? 1_555 A G   15 N2 ? ? A C   2   A G   15  1_555 ? ? ? ? ? ? WATSON-CRICK  ?     ? ? 
hydrog7  hydrog ?    ? A G   3  N1    ? ? ? 1_555 A 5BU 14 O2 ? ? A G   3   A 5BU 14  1_555 ? ? ? ? ? ? TYPE_28_PAIR  ?     ? ? 
hydrog8  hydrog ?    ? A G   3  O6    ? ? ? 1_555 A 5BU 14 N3 ? ? A G   3   A 5BU 14  1_555 ? ? ? ? ? ? TYPE_28_PAIR  ?     ? ? 
hydrog9  hydrog ?    ? A G   4  N1    ? ? ? 1_555 A C   13 N3 ? ? A G   4   A C   13  1_555 ? ? ? ? ? ? WATSON-CRICK  ?     ? ? 
hydrog10 hydrog ?    ? A G   4  N2    ? ? ? 1_555 A C   13 O2 ? ? A G   4   A C   13  1_555 ? ? ? ? ? ? WATSON-CRICK  ?     ? ? 
hydrog11 hydrog ?    ? A G   4  O6    ? ? ? 1_555 A C   13 N4 ? ? A G   4   A C   13  1_555 ? ? ? ? ? ? WATSON-CRICK  ?     ? ? 
hydrog12 hydrog ?    ? A G   5  N1    ? ? ? 1_555 A C   12 N3 ? ? A G   5   A C   12  1_555 ? ? ? ? ? ? WATSON-CRICK  ?     ? ? 
hydrog13 hydrog ?    ? A G   5  N2    ? ? ? 1_555 A C   12 O2 ? ? A G   5   A C   12  1_555 ? ? ? ? ? ? WATSON-CRICK  ?     ? ? 
hydrog14 hydrog ?    ? A G   5  O6    ? ? ? 1_555 A C   12 N4 ? ? A G   5   A C   12  1_555 ? ? ? ? ? ? WATSON-CRICK  ?     ? ? 
hydrog15 hydrog ?    ? A G   6  N1    ? ? ? 1_555 A C   11 N3 ? ? A G   6   A C   11  1_555 ? ? ? ? ? ? WATSON-CRICK  ?     ? ? 
hydrog16 hydrog ?    ? A G   6  N2    ? ? ? 1_555 A C   11 O2 ? ? A G   6   A C   11  1_555 ? ? ? ? ? ? WATSON-CRICK  ?     ? ? 
hydrog17 hydrog ?    ? A G   6  O6    ? ? ? 1_555 A C   11 N4 ? ? A G   6   A C   11  1_555 ? ? ? ? ? ? WATSON-CRICK  ?     ? ? 
hydrog18 hydrog ?    ? A A   7  N6    ? ? ? 1_555 B C   11 O2 ? ? A A   7   B C   11  1_555 ? ? ? ? ? ? 'A-C MISPAIR' ?     ? ? 
hydrog19 hydrog ?    ? A C   8  N3    ? ? ? 1_555 B G   9  N1 ? ? A C   8   B G   9   1_555 ? ? ? ? ? ? WATSON-CRICK  ?     ? ? 
hydrog20 hydrog ?    ? A C   8  N4    ? ? ? 1_555 B G   9  O6 ? ? A C   8   B G   9   1_555 ? ? ? ? ? ? WATSON-CRICK  ?     ? ? 
hydrog21 hydrog ?    ? A C   8  O2    ? ? ? 1_555 B G   9  N2 ? ? A C   8   B G   9   1_555 ? ? ? ? ? ? WATSON-CRICK  ?     ? ? 
hydrog22 hydrog ?    ? A G   9  N1    ? ? ? 1_555 B C   8  N3 ? ? A G   9   B C   8   1_555 ? ? ? ? ? ? WATSON-CRICK  ?     ? ? 
hydrog23 hydrog ?    ? A G   9  N2    ? ? ? 1_555 B C   8  O2 ? ? A G   9   B C   8   1_555 ? ? ? ? ? ? WATSON-CRICK  ?     ? ? 
hydrog24 hydrog ?    ? A G   9  O6    ? ? ? 1_555 B C   8  N4 ? ? A G   9   B C   8   1_555 ? ? ? ? ? ? WATSON-CRICK  ?     ? ? 
hydrog25 hydrog ?    ? A C   11 O2    ? ? ? 1_555 B A   7  N6 ? ? A C   11  B A   7   1_555 ? ? ? ? ? ? 'C-A MISPAIR' ?     ? ? 
hydrog26 hydrog ?    ? B G   1  N1    ? ? ? 1_555 B C   16 N3 ? ? B G   1   B C   16  1_555 ? ? ? ? ? ? WATSON-CRICK  ?     ? ? 
hydrog27 hydrog ?    ? B G   1  N2    ? ? ? 1_555 B C   16 O2 ? ? B G   1   B C   16  1_555 ? ? ? ? ? ? WATSON-CRICK  ?     ? ? 
hydrog28 hydrog ?    ? B G   1  O6    ? ? ? 1_555 B C   16 N4 ? ? B G   1   B C   16  1_555 ? ? ? ? ? ? WATSON-CRICK  ?     ? ? 
hydrog29 hydrog ?    ? B C   2  N3    ? ? ? 1_555 B G   15 N1 ? ? B C   2   B G   15  1_555 ? ? ? ? ? ? WATSON-CRICK  ?     ? ? 
hydrog30 hydrog ?    ? B C   2  N4    ? ? ? 1_555 B G   15 O6 ? ? B C   2   B G   15  1_555 ? ? ? ? ? ? WATSON-CRICK  ?     ? ? 
hydrog31 hydrog ?    ? B C   2  O2    ? ? ? 1_555 B G   15 N2 ? ? B C   2   B G   15  1_555 ? ? ? ? ? ? WATSON-CRICK  ?     ? ? 
hydrog32 hydrog ?    ? B G   3  N1    ? ? ? 1_555 B 5BU 14 O2 ? ? B G   3   B 5BU 14  1_555 ? ? ? ? ? ? TYPE_28_PAIR  ?     ? ? 
hydrog33 hydrog ?    ? B G   3  O6    ? ? ? 1_555 B 5BU 14 N3 ? ? B G   3   B 5BU 14  1_555 ? ? ? ? ? ? TYPE_28_PAIR  ?     ? ? 
hydrog34 hydrog ?    ? B G   4  N1    ? ? ? 1_555 B C   13 N3 ? ? B G   4   B C   13  1_555 ? ? ? ? ? ? WATSON-CRICK  ?     ? ? 
hydrog35 hydrog ?    ? B G   4  N2    ? ? ? 1_555 B C   13 O2 ? ? B G   4   B C   13  1_555 ? ? ? ? ? ? WATSON-CRICK  ?     ? ? 
hydrog36 hydrog ?    ? B G   4  O6    ? ? ? 1_555 B C   13 N4 ? ? B G   4   B C   13  1_555 ? ? ? ? ? ? WATSON-CRICK  ?     ? ? 
hydrog37 hydrog ?    ? B G   5  N1    ? ? ? 1_555 B C   12 N3 ? ? B G   5   B C   12  1_555 ? ? ? ? ? ? WATSON-CRICK  ?     ? ? 
hydrog38 hydrog ?    ? B G   5  N2    ? ? ? 1_555 B C   12 O2 ? ? B G   5   B C   12  1_555 ? ? ? ? ? ? WATSON-CRICK  ?     ? ? 
hydrog39 hydrog ?    ? B G   5  O6    ? ? ? 1_555 B C   12 N4 ? ? B G   5   B C   12  1_555 ? ? ? ? ? ? WATSON-CRICK  ?     ? ? 
hydrog40 hydrog ?    ? B G   6  N1    ? ? ? 1_555 B C   11 N3 ? ? B G   6   B C   11  1_555 ? ? ? ? ? ? WATSON-CRICK  ?     ? ? 
hydrog41 hydrog ?    ? B G   6  N2    ? ? ? 1_555 B C   11 O2 ? ? B G   6   B C   11  1_555 ? ? ? ? ? ? WATSON-CRICK  ?     ? ? 
hydrog42 hydrog ?    ? B G   6  O6    ? ? ? 1_555 B C   11 N4 ? ? B G   6   B C   11  1_555 ? ? ? ? ? ? WATSON-CRICK  ?     ? ? 
hydrog43 hydrog ?    ? C G   1  N1    ? ? ? 1_555 C C   16 N3 ? ? C G   1   C C   16  1_555 ? ? ? ? ? ? WATSON-CRICK  ?     ? ? 
hydrog44 hydrog ?    ? C G   1  N2    ? ? ? 1_555 C C   16 O2 ? ? C G   1   C C   16  1_555 ? ? ? ? ? ? WATSON-CRICK  ?     ? ? 
hydrog45 hydrog ?    ? C G   1  O6    ? ? ? 1_555 C C   16 N4 ? ? C G   1   C C   16  1_555 ? ? ? ? ? ? WATSON-CRICK  ?     ? ? 
hydrog46 hydrog ?    ? C C   2  N3    ? ? ? 1_555 C G   15 N1 ? ? C C   2   C G   15  1_555 ? ? ? ? ? ? WATSON-CRICK  ?     ? ? 
hydrog47 hydrog ?    ? C C   2  N4    ? ? ? 1_555 C G   15 O6 ? ? C C   2   C G   15  1_555 ? ? ? ? ? ? WATSON-CRICK  ?     ? ? 
hydrog48 hydrog ?    ? C C   2  O2    ? ? ? 1_555 C G   15 N2 ? ? C C   2   C G   15  1_555 ? ? ? ? ? ? WATSON-CRICK  ?     ? ? 
hydrog49 hydrog ?    ? C G   3  N1    ? ? ? 1_555 C 5BU 14 O2 ? ? C G   3   C 5BU 14  1_555 ? ? ? ? ? ? TYPE_28_PAIR  ?     ? ? 
hydrog50 hydrog ?    ? C G   3  O6    ? ? ? 1_555 C 5BU 14 N3 ? ? C G   3   C 5BU 14  1_555 ? ? ? ? ? ? TYPE_28_PAIR  ?     ? ? 
hydrog51 hydrog ?    ? C G   4  N1    ? ? ? 1_555 C C   13 N3 ? ? C G   4   C C   13  1_555 ? ? ? ? ? ? WATSON-CRICK  ?     ? ? 
hydrog52 hydrog ?    ? C G   4  N2    ? ? ? 1_555 C C   13 O2 ? ? C G   4   C C   13  1_555 ? ? ? ? ? ? WATSON-CRICK  ?     ? ? 
hydrog53 hydrog ?    ? C G   4  O6    ? ? ? 1_555 C C   13 N4 ? ? C G   4   C C   13  1_555 ? ? ? ? ? ? WATSON-CRICK  ?     ? ? 
hydrog54 hydrog ?    ? C G   5  N1    ? ? ? 1_555 C C   12 N3 ? ? C G   5   C C   12  1_555 ? ? ? ? ? ? WATSON-CRICK  ?     ? ? 
hydrog55 hydrog ?    ? C G   5  N2    ? ? ? 1_555 C C   12 O2 ? ? C G   5   C C   12  1_555 ? ? ? ? ? ? WATSON-CRICK  ?     ? ? 
hydrog56 hydrog ?    ? C G   5  O6    ? ? ? 1_555 C C   12 N4 ? ? C G   5   C C   12  1_555 ? ? ? ? ? ? WATSON-CRICK  ?     ? ? 
hydrog57 hydrog ?    ? C G   6  N1    ? ? ? 1_555 C C   11 N3 ? ? C G   6   C C   11  1_555 ? ? ? ? ? ? WATSON-CRICK  ?     ? ? 
hydrog58 hydrog ?    ? C G   6  N2    ? ? ? 1_555 C C   11 O2 ? ? C G   6   C C   11  1_555 ? ? ? ? ? ? WATSON-CRICK  ?     ? ? 
hydrog59 hydrog ?    ? C G   6  O6    ? ? ? 1_555 C C   11 N4 ? ? C G   6   C C   11  1_555 ? ? ? ? ? ? WATSON-CRICK  ?     ? ? 
hydrog60 hydrog ?    ? C A   7  N6    ? ? ? 1_555 D C   11 O2 ? ? C A   7   D C   11  1_555 ? ? ? ? ? ? 'A-C MISPAIR' ?     ? ? 
hydrog61 hydrog ?    ? C C   8  N3    ? ? ? 1_555 D G   9  N1 ? ? C C   8   D G   9   1_555 ? ? ? ? ? ? WATSON-CRICK  ?     ? ? 
hydrog62 hydrog ?    ? C C   8  N4    ? ? ? 1_555 D G   9  O6 ? ? C C   8   D G   9   1_555 ? ? ? ? ? ? WATSON-CRICK  ?     ? ? 
hydrog63 hydrog ?    ? C C   8  O2    ? ? ? 1_555 D G   9  N2 ? ? C C   8   D G   9   1_555 ? ? ? ? ? ? WATSON-CRICK  ?     ? ? 
hydrog64 hydrog ?    ? C G   9  N1    ? ? ? 1_555 D C   8  N3 ? ? C G   9   D C   8   1_555 ? ? ? ? ? ? WATSON-CRICK  ?     ? ? 
hydrog65 hydrog ?    ? C G   9  N2    ? ? ? 1_555 D C   8  O2 ? ? C G   9   D C   8   1_555 ? ? ? ? ? ? WATSON-CRICK  ?     ? ? 
hydrog66 hydrog ?    ? C G   9  O6    ? ? ? 1_555 D C   8  N4 ? ? C G   9   D C   8   1_555 ? ? ? ? ? ? WATSON-CRICK  ?     ? ? 
hydrog67 hydrog ?    ? C C   11 O2    ? ? ? 1_555 D A   7  N6 ? ? C C   11  D A   7   1_555 ? ? ? ? ? ? 'C-A MISPAIR' ?     ? ? 
hydrog68 hydrog ?    ? D G   1  N1    ? ? ? 1_555 D C   16 N3 ? ? D G   1   D C   16  1_555 ? ? ? ? ? ? WATSON-CRICK  ?     ? ? 
hydrog69 hydrog ?    ? D G   1  N2    ? ? ? 1_555 D C   16 O2 ? ? D G   1   D C   16  1_555 ? ? ? ? ? ? WATSON-CRICK  ?     ? ? 
hydrog70 hydrog ?    ? D G   1  O6    ? ? ? 1_555 D C   16 N4 ? ? D G   1   D C   16  1_555 ? ? ? ? ? ? WATSON-CRICK  ?     ? ? 
hydrog71 hydrog ?    ? D C   2  N3    ? ? ? 1_555 D G   15 N1 ? ? D C   2   D G   15  1_555 ? ? ? ? ? ? WATSON-CRICK  ?     ? ? 
hydrog72 hydrog ?    ? D C   2  N4    ? ? ? 1_555 D G   15 O6 ? ? D C   2   D G   15  1_555 ? ? ? ? ? ? WATSON-CRICK  ?     ? ? 
hydrog73 hydrog ?    ? D C   2  O2    ? ? ? 1_555 D G   15 N2 ? ? D C   2   D G   15  1_555 ? ? ? ? ? ? WATSON-CRICK  ?     ? ? 
hydrog74 hydrog ?    ? D G   3  N1    ? ? ? 1_555 D 5BU 14 O2 ? ? D G   3   D 5BU 14  1_555 ? ? ? ? ? ? TYPE_28_PAIR  ?     ? ? 
hydrog75 hydrog ?    ? D G   3  O6    ? ? ? 1_555 D 5BU 14 N3 ? ? D G   3   D 5BU 14  1_555 ? ? ? ? ? ? TYPE_28_PAIR  ?     ? ? 
hydrog76 hydrog ?    ? D G   4  N1    ? ? ? 1_555 D C   13 N3 ? ? D G   4   D C   13  1_555 ? ? ? ? ? ? WATSON-CRICK  ?     ? ? 
hydrog77 hydrog ?    ? D G   4  N2    ? ? ? 1_555 D C   13 O2 ? ? D G   4   D C   13  1_555 ? ? ? ? ? ? WATSON-CRICK  ?     ? ? 
hydrog78 hydrog ?    ? D G   4  O6    ? ? ? 1_555 D C   13 N4 ? ? D G   4   D C   13  1_555 ? ? ? ? ? ? WATSON-CRICK  ?     ? ? 
hydrog79 hydrog ?    ? D G   5  N1    ? ? ? 1_555 D C   12 N3 ? ? D G   5   D C   12  1_555 ? ? ? ? ? ? WATSON-CRICK  ?     ? ? 
hydrog80 hydrog ?    ? D G   5  N2    ? ? ? 1_555 D C   12 O2 ? ? D G   5   D C   12  1_555 ? ? ? ? ? ? WATSON-CRICK  ?     ? ? 
hydrog81 hydrog ?    ? D G   5  O6    ? ? ? 1_555 D C   12 N4 ? ? D G   5   D C   12  1_555 ? ? ? ? ? ? WATSON-CRICK  ?     ? ? 
hydrog82 hydrog ?    ? D G   6  N1    ? ? ? 1_555 D C   11 N3 ? ? D G   6   D C   11  1_555 ? ? ? ? ? ? WATSON-CRICK  ?     ? ? 
hydrog83 hydrog ?    ? D G   6  N2    ? ? ? 1_555 D C   11 O2 ? ? D G   6   D C   11  1_555 ? ? ? ? ? ? WATSON-CRICK  ?     ? ? 
hydrog84 hydrog ?    ? D G   6  O6    ? ? ? 1_555 D C   11 N4 ? ? D G   6   D C   11  1_555 ? ? ? ? ? ? WATSON-CRICK  ?     ? ? 
# 
loop_
_struct_conn_type.id 
_struct_conn_type.criteria 
_struct_conn_type.reference 
covale ? ? 
metalc ? ? 
hydrog ? ? 
# 
loop_
_pdbx_struct_conn_angle.id 
_pdbx_struct_conn_angle.ptnr1_label_atom_id 
_pdbx_struct_conn_angle.ptnr1_label_alt_id 
_pdbx_struct_conn_angle.ptnr1_label_asym_id 
_pdbx_struct_conn_angle.ptnr1_label_comp_id 
_pdbx_struct_conn_angle.ptnr1_label_seq_id 
_pdbx_struct_conn_angle.ptnr1_auth_atom_id 
_pdbx_struct_conn_angle.ptnr1_auth_asym_id 
_pdbx_struct_conn_angle.ptnr1_auth_comp_id 
_pdbx_struct_conn_angle.ptnr1_auth_seq_id 
_pdbx_struct_conn_angle.ptnr1_PDB_ins_code 
_pdbx_struct_conn_angle.ptnr1_symmetry 
_pdbx_struct_conn_angle.ptnr2_label_atom_id 
_pdbx_struct_conn_angle.ptnr2_label_alt_id 
_pdbx_struct_conn_angle.ptnr2_label_asym_id 
_pdbx_struct_conn_angle.ptnr2_label_comp_id 
_pdbx_struct_conn_angle.ptnr2_label_seq_id 
_pdbx_struct_conn_angle.ptnr2_auth_atom_id 
_pdbx_struct_conn_angle.ptnr2_auth_asym_id 
_pdbx_struct_conn_angle.ptnr2_auth_comp_id 
_pdbx_struct_conn_angle.ptnr2_auth_seq_id 
_pdbx_struct_conn_angle.ptnr2_PDB_ins_code 
_pdbx_struct_conn_angle.ptnr2_symmetry 
_pdbx_struct_conn_angle.ptnr3_label_atom_id 
_pdbx_struct_conn_angle.ptnr3_label_alt_id 
_pdbx_struct_conn_angle.ptnr3_label_asym_id 
_pdbx_struct_conn_angle.ptnr3_label_comp_id 
_pdbx_struct_conn_angle.ptnr3_label_seq_id 
_pdbx_struct_conn_angle.ptnr3_auth_atom_id 
_pdbx_struct_conn_angle.ptnr3_auth_asym_id 
_pdbx_struct_conn_angle.ptnr3_auth_comp_id 
_pdbx_struct_conn_angle.ptnr3_auth_seq_id 
_pdbx_struct_conn_angle.ptnr3_PDB_ins_code 
_pdbx_struct_conn_angle.ptnr3_symmetry 
_pdbx_struct_conn_angle.value 
_pdbx_struct_conn_angle.value_esd 
1  OP1 ? B C   8 ? B C   8   ? 1_555 MG ? I MG . ? B MG 103 ? 1_555 O ? O HOH . ? B HOH 201 ? 1_555 102.7 ? 
2  OP1 ? B C   8 ? B C   8   ? 1_555 MG ? I MG . ? B MG 103 ? 1_555 O ? O HOH . ? B HOH 202 ? 1_555 98.2  ? 
3  O   ? O HOH . ? B HOH 201 ? 1_555 MG ? I MG . ? B MG 103 ? 1_555 O ? O HOH . ? B HOH 202 ? 1_555 94.0  ? 
4  OP1 ? B C   8 ? B C   8   ? 1_555 MG ? I MG . ? B MG 103 ? 1_555 O ? O HOH . ? B HOH 203 ? 1_555 76.4  ? 
5  O   ? O HOH . ? B HOH 201 ? 1_555 MG ? I MG . ? B MG 103 ? 1_555 O ? O HOH . ? B HOH 203 ? 1_555 178.9 ? 
6  O   ? O HOH . ? B HOH 202 ? 1_555 MG ? I MG . ? B MG 103 ? 1_555 O ? O HOH . ? B HOH 203 ? 1_555 85.6  ? 
7  OP1 ? B C   8 ? B C   8   ? 1_555 MG ? I MG . ? B MG 103 ? 1_555 O ? O HOH . ? B HOH 204 ? 1_555 158.6 ? 
8  O   ? O HOH . ? B HOH 201 ? 1_555 MG ? I MG . ? B MG 103 ? 1_555 O ? O HOH . ? B HOH 204 ? 1_555 96.6  ? 
9  O   ? O HOH . ? B HOH 202 ? 1_555 MG ? I MG . ? B MG 103 ? 1_555 O ? O HOH . ? B HOH 204 ? 1_555 89.6  ? 
10 O   ? O HOH . ? B HOH 203 ? 1_555 MG ? I MG . ? B MG 103 ? 1_555 O ? O HOH . ? B HOH 204 ? 1_555 84.4  ? 
11 OP1 ? B C   8 ? B C   8   ? 1_555 MG ? I MG . ? B MG 103 ? 1_555 O ? O HOH . ? B HOH 205 ? 1_555 81.2  ? 
12 O   ? O HOH . ? B HOH 201 ? 1_555 MG ? I MG . ? B MG 103 ? 1_555 O ? O HOH . ? B HOH 205 ? 1_555 86.2  ? 
13 O   ? O HOH . ? B HOH 202 ? 1_555 MG ? I MG . ? B MG 103 ? 1_555 O ? O HOH . ? B HOH 205 ? 1_555 179.5 ? 
14 O   ? O HOH . ? B HOH 203 ? 1_555 MG ? I MG . ? B MG 103 ? 1_555 O ? O HOH . ? B HOH 205 ? 1_555 94.2  ? 
15 O   ? O HOH . ? B HOH 204 ? 1_555 MG ? I MG . ? B MG 103 ? 1_555 O ? O HOH . ? B HOH 205 ? 1_555 90.9  ? 
# 
loop_
_struct_site.id 
_struct_site.pdbx_evidence_code 
_struct_site.pdbx_auth_asym_id 
_struct_site.pdbx_auth_comp_id 
_struct_site.pdbx_auth_seq_id 
_struct_site.pdbx_auth_ins_code 
_struct_site.pdbx_num_residues 
_struct_site.details 
AC1 Software A GAI 101 ? 4 'binding site for residue GAI A 101'                 
AC2 Software A SPM 102 ? 8 'binding site for residue SPM A 102'                 
AC3 Software B GAI 101 ? 4 'binding site for residue GAI B 101'                 
AC4 Software B SPM 102 ? 5 'binding site for residue SPM B 102'                 
AC5 Software B MG  103 ? 6 'binding site for residue MG B 103'                  
AC6 Software C GAI 101 ? 4 'binding site for residue GAI C 101'                 
AC7 Software C SPM 102 ? 7 'binding site for residue SPM C 102'                 
AC8 Software D GAI 101 ? 4 'binding site for residue GAI D 101'                 
AC9 Software D SPM 102 ? 5 'binding site for residue SPM D 102'                 
AD1 Software B C   13  ? 8 'binding site for Di-nucleotide C B 13 and 5BU B 14' 
AD2 Software B 5BU 14  ? 9 'binding site for Di-nucleotide 5BU B 14 and G B 15' 
AD3 Software C C   13  ? 5 'binding site for Di-nucleotide C C 13 and 5BU C 14' 
AD4 Software C 5BU 14  ? 8 'binding site for Di-nucleotide 5BU C 14 and G C 15' 
AD5 Software D C   13  ? 5 'binding site for Di-nucleotide C D 13 and 5BU D 14' 
AD6 Software D 5BU 14  ? 6 'binding site for Di-nucleotide 5BU D 14 and G D 15' 
# 
loop_
_struct_site_gen.id 
_struct_site_gen.site_id 
_struct_site_gen.pdbx_num_res 
_struct_site_gen.label_comp_id 
_struct_site_gen.label_asym_id 
_struct_site_gen.label_seq_id 
_struct_site_gen.pdbx_auth_ins_code 
_struct_site_gen.auth_comp_id 
_struct_site_gen.auth_asym_id 
_struct_site_gen.auth_seq_id 
_struct_site_gen.label_atom_id 
_struct_site_gen.label_alt_id 
_struct_site_gen.symmetry 
_struct_site_gen.details 
1  AC1 4 G   A 6  ? G   A 6   . ? 1_555 ? 
2  AC1 4 A   A 7  ? A   A 7   . ? 1_555 ? 
3  AC1 4 C   A 8  ? C   A 8   . ? 1_555 ? 
4  AC1 4 G   A 9  ? G   A 9   . ? 1_555 ? 
5  AC2 8 G   A 5  ? G   A 5   . ? 1_555 ? 
6  AC2 8 G   A 6  ? G   A 6   . ? 1_555 ? 
7  AC2 8 C   A 8  ? C   A 8   . ? 1_555 ? 
8  AC2 8 G   A 9  ? G   A 9   . ? 1_555 ? 
9  AC2 8 A   A 10 ? A   A 10  . ? 1_555 ? 
10 AC2 8 HOH N .  ? HOH A 201 . ? 1_555 ? 
11 AC2 8 G   C 15 ? G   C 15  . ? 3_553 ? 
12 AC2 8 C   C 16 ? C   C 16  . ? 3_553 ? 
13 AC3 4 G   B 6  ? G   B 6   . ? 1_555 ? 
14 AC3 4 A   B 7  ? A   B 7   . ? 1_555 ? 
15 AC3 4 C   B 8  ? C   B 8   . ? 1_555 ? 
16 AC3 4 G   B 9  ? G   B 9   . ? 1_555 ? 
17 AC4 5 G   B 3  ? G   B 3   . ? 1_555 ? 
18 AC4 5 G   B 4  ? G   B 4   . ? 1_555 ? 
19 AC4 5 C   B 12 ? C   B 12  . ? 1_555 ? 
20 AC4 5 C   B 13 ? C   B 13  . ? 1_555 ? 
21 AC4 5 5BU B 14 ? 5BU B 14  . ? 1_555 ? 
22 AC5 6 C   B 8  ? C   B 8   . ? 1_555 ? 
23 AC5 6 HOH O .  ? HOH B 201 . ? 1_555 ? 
24 AC5 6 HOH O .  ? HOH B 202 . ? 1_555 ? 
25 AC5 6 HOH O .  ? HOH B 203 . ? 1_555 ? 
26 AC5 6 HOH O .  ? HOH B 204 . ? 1_555 ? 
27 AC5 6 HOH O .  ? HOH B 205 . ? 1_555 ? 
28 AC6 4 G   C 6  ? G   C 6   . ? 1_555 ? 
29 AC6 4 A   C 7  ? A   C 7   . ? 1_555 ? 
30 AC6 4 C   C 8  ? C   C 8   . ? 1_555 ? 
31 AC6 4 G   C 9  ? G   C 9   . ? 1_555 ? 
32 AC7 7 G   A 15 ? G   A 15  . ? 3_543 ? 
33 AC7 7 C   A 16 ? C   A 16  . ? 3_543 ? 
34 AC7 7 G   C 5  ? G   C 5   . ? 1_555 ? 
35 AC7 7 G   C 6  ? G   C 6   . ? 1_555 ? 
36 AC7 7 A   C 7  ? A   C 7   . ? 1_555 ? 
37 AC7 7 C   C 8  ? C   C 8   . ? 1_555 ? 
38 AC7 7 G   C 9  ? G   C 9   . ? 1_555 ? 
39 AC8 4 G   D 6  ? G   D 6   . ? 1_555 ? 
40 AC8 4 A   D 7  ? A   D 7   . ? 1_555 ? 
41 AC8 4 C   D 8  ? C   D 8   . ? 1_555 ? 
42 AC8 4 G   D 9  ? G   D 9   . ? 1_555 ? 
43 AC9 5 G   B 5  ? G   B 5   . ? 4_464 ? 
44 AC9 5 G   D 5  ? G   D 5   . ? 1_555 ? 
45 AC9 5 G   D 6  ? G   D 6   . ? 1_555 ? 
46 AC9 5 C   D 8  ? C   D 8   . ? 1_555 ? 
47 AC9 5 G   D 9  ? G   D 9   . ? 1_555 ? 
48 AD1 8 G   B 3  ? G   B 3   . ? 1_555 ? 
49 AD1 8 G   B 4  ? G   B 4   . ? 1_555 ? 
50 AD1 8 G   B 5  ? G   B 5   . ? 1_555 ? 
51 AD1 8 C   B 12 ? C   B 12  . ? 1_555 ? 
52 AD1 8 G   B 15 ? G   B 15  . ? 1_555 ? 
53 AD1 8 SPM H .  ? SPM B 102 . ? 1_555 ? 
54 AD1 8 G   D 9  ? G   D 9   . ? 1_555 ? 
55 AD1 8 A   D 10 ? A   D 10  . ? 1_555 ? 
56 AD2 9 C   B 2  ? C   B 2   . ? 1_555 ? 
57 AD2 9 G   B 3  ? G   B 3   . ? 1_555 ? 
58 AD2 9 G   B 4  ? G   B 4   . ? 1_555 ? 
59 AD2 9 C   B 13 ? C   B 13  . ? 1_555 ? 
60 AD2 9 C   B 16 ? C   B 16  . ? 1_555 ? 
61 AD2 9 SPM H .  ? SPM B 102 . ? 1_555 ? 
62 AD2 9 G   D 3  ? G   D 3   . ? 4_564 ? 
63 AD2 9 G   D 4  ? G   D 4   . ? 4_564 ? 
64 AD2 9 G   D 9  ? G   D 9   . ? 1_555 ? 
65 AD3 5 G   C 3  ? G   C 3   . ? 1_555 ? 
66 AD3 5 G   C 4  ? G   C 4   . ? 1_555 ? 
67 AD3 5 G   C 5  ? G   C 5   . ? 1_555 ? 
68 AD3 5 C   C 12 ? C   C 12  . ? 1_555 ? 
69 AD3 5 G   C 15 ? G   C 15  . ? 1_555 ? 
70 AD4 8 G   A 5  ? G   A 5   . ? 3_543 ? 
71 AD4 8 G   A 6  ? G   A 6   . ? 3_543 ? 
72 AD4 8 SPM F .  ? SPM A 102 . ? 3_543 ? 
73 AD4 8 C   C 2  ? C   C 2   . ? 1_555 ? 
74 AD4 8 G   C 3  ? G   C 3   . ? 1_555 ? 
75 AD4 8 G   C 4  ? G   C 4   . ? 1_555 ? 
76 AD4 8 C   C 13 ? C   C 13  . ? 1_555 ? 
77 AD4 8 C   C 16 ? C   C 16  . ? 1_555 ? 
78 AD5 5 G   D 3  ? G   D 3   . ? 1_555 ? 
79 AD5 5 G   D 4  ? G   D 4   . ? 1_555 ? 
80 AD5 5 G   D 5  ? G   D 5   . ? 1_555 ? 
81 AD5 5 C   D 12 ? C   D 12  . ? 1_555 ? 
82 AD5 5 G   D 15 ? G   D 15  . ? 1_555 ? 
83 AD6 6 C   B 16 ? C   B 16  . ? 4_464 ? 
84 AD6 6 C   D 2  ? C   D 2   . ? 1_555 ? 
85 AD6 6 G   D 3  ? G   D 3   . ? 1_555 ? 
86 AD6 6 G   D 4  ? G   D 4   . ? 1_555 ? 
87 AD6 6 C   D 13 ? C   D 13  . ? 1_555 ? 
88 AD6 6 C   D 16 ? C   D 16  . ? 1_555 ? 
# 
loop_
_pdbx_validate_rmsd_bond.id 
_pdbx_validate_rmsd_bond.PDB_model_num 
_pdbx_validate_rmsd_bond.auth_atom_id_1 
_pdbx_validate_rmsd_bond.auth_asym_id_1 
_pdbx_validate_rmsd_bond.auth_comp_id_1 
_pdbx_validate_rmsd_bond.auth_seq_id_1 
_pdbx_validate_rmsd_bond.PDB_ins_code_1 
_pdbx_validate_rmsd_bond.label_alt_id_1 
_pdbx_validate_rmsd_bond.auth_atom_id_2 
_pdbx_validate_rmsd_bond.auth_asym_id_2 
_pdbx_validate_rmsd_bond.auth_comp_id_2 
_pdbx_validate_rmsd_bond.auth_seq_id_2 
_pdbx_validate_rmsd_bond.PDB_ins_code_2 
_pdbx_validate_rmsd_bond.label_alt_id_2 
_pdbx_validate_rmsd_bond.bond_value 
_pdbx_validate_rmsd_bond.bond_target_value 
_pdbx_validate_rmsd_bond.bond_deviation 
_pdbx_validate_rmsd_bond.bond_standard_deviation 
_pdbx_validate_rmsd_bond.linker_flag 
1 1 "O3'" C G 9  ? ? P C A 10 ? ? 1.517 1.607 -0.090 0.012 Y 
2 1 "O3'" C A 10 ? ? P C C 11 ? ? 1.511 1.607 -0.096 0.012 Y 
# 
loop_
_pdbx_validate_rmsd_angle.id 
_pdbx_validate_rmsd_angle.PDB_model_num 
_pdbx_validate_rmsd_angle.auth_atom_id_1 
_pdbx_validate_rmsd_angle.auth_asym_id_1 
_pdbx_validate_rmsd_angle.auth_comp_id_1 
_pdbx_validate_rmsd_angle.auth_seq_id_1 
_pdbx_validate_rmsd_angle.PDB_ins_code_1 
_pdbx_validate_rmsd_angle.label_alt_id_1 
_pdbx_validate_rmsd_angle.auth_atom_id_2 
_pdbx_validate_rmsd_angle.auth_asym_id_2 
_pdbx_validate_rmsd_angle.auth_comp_id_2 
_pdbx_validate_rmsd_angle.auth_seq_id_2 
_pdbx_validate_rmsd_angle.PDB_ins_code_2 
_pdbx_validate_rmsd_angle.label_alt_id_2 
_pdbx_validate_rmsd_angle.auth_atom_id_3 
_pdbx_validate_rmsd_angle.auth_asym_id_3 
_pdbx_validate_rmsd_angle.auth_comp_id_3 
_pdbx_validate_rmsd_angle.auth_seq_id_3 
_pdbx_validate_rmsd_angle.PDB_ins_code_3 
_pdbx_validate_rmsd_angle.label_alt_id_3 
_pdbx_validate_rmsd_angle.angle_value 
_pdbx_validate_rmsd_angle.angle_target_value 
_pdbx_validate_rmsd_angle.angle_deviation 
_pdbx_validate_rmsd_angle.angle_standard_deviation 
_pdbx_validate_rmsd_angle.linker_flag 
1 1 "O5'" A A 7 ? ? P     A A 7 ? ? OP1   A A 7 ? ? 98.91  105.70 -6.79 0.90 N 
2 1 "O5'" B G 3 ? ? P     B G 3 ? ? OP2   B G 3 ? ? 97.20  105.70 -8.50 0.90 N 
3 1 "C4'" C G 9 ? ? "C3'" C G 9 ? ? "O3'" C G 9 ? ? 128.77 113.00 15.77 2.00 N 
# 
_phasing.method   SAD 
# 
loop_
_chem_comp_atom.comp_id 
_chem_comp_atom.atom_id 
_chem_comp_atom.type_symbol 
_chem_comp_atom.pdbx_aromatic_flag 
_chem_comp_atom.pdbx_stereo_config 
_chem_comp_atom.pdbx_ordinal 
5BU P      P  N N 1   
5BU OP1    O  N N 2   
5BU OP2    O  N N 3   
5BU OP3    O  N N 4   
5BU "O5'"  O  N N 5   
5BU "C5'"  C  N N 6   
5BU "C4'"  C  N R 7   
5BU "O4'"  O  N N 8   
5BU "C3'"  C  N S 9   
5BU "O3'"  O  N N 10  
5BU "C2'"  C  N R 11  
5BU "O2'"  O  N N 12  
5BU "C1'"  C  N R 13  
5BU N1     N  N N 14  
5BU C2     C  N N 15  
5BU O2     O  N N 16  
5BU N3     N  N N 17  
5BU C4     C  N N 18  
5BU O4     O  N N 19  
5BU C5     C  N N 20  
5BU C6     C  N N 21  
5BU BR     BR N N 22  
5BU HOP2   H  N N 23  
5BU HOP3   H  N N 24  
5BU "H5'"  H  N N 25  
5BU "H5''" H  N N 26  
5BU "H4'"  H  N N 27  
5BU "H3'"  H  N N 28  
5BU "HO3'" H  N N 29  
5BU "H2'"  H  N N 30  
5BU "HO2'" H  N N 31  
5BU "H1'"  H  N N 32  
5BU H3     H  N N 33  
5BU H6     H  N N 34  
A   OP3    O  N N 35  
A   P      P  N N 36  
A   OP1    O  N N 37  
A   OP2    O  N N 38  
A   "O5'"  O  N N 39  
A   "C5'"  C  N N 40  
A   "C4'"  C  N R 41  
A   "O4'"  O  N N 42  
A   "C3'"  C  N S 43  
A   "O3'"  O  N N 44  
A   "C2'"  C  N R 45  
A   "O2'"  O  N N 46  
A   "C1'"  C  N R 47  
A   N9     N  Y N 48  
A   C8     C  Y N 49  
A   N7     N  Y N 50  
A   C5     C  Y N 51  
A   C6     C  Y N 52  
A   N6     N  N N 53  
A   N1     N  Y N 54  
A   C2     C  Y N 55  
A   N3     N  Y N 56  
A   C4     C  Y N 57  
A   HOP3   H  N N 58  
A   HOP2   H  N N 59  
A   "H5'"  H  N N 60  
A   "H5''" H  N N 61  
A   "H4'"  H  N N 62  
A   "H3'"  H  N N 63  
A   "HO3'" H  N N 64  
A   "H2'"  H  N N 65  
A   "HO2'" H  N N 66  
A   "H1'"  H  N N 67  
A   H8     H  N N 68  
A   H61    H  N N 69  
A   H62    H  N N 70  
A   H2     H  N N 71  
C   OP3    O  N N 72  
C   P      P  N N 73  
C   OP1    O  N N 74  
C   OP2    O  N N 75  
C   "O5'"  O  N N 76  
C   "C5'"  C  N N 77  
C   "C4'"  C  N R 78  
C   "O4'"  O  N N 79  
C   "C3'"  C  N S 80  
C   "O3'"  O  N N 81  
C   "C2'"  C  N R 82  
C   "O2'"  O  N N 83  
C   "C1'"  C  N R 84  
C   N1     N  N N 85  
C   C2     C  N N 86  
C   O2     O  N N 87  
C   N3     N  N N 88  
C   C4     C  N N 89  
C   N4     N  N N 90  
C   C5     C  N N 91  
C   C6     C  N N 92  
C   HOP3   H  N N 93  
C   HOP2   H  N N 94  
C   "H5'"  H  N N 95  
C   "H5''" H  N N 96  
C   "H4'"  H  N N 97  
C   "H3'"  H  N N 98  
C   "HO3'" H  N N 99  
C   "H2'"  H  N N 100 
C   "HO2'" H  N N 101 
C   "H1'"  H  N N 102 
C   H41    H  N N 103 
C   H42    H  N N 104 
C   H5     H  N N 105 
C   H6     H  N N 106 
G   OP3    O  N N 107 
G   P      P  N N 108 
G   OP1    O  N N 109 
G   OP2    O  N N 110 
G   "O5'"  O  N N 111 
G   "C5'"  C  N N 112 
G   "C4'"  C  N R 113 
G   "O4'"  O  N N 114 
G   "C3'"  C  N S 115 
G   "O3'"  O  N N 116 
G   "C2'"  C  N R 117 
G   "O2'"  O  N N 118 
G   "C1'"  C  N R 119 
G   N9     N  Y N 120 
G   C8     C  Y N 121 
G   N7     N  Y N 122 
G   C5     C  Y N 123 
G   C6     C  N N 124 
G   O6     O  N N 125 
G   N1     N  N N 126 
G   C2     C  N N 127 
G   N2     N  N N 128 
G   N3     N  N N 129 
G   C4     C  Y N 130 
G   HOP3   H  N N 131 
G   HOP2   H  N N 132 
G   "H5'"  H  N N 133 
G   "H5''" H  N N 134 
G   "H4'"  H  N N 135 
G   "H3'"  H  N N 136 
G   "HO3'" H  N N 137 
G   "H2'"  H  N N 138 
G   "HO2'" H  N N 139 
G   "H1'"  H  N N 140 
G   H8     H  N N 141 
G   H1     H  N N 142 
G   H21    H  N N 143 
G   H22    H  N N 144 
GAI C      C  N N 145 
GAI N1     N  N N 146 
GAI N2     N  N N 147 
GAI N3     N  N N 148 
GAI HN1    H  N N 149 
GAI HN21   H  N N 150 
GAI HN22   H  N N 151 
GAI HN31   H  N N 152 
GAI HN32   H  N N 153 
HOH O      O  N N 154 
HOH H1     H  N N 155 
HOH H2     H  N N 156 
MG  MG     MG N N 157 
SPM N1     N  N N 158 
SPM C2     C  N N 159 
SPM C3     C  N N 160 
SPM C4     C  N N 161 
SPM N5     N  N N 162 
SPM C6     C  N N 163 
SPM C7     C  N N 164 
SPM C8     C  N N 165 
SPM C9     C  N N 166 
SPM N10    N  N N 167 
SPM C11    C  N N 168 
SPM C12    C  N N 169 
SPM C13    C  N N 170 
SPM N14    N  N N 171 
SPM HN11   H  N N 172 
SPM HN12   H  N N 173 
SPM H21    H  N N 174 
SPM H22    H  N N 175 
SPM H31    H  N N 176 
SPM H32    H  N N 177 
SPM H41    H  N N 178 
SPM H42    H  N N 179 
SPM HN5    H  N N 180 
SPM H61    H  N N 181 
SPM H62    H  N N 182 
SPM H71    H  N N 183 
SPM H72    H  N N 184 
SPM H81    H  N N 185 
SPM H82    H  N N 186 
SPM H91    H  N N 187 
SPM H92    H  N N 188 
SPM HN0    H  N N 189 
SPM H111   H  N N 190 
SPM H112   H  N N 191 
SPM H121   H  N N 192 
SPM H122   H  N N 193 
SPM H131   H  N N 194 
SPM H132   H  N N 195 
SPM HN41   H  N N 196 
SPM HN42   H  N N 197 
# 
loop_
_chem_comp_bond.comp_id 
_chem_comp_bond.atom_id_1 
_chem_comp_bond.atom_id_2 
_chem_comp_bond.value_order 
_chem_comp_bond.pdbx_aromatic_flag 
_chem_comp_bond.pdbx_stereo_config 
_chem_comp_bond.pdbx_ordinal 
5BU P     OP1    doub N N 1   
5BU P     OP2    sing N N 2   
5BU P     OP3    sing N N 3   
5BU P     "O5'"  sing N N 4   
5BU OP2   HOP2   sing N N 5   
5BU OP3   HOP3   sing N N 6   
5BU "O5'" "C5'"  sing N N 7   
5BU "C5'" "C4'"  sing N N 8   
5BU "C5'" "H5'"  sing N N 9   
5BU "C5'" "H5''" sing N N 10  
5BU "C4'" "O4'"  sing N N 11  
5BU "C4'" "C3'"  sing N N 12  
5BU "C4'" "H4'"  sing N N 13  
5BU "O4'" "C1'"  sing N N 14  
5BU "C3'" "O3'"  sing N N 15  
5BU "C3'" "C2'"  sing N N 16  
5BU "C3'" "H3'"  sing N N 17  
5BU "O3'" "HO3'" sing N N 18  
5BU "C2'" "O2'"  sing N N 19  
5BU "C2'" "C1'"  sing N N 20  
5BU "C2'" "H2'"  sing N N 21  
5BU "O2'" "HO2'" sing N N 22  
5BU "C1'" N1     sing N N 23  
5BU "C1'" "H1'"  sing N N 24  
5BU N1    C2     sing N N 25  
5BU N1    C6     sing N N 26  
5BU C2    O2     doub N N 27  
5BU C2    N3     sing N N 28  
5BU N3    C4     sing N N 29  
5BU N3    H3     sing N N 30  
5BU C4    O4     doub N N 31  
5BU C4    C5     sing N N 32  
5BU C5    C6     doub N N 33  
5BU C5    BR     sing N N 34  
5BU C6    H6     sing N N 35  
A   OP3   P      sing N N 36  
A   OP3   HOP3   sing N N 37  
A   P     OP1    doub N N 38  
A   P     OP2    sing N N 39  
A   P     "O5'"  sing N N 40  
A   OP2   HOP2   sing N N 41  
A   "O5'" "C5'"  sing N N 42  
A   "C5'" "C4'"  sing N N 43  
A   "C5'" "H5'"  sing N N 44  
A   "C5'" "H5''" sing N N 45  
A   "C4'" "O4'"  sing N N 46  
A   "C4'" "C3'"  sing N N 47  
A   "C4'" "H4'"  sing N N 48  
A   "O4'" "C1'"  sing N N 49  
A   "C3'" "O3'"  sing N N 50  
A   "C3'" "C2'"  sing N N 51  
A   "C3'" "H3'"  sing N N 52  
A   "O3'" "HO3'" sing N N 53  
A   "C2'" "O2'"  sing N N 54  
A   "C2'" "C1'"  sing N N 55  
A   "C2'" "H2'"  sing N N 56  
A   "O2'" "HO2'" sing N N 57  
A   "C1'" N9     sing N N 58  
A   "C1'" "H1'"  sing N N 59  
A   N9    C8     sing Y N 60  
A   N9    C4     sing Y N 61  
A   C8    N7     doub Y N 62  
A   C8    H8     sing N N 63  
A   N7    C5     sing Y N 64  
A   C5    C6     sing Y N 65  
A   C5    C4     doub Y N 66  
A   C6    N6     sing N N 67  
A   C6    N1     doub Y N 68  
A   N6    H61    sing N N 69  
A   N6    H62    sing N N 70  
A   N1    C2     sing Y N 71  
A   C2    N3     doub Y N 72  
A   C2    H2     sing N N 73  
A   N3    C4     sing Y N 74  
C   OP3   P      sing N N 75  
C   OP3   HOP3   sing N N 76  
C   P     OP1    doub N N 77  
C   P     OP2    sing N N 78  
C   P     "O5'"  sing N N 79  
C   OP2   HOP2   sing N N 80  
C   "O5'" "C5'"  sing N N 81  
C   "C5'" "C4'"  sing N N 82  
C   "C5'" "H5'"  sing N N 83  
C   "C5'" "H5''" sing N N 84  
C   "C4'" "O4'"  sing N N 85  
C   "C4'" "C3'"  sing N N 86  
C   "C4'" "H4'"  sing N N 87  
C   "O4'" "C1'"  sing N N 88  
C   "C3'" "O3'"  sing N N 89  
C   "C3'" "C2'"  sing N N 90  
C   "C3'" "H3'"  sing N N 91  
C   "O3'" "HO3'" sing N N 92  
C   "C2'" "O2'"  sing N N 93  
C   "C2'" "C1'"  sing N N 94  
C   "C2'" "H2'"  sing N N 95  
C   "O2'" "HO2'" sing N N 96  
C   "C1'" N1     sing N N 97  
C   "C1'" "H1'"  sing N N 98  
C   N1    C2     sing N N 99  
C   N1    C6     sing N N 100 
C   C2    O2     doub N N 101 
C   C2    N3     sing N N 102 
C   N3    C4     doub N N 103 
C   C4    N4     sing N N 104 
C   C4    C5     sing N N 105 
C   N4    H41    sing N N 106 
C   N4    H42    sing N N 107 
C   C5    C6     doub N N 108 
C   C5    H5     sing N N 109 
C   C6    H6     sing N N 110 
G   OP3   P      sing N N 111 
G   OP3   HOP3   sing N N 112 
G   P     OP1    doub N N 113 
G   P     OP2    sing N N 114 
G   P     "O5'"  sing N N 115 
G   OP2   HOP2   sing N N 116 
G   "O5'" "C5'"  sing N N 117 
G   "C5'" "C4'"  sing N N 118 
G   "C5'" "H5'"  sing N N 119 
G   "C5'" "H5''" sing N N 120 
G   "C4'" "O4'"  sing N N 121 
G   "C4'" "C3'"  sing N N 122 
G   "C4'" "H4'"  sing N N 123 
G   "O4'" "C1'"  sing N N 124 
G   "C3'" "O3'"  sing N N 125 
G   "C3'" "C2'"  sing N N 126 
G   "C3'" "H3'"  sing N N 127 
G   "O3'" "HO3'" sing N N 128 
G   "C2'" "O2'"  sing N N 129 
G   "C2'" "C1'"  sing N N 130 
G   "C2'" "H2'"  sing N N 131 
G   "O2'" "HO2'" sing N N 132 
G   "C1'" N9     sing N N 133 
G   "C1'" "H1'"  sing N N 134 
G   N9    C8     sing Y N 135 
G   N9    C4     sing Y N 136 
G   C8    N7     doub Y N 137 
G   C8    H8     sing N N 138 
G   N7    C5     sing Y N 139 
G   C5    C6     sing N N 140 
G   C5    C4     doub Y N 141 
G   C6    O6     doub N N 142 
G   C6    N1     sing N N 143 
G   N1    C2     sing N N 144 
G   N1    H1     sing N N 145 
G   C2    N2     sing N N 146 
G   C2    N3     doub N N 147 
G   N2    H21    sing N N 148 
G   N2    H22    sing N N 149 
G   N3    C4     sing N N 150 
GAI C     N1     doub N N 151 
GAI C     N2     sing N N 152 
GAI C     N3     sing N N 153 
GAI N1    HN1    sing N N 154 
GAI N2    HN21   sing N N 155 
GAI N2    HN22   sing N N 156 
GAI N3    HN31   sing N N 157 
GAI N3    HN32   sing N N 158 
HOH O     H1     sing N N 159 
HOH O     H2     sing N N 160 
SPM N1    C2     sing N N 161 
SPM N1    HN11   sing N N 162 
SPM N1    HN12   sing N N 163 
SPM C2    C3     sing N N 164 
SPM C2    H21    sing N N 165 
SPM C2    H22    sing N N 166 
SPM C3    C4     sing N N 167 
SPM C3    H31    sing N N 168 
SPM C3    H32    sing N N 169 
SPM C4    N5     sing N N 170 
SPM C4    H41    sing N N 171 
SPM C4    H42    sing N N 172 
SPM N5    C6     sing N N 173 
SPM N5    HN5    sing N N 174 
SPM C6    C7     sing N N 175 
SPM C6    H61    sing N N 176 
SPM C6    H62    sing N N 177 
SPM C7    C8     sing N N 178 
SPM C7    H71    sing N N 179 
SPM C7    H72    sing N N 180 
SPM C8    C9     sing N N 181 
SPM C8    H81    sing N N 182 
SPM C8    H82    sing N N 183 
SPM C9    N10    sing N N 184 
SPM C9    H91    sing N N 185 
SPM C9    H92    sing N N 186 
SPM N10   C11    sing N N 187 
SPM N10   HN0    sing N N 188 
SPM C11   C12    sing N N 189 
SPM C11   H111   sing N N 190 
SPM C11   H112   sing N N 191 
SPM C12   C13    sing N N 192 
SPM C12   H121   sing N N 193 
SPM C12   H122   sing N N 194 
SPM C13   N14    sing N N 195 
SPM C13   H131   sing N N 196 
SPM C13   H132   sing N N 197 
SPM N14   HN41   sing N N 198 
SPM N14   HN42   sing N N 199 
# 
loop_
_ndb_struct_conf_na.entry_id 
_ndb_struct_conf_na.feature 
5VJB 'double helix'         
5VJB 'a-form double helix'  
5VJB 'hairpin loop'         
5VJB 'mismatched base pair' 
# 
loop_
_ndb_struct_na_base_pair.model_number 
_ndb_struct_na_base_pair.i_label_asym_id 
_ndb_struct_na_base_pair.i_label_comp_id 
_ndb_struct_na_base_pair.i_label_seq_id 
_ndb_struct_na_base_pair.i_symmetry 
_ndb_struct_na_base_pair.j_label_asym_id 
_ndb_struct_na_base_pair.j_label_comp_id 
_ndb_struct_na_base_pair.j_label_seq_id 
_ndb_struct_na_base_pair.j_symmetry 
_ndb_struct_na_base_pair.shear 
_ndb_struct_na_base_pair.stretch 
_ndb_struct_na_base_pair.stagger 
_ndb_struct_na_base_pair.buckle 
_ndb_struct_na_base_pair.propeller 
_ndb_struct_na_base_pair.opening 
_ndb_struct_na_base_pair.pair_number 
_ndb_struct_na_base_pair.pair_name 
_ndb_struct_na_base_pair.i_auth_asym_id 
_ndb_struct_na_base_pair.i_auth_seq_id 
_ndb_struct_na_base_pair.i_PDB_ins_code 
_ndb_struct_na_base_pair.j_auth_asym_id 
_ndb_struct_na_base_pair.j_auth_seq_id 
_ndb_struct_na_base_pair.j_PDB_ins_code 
_ndb_struct_na_base_pair.hbond_type_28 
_ndb_struct_na_base_pair.hbond_type_12 
1 A G   1  1_555 A C   16 1_555 -0.071 -0.075 -0.061 -5.999 -3.055  0.370  1  A_G1:C16_A   A 1  ? A 16 ? 19 1 
1 A C   2  1_555 A G   15 1_555 0.152  -0.064 -0.056 1.966  -0.844  0.288  2  A_C2:G15_A   A 2  ? A 15 ? 19 1 
1 A G   3  1_555 A 5BU 14 1_555 -2.194 -0.714 -0.358 -7.017 -11.129 -5.191 3  A_G3:5BU14_A A 3  ? A 14 ? 28 1 
1 A G   4  1_555 A C   13 1_555 -0.163 -0.086 -0.343 -7.642 -5.206  0.305  4  A_G4:C13_A   A 4  ? A 13 ? 19 1 
1 A G   5  1_555 A C   12 1_555 -0.031 -0.186 -0.228 -4.142 -3.948  -2.671 5  A_G5:C12_A   A 5  ? A 12 ? 19 1 
1 A G   6  1_555 A C   11 1_555 0.024  -0.140 -0.241 -5.324 0.092   -1.391 6  A_G6:C11_A   A 6  ? A 11 ? 19 1 
1 B C   8  1_555 A G   9  1_555 0.239  -0.184 0.086  5.010  -11.604 1.167  7  B_C8:G9_A    B 8  ? A 9  ? 19 1 
1 B G   9  1_555 A C   8  1_555 -0.053 -0.131 0.059  -2.202 -10.520 -2.358 8  B_G9:C8_A    B 9  ? A 8  ? 19 1 
1 B C   11 1_555 B G   6  1_555 0.144  -0.071 -0.293 7.673  -4.260  -1.387 9  B_C11:G6_B   B 11 ? B 6  ? 19 1 
1 B C   12 1_555 B G   5  1_555 -0.032 -0.147 -0.216 4.832  -6.072  -2.011 10 B_C12:G5_B   B 12 ? B 5  ? 19 1 
1 B C   13 1_555 B G   4  1_555 0.049  -0.093 -0.210 7.261  -3.205  -2.313 11 B_C13:G4_B   B 13 ? B 4  ? 19 1 
1 B 5BU 14 1_555 B G   3  1_555 2.466  -0.632 -0.376 9.092  -16.765 -6.020 12 B_5BU14:G3_B B 14 ? B 3  ? 28 1 
1 B G   15 1_555 B C   2  1_555 -0.396 -0.146 -0.195 -4.442 -6.494  1.170  13 B_G15:C2_B   B 15 ? B 2  ? 19 1 
1 B C   16 1_555 B G   1  1_555 0.252  -0.114 -0.012 6.991  -1.938  0.987  14 B_C16:G1_B   B 16 ? B 1  ? 19 1 
1 C G   1  1_555 C C   16 1_555 -0.284 -0.150 0.093  -0.925 0.409   0.892  15 C_G1:C16_C   C 1  ? C 16 ? 19 1 
1 C C   2  1_555 C G   15 1_555 0.218  -0.139 -0.157 6.994  -6.537  -0.721 16 C_C2:G15_C   C 2  ? C 15 ? 19 1 
1 C G   3  1_555 C 5BU 14 1_555 -2.179 -0.709 -0.051 -1.995 -13.587 -3.911 17 C_G3:5BU14_C C 3  ? C 14 ? 28 1 
1 C G   4  1_555 C C   13 1_555 -0.316 -0.140 -0.301 -9.661 -5.220  1.245  18 C_G4:C13_C   C 4  ? C 13 ? 19 1 
1 C G   5  1_555 C C   12 1_555 0.068  -0.247 -0.149 -5.019 -1.537  0.036  19 C_G5:C12_C   C 5  ? C 12 ? 19 1 
1 C G   6  1_555 C C   11 1_555 0.136  -0.197 -0.055 -2.075 -0.464  -3.210 20 C_G6:C11_C   C 6  ? C 11 ? 19 1 
1 D C   8  1_555 C G   9  1_555 0.186  -0.186 0.020  4.479  -11.157 -1.570 21 D_C8:G9_C    D 8  ? C 9  ? 19 1 
1 D G   9  1_555 C C   8  1_555 0.000  -0.185 0.186  0.649  -6.138  -3.979 22 D_G9:C8_C    D 9  ? C 8  ? 19 1 
1 D C   11 1_555 D G   6  1_555 -0.087 -0.109 -0.168 3.030  -2.633  -2.720 23 D_C11:G6_D   D 11 ? D 6  ? 19 1 
1 D C   12 1_555 D G   5  1_555 0.080  0.012  -0.222 6.352  -4.478  -1.924 24 D_C12:G5_D   D 12 ? D 5  ? 19 1 
1 D C   13 1_555 D G   4  1_555 0.298  -0.070 -0.103 6.815  -4.720  0.180  25 D_C13:G4_D   D 13 ? D 4  ? 19 1 
1 D 5BU 14 1_555 D G   3  1_555 2.207  -0.602 -0.285 3.540  -12.868 -4.373 26 D_5BU14:G3_D D 14 ? D 3  ? 28 1 
1 D G   15 1_555 D C   2  1_555 -0.154 -0.235 0.076  -4.290 -7.799  0.970  27 D_G15:C2_D   D 15 ? D 2  ? 19 1 
1 D C   16 1_555 D G   1  1_555 0.052  0.015  0.015  8.027  -5.113  3.100  28 D_C16:G1_D   D 16 ? D 1  ? 19 1 
# 
loop_
_ndb_struct_na_base_pair_step.model_number 
_ndb_struct_na_base_pair_step.i_label_asym_id_1 
_ndb_struct_na_base_pair_step.i_label_comp_id_1 
_ndb_struct_na_base_pair_step.i_label_seq_id_1 
_ndb_struct_na_base_pair_step.i_symmetry_1 
_ndb_struct_na_base_pair_step.j_label_asym_id_1 
_ndb_struct_na_base_pair_step.j_label_comp_id_1 
_ndb_struct_na_base_pair_step.j_label_seq_id_1 
_ndb_struct_na_base_pair_step.j_symmetry_1 
_ndb_struct_na_base_pair_step.i_label_asym_id_2 
_ndb_struct_na_base_pair_step.i_label_comp_id_2 
_ndb_struct_na_base_pair_step.i_label_seq_id_2 
_ndb_struct_na_base_pair_step.i_symmetry_2 
_ndb_struct_na_base_pair_step.j_label_asym_id_2 
_ndb_struct_na_base_pair_step.j_label_comp_id_2 
_ndb_struct_na_base_pair_step.j_label_seq_id_2 
_ndb_struct_na_base_pair_step.j_symmetry_2 
_ndb_struct_na_base_pair_step.shift 
_ndb_struct_na_base_pair_step.slide 
_ndb_struct_na_base_pair_step.rise 
_ndb_struct_na_base_pair_step.tilt 
_ndb_struct_na_base_pair_step.roll 
_ndb_struct_na_base_pair_step.twist 
_ndb_struct_na_base_pair_step.x_displacement 
_ndb_struct_na_base_pair_step.y_displacement 
_ndb_struct_na_base_pair_step.helical_rise 
_ndb_struct_na_base_pair_step.inclination 
_ndb_struct_na_base_pair_step.tip 
_ndb_struct_na_base_pair_step.helical_twist 
_ndb_struct_na_base_pair_step.step_number 
_ndb_struct_na_base_pair_step.step_name 
_ndb_struct_na_base_pair_step.i_auth_asym_id_1 
_ndb_struct_na_base_pair_step.i_auth_seq_id_1 
_ndb_struct_na_base_pair_step.i_PDB_ins_code_1 
_ndb_struct_na_base_pair_step.j_auth_asym_id_1 
_ndb_struct_na_base_pair_step.j_auth_seq_id_1 
_ndb_struct_na_base_pair_step.j_PDB_ins_code_1 
_ndb_struct_na_base_pair_step.i_auth_asym_id_2 
_ndb_struct_na_base_pair_step.i_auth_seq_id_2 
_ndb_struct_na_base_pair_step.i_PDB_ins_code_2 
_ndb_struct_na_base_pair_step.j_auth_asym_id_2 
_ndb_struct_na_base_pair_step.j_auth_seq_id_2 
_ndb_struct_na_base_pair_step.j_PDB_ins_code_2 
1 A G   1  1_555 A C   16 1_555 A C   2  1_555 A G   15 1_555 -0.337 -2.157 3.186 -0.223 -0.634 29.230  -4.139  0.621  3.233 
-1.256 0.443  29.238  1  AA_G1C2:G15C16_AA   A 1  ? A 16 ? A 2  ? A 15 ? 
1 A C   2  1_555 A G   15 1_555 A G   3  1_555 A 5BU 14 1_555 0.488  -2.312 3.471 2.477  9.612  18.307  -10.130 -0.390 2.056 
27.722 -7.143 20.805  2  AA_C2G3:5BU14G15_AA A 2  ? A 15 ? A 3  ? A 14 ? 
1 A G   3  1_555 A 5BU 14 1_555 A G   4  1_555 A C   13 1_555 0.332  -1.607 3.363 -0.825 5.185  42.563  -2.715  -0.536 3.148 7.110 
1.131  42.871  3  AA_G3G4:C135BU14_AA A 3  ? A 14 ? A 4  ? A 13 ? 
1 A G   4  1_555 A C   13 1_555 A G   5  1_555 A C   12 1_555 -0.038 -1.887 3.302 0.197  3.036  29.220  -4.361  0.117  3.094 5.997 
-0.389 29.374  4  AA_G4G5:C12C13_AA   A 4  ? A 13 ? A 5  ? A 12 ? 
1 A G   5  1_555 A C   12 1_555 A G   6  1_555 A C   11 1_555 0.244  -2.176 3.355 1.053  3.599  29.256  -5.031  -0.258 3.077 7.089 
-2.073 29.490  5  AA_G5G6:C11C12_AA   A 5  ? A 12 ? A 6  ? A 11 ? 
1 A G   6  1_555 A C   11 1_555 B C   8  1_555 A G   9  1_555 -3.559 0.294  3.114 -5.663 -1.980 108.676 0.205   2.119  3.234 
-1.218 3.484  108.789 6  AB_G6C8:G9C11_AA    A 6  ? A 11 ? B 8  ? A 9  ? 
1 B C   8  1_555 A G   9  1_555 B G   9  1_555 A C   8  1_555 -0.500 -1.387 3.501 0.298  6.473  36.948  -3.035  0.818  3.217 
10.119 -0.466 37.492  7  BB_C8G9:C8G9_AA     B 8  ? A 9  ? B 9  ? A 8  ? 
1 B G   9  1_555 A C   8  1_555 B C   11 1_555 B G   6  1_555 3.690  0.077  3.161 3.337  -3.800 110.099 0.092   -2.210 3.233 
-2.317 -2.035 110.177 8  BB_G9C11:G6C8_BA    B 9  ? A 8  ? B 11 ? B 6  ? 
1 B C   11 1_555 B G   6  1_555 B C   12 1_555 B G   5  1_555 -0.770 -2.078 3.378 -2.059 6.009  28.318  -5.443  1.094  2.931 
12.091 4.142  29.008  9  BB_C11C12:G5G6_BB   B 11 ? B 6  ? B 12 ? B 5  ? 
1 B C   12 1_555 B G   5  1_555 B C   13 1_555 B G   4  1_555 -0.214 -1.944 3.291 -1.198 7.328  28.990  -5.189  0.182  2.734 
14.343 2.345  29.906  10 BB_C12C13:G4G5_BB   B 12 ? B 5  ? B 13 ? B 4  ? 
1 B C   13 1_555 B G   4  1_555 B 5BU 14 1_555 B G   3  1_555 -0.140 -1.456 3.295 1.417  4.894  41.699  -2.530  0.340  3.106 6.845 
-1.982 41.995  11 BB_C135BU14:G3G4_BB B 13 ? B 4  ? B 14 ? B 3  ? 
1 B 5BU 14 1_555 B G   3  1_555 B G   15 1_555 B C   2  1_555 -0.094 -2.189 3.680 0.398  9.853  21.230  -8.692  0.365  2.432 
25.074 -1.013 23.385  12 BB_5BU14G15:C2G3_BB B 14 ? B 3  ? B 15 ? B 2  ? 
1 B G   15 1_555 B C   2  1_555 B C   16 1_555 B G   1  1_555 0.483  -1.826 3.078 -1.546 1.400  30.685  -3.697  -1.190 2.966 2.643 
2.917  30.754  13 BB_G15C16:G1C2_BB   B 15 ? B 2  ? B 16 ? B 1  ? 
1 C G   1  1_555 C C   16 1_555 C C   2  1_555 C G   15 1_555 -0.537 -1.959 3.154 0.677  1.658  31.468  -3.898  1.109  3.038 3.054 
-1.246 31.518  14 CC_G1C2:G15C16_CC   C 1  ? C 16 ? C 2  ? C 15 ? 
1 C C   2  1_555 C G   15 1_555 C G   3  1_555 C 5BU 14 1_555 0.194  -2.047 3.377 -2.436 10.584 21.832  -7.807  -1.140 2.134 
25.976 5.978  24.355  15 CC_C2G3:5BU14G15_CC C 2  ? C 15 ? C 3  ? C 14 ? 
1 C G   3  1_555 C 5BU 14 1_555 C G   4  1_555 C C   13 1_555 0.279  -1.655 3.584 0.982  3.806  40.715  -2.817  -0.283 3.428 5.455 
-1.407 40.896  16 CC_G3G4:C135BU14_CC C 3  ? C 14 ? C 4  ? C 13 ? 
1 C G   4  1_555 C C   13 1_555 C G   5  1_555 C C   12 1_555 0.105  -1.755 3.238 0.876  3.711  30.399  -4.024  -0.034 3.009 7.042 
-1.663 30.632  17 CC_G4G5:C12C13_CC   C 4  ? C 13 ? C 5  ? C 12 ? 
1 C G   5  1_555 C C   12 1_555 C G   6  1_555 C C   11 1_555 0.022  -2.144 3.222 0.612  3.868  29.539  -4.933  0.077  2.924 7.544 
-1.194 29.791  18 CC_G5G6:C11C12_CC   C 5  ? C 12 ? C 6  ? C 11 ? 
1 C G   6  1_555 C C   11 1_555 D C   8  1_555 C G   9  1_555 -3.513 0.158  3.097 -5.630 -2.675 106.201 0.133   2.122  3.221 
-1.671 3.518  106.328 19 CD_G6C8:G9C11_CC    C 6  ? C 11 ? D 8  ? C 9  ? 
1 D C   8  1_555 C G   9  1_555 D G   9  1_555 C C   8  1_555 -0.220 -1.130 3.494 -0.731 4.501  36.936  -2.399  0.244  3.341 7.071 
1.148  37.207  20 DD_C8G9:C8G9_CC     D 8  ? C 9  ? D 9  ? C 8  ? 
1 D G   9  1_555 C C   8  1_555 D C   11 1_555 D G   6  1_555 3.510  -0.129 3.238 7.867  -3.576 103.895 -0.030  -2.112 3.424 
-2.268 -4.990 104.150 21 DD_G9C11:G6C8_DC    D 9  ? C 8  ? D 11 ? D 6  ? 
1 D C   11 1_555 D G   6  1_555 D C   12 1_555 D G   5  1_555 -0.149 -2.039 3.226 -1.491 3.279  30.426  -4.477  0.001  2.999 6.220 
2.828  30.633  22 DD_C11C12:G5G6_DD   D 11 ? D 6  ? D 12 ? D 5  ? 
1 D C   12 1_555 D G   5  1_555 D C   13 1_555 D G   4  1_555 -0.075 -1.881 3.322 -1.750 4.269  31.250  -4.230  -0.179 3.044 7.870 
3.227  31.581  23 DD_C12C13:G4G5_DD   D 12 ? D 5  ? D 13 ? D 4  ? 
1 D C   13 1_555 D G   4  1_555 D 5BU 14 1_555 D G   3  1_555 -0.365 -1.705 3.379 3.398  5.143  40.806  -2.973  0.883  3.112 7.326 
-4.840 41.249  24 DD_C135BU14:G3G4_DD D 13 ? D 4  ? D 14 ? D 3  ? 
1 D 5BU 14 1_555 D G   3  1_555 D G   15 1_555 D C   2  1_555 0.016  -1.812 3.307 -1.136 10.422 21.206  -7.502  -0.375 2.182 
26.345 2.871  23.630  25 DD_5BU14G15:C2G3_DD D 14 ? D 3  ? D 15 ? D 2  ? 
1 D G   15 1_555 D C   2  1_555 D C   16 1_555 D G   1  1_555 0.554  -1.925 3.082 1.377  -0.572 31.236  -3.468  -0.780 3.137 
-1.061 -2.555 31.271  26 DD_G15C16:G1C2_DD   D 15 ? D 2  ? D 16 ? D 1  ? 
# 
_pdbx_audit_support.funding_organization   
'National Institutes of Health/National Institute of General Medical Sciences (NIH/NIGMS)' 
_pdbx_audit_support.country                'United States' 
_pdbx_audit_support.grant_number           GM022778 
_pdbx_audit_support.ordinal                1 
# 
_atom_sites.entry_id                    5VJB 
_atom_sites.fract_transf_matrix[1][1]   -0.01237122 
_atom_sites.fract_transf_matrix[1][2]   0.00765268 
_atom_sites.fract_transf_matrix[1][3]   -0.01358963 
_atom_sites.fract_transf_matrix[2][1]   0.01269616 
_atom_sites.fract_transf_matrix[2][2]   0.00215459 
_atom_sites.fract_transf_matrix[2][3]   -0.01034455 
_atom_sites.fract_transf_matrix[3][1]   -0.00210942 
_atom_sites.fract_transf_matrix[3][2]   -0.01270772 
_atom_sites.fract_transf_matrix[3][3]   -0.00523575 
_atom_sites.fract_transf_vector[1]      -0.119246 
_atom_sites.fract_transf_vector[2]      0.956728 
_atom_sites.fract_transf_vector[3]      -0.558841 
# 
loop_
_atom_type.symbol 
BR 
C  
MG 
N  
O  
P  
# 
loop_
_atom_site.group_PDB 
_atom_site.id 
_atom_site.type_symbol 
_atom_site.label_atom_id 
_atom_site.label_alt_id 
_atom_site.label_comp_id 
_atom_site.label_asym_id 
_atom_site.label_entity_id 
_atom_site.label_seq_id 
_atom_site.pdbx_PDB_ins_code 
_atom_site.Cartn_x 
_atom_site.Cartn_y 
_atom_site.Cartn_z 
_atom_site.occupancy 
_atom_site.B_iso_or_equiv 
_atom_site.pdbx_formal_charge 
_atom_site.auth_seq_id 
_atom_site.auth_comp_id 
_atom_site.auth_asym_id 
_atom_site.auth_atom_id 
_atom_site.pdbx_PDB_model_num 
ATOM   1    O  "O5'" . G   A 1 1  ? 21.709  -5.030  -23.262 1.00 46.81  ? 1   G   A "O5'" 1 
ATOM   2    C  "C5'" . G   A 1 1  ? 23.101  -5.128  -22.975 1.00 48.60  ? 1   G   A "C5'" 1 
ATOM   3    C  "C4'" . G   A 1 1  ? 23.657  -3.745  -22.786 1.00 55.81  ? 1   G   A "C4'" 1 
ATOM   4    O  "O4'" . G   A 1 1  ? 23.368  -2.916  -23.941 1.00 52.07  ? 1   G   A "O4'" 1 
ATOM   5    C  "C3'" . G   A 1 1  ? 23.044  -2.946  -21.650 1.00 52.76  ? 1   G   A "C3'" 1 
ATOM   6    O  "O3'" . G   A 1 1  ? 23.583  -3.424  -20.430 1.00 57.87  ? 1   G   A "O3'" 1 
ATOM   7    C  "C2'" . G   A 1 1  ? 23.491  -1.545  -22.017 1.00 48.24  ? 1   G   A "C2'" 1 
ATOM   8    O  "O2'" . G   A 1 1  ? 24.857  -1.278  -21.775 1.00 48.83  ? 1   G   A "O2'" 1 
ATOM   9    C  "C1'" . G   A 1 1  ? 23.236  -1.560  -23.523 1.00 48.79  ? 1   G   A "C1'" 1 
ATOM   10   N  N9    . G   A 1 1  ? 21.881  -1.110  -23.838 1.00 40.62  ? 1   G   A N9    1 
ATOM   11   C  C8    . G   A 1 1  ? 20.837  -1.865  -24.303 1.00 34.04  ? 1   G   A C8    1 
ATOM   12   N  N7    . G   A 1 1  ? 19.740  -1.176  -24.460 1.00 40.27  ? 1   G   A N7    1 
ATOM   13   C  C5    . G   A 1 1  ? 20.072  0.099   -24.034 1.00 35.90  ? 1   G   A C5    1 
ATOM   14   C  C6    . G   A 1 1  ? 19.289  1.274   -23.969 1.00 41.99  ? 1   G   A C6    1 
ATOM   15   O  O6    . G   A 1 1  ? 18.109  1.427   -24.288 1.00 45.46  ? 1   G   A O6    1 
ATOM   16   N  N1    . G   A 1 1  ? 20.014  2.348   -23.471 1.00 38.15  ? 1   G   A N1    1 
ATOM   17   C  C2    . G   A 1 1  ? 21.330  2.301   -23.093 1.00 41.39  ? 1   G   A C2    1 
ATOM   18   N  N2    . G   A 1 1  ? 21.851  3.443   -22.625 1.00 38.16  ? 1   G   A N2    1 
ATOM   19   N  N3    . G   A 1 1  ? 22.086  1.216   -23.180 1.00 42.43  ? 1   G   A N3    1 
ATOM   20   C  C4    . G   A 1 1  ? 21.389  0.157   -23.642 1.00 38.85  ? 1   G   A C4    1 
ATOM   21   P  P     . C   A 1 2  ? 22.761  -3.209  -19.078 1.00 52.86  ? 2   C   A P     1 
ATOM   22   O  OP1   . C   A 1 2  ? 23.530  -3.888  -18.010 1.00 55.97  ? 2   C   A OP1   1 
ATOM   23   O  OP2   . C   A 1 2  ? 21.325  -3.562  -19.358 1.00 44.30  ? 2   C   A OP2   1 
ATOM   24   O  "O5'" . C   A 1 2  ? 22.933  -1.656  -18.776 1.00 45.61  ? 2   C   A "O5'" 1 
ATOM   25   C  "C5'" . C   A 1 2  ? 24.224  -1.048  -18.478 1.00 50.83  ? 2   C   A "C5'" 1 
ATOM   26   C  "C4'" . C   A 1 2  ? 24.035  0.437   -18.286 1.00 53.83  ? 2   C   A "C4'" 1 
ATOM   27   O  "O4'" . C   A 1 2  ? 23.518  1.058   -19.502 1.00 46.68  ? 2   C   A "O4'" 1 
ATOM   28   C  "C3'" . C   A 1 2  ? 22.982  0.790   -17.252 1.00 51.91  ? 2   C   A "C3'" 1 
ATOM   29   O  "O3'" . C   A 1 2  ? 23.614  0.653   -16.004 1.00 55.76  ? 2   C   A "O3'" 1 
ATOM   30   C  "C2'" . C   A 1 2  ? 22.636  2.214   -17.633 1.00 44.49  ? 2   C   A "C2'" 1 
ATOM   31   O  "O2'" . C   A 1 2  ? 23.654  3.132   -17.331 1.00 52.66  ? 2   C   A "O2'" 1 
ATOM   32   C  "C1'" . C   A 1 2  ? 22.630  2.100   -19.158 1.00 43.19  ? 2   C   A "C1'" 1 
ATOM   33   N  N1    . C   A 1 2  ? 21.280  1.814   -19.680 1.00 36.98  ? 2   C   A N1    1 
ATOM   34   C  C2    . C   A 1 2  ? 20.384  2.888   -19.718 1.00 38.28  ? 2   C   A C2    1 
ATOM   35   O  O2    . C   A 1 2  ? 20.778  4.003   -19.361 1.00 43.51  ? 2   C   A O2    1 
ATOM   36   N  N3    . C   A 1 2  ? 19.133  2.696   -20.185 1.00 35.72  ? 2   C   A N3    1 
ATOM   37   C  C4    . C   A 1 2  ? 18.743  1.476   -20.563 1.00 36.42  ? 2   C   A C4    1 
ATOM   38   N  N4    . C   A 1 2  ? 17.490  1.338   -21.021 1.00 31.89  ? 2   C   A N4    1 
ATOM   39   C  C5    . C   A 1 2  ? 19.610  0.344   -20.469 1.00 34.30  ? 2   C   A C5    1 
ATOM   40   C  C6    . C   A 1 2  ? 20.860  0.556   -20.018 1.00 36.40  ? 2   C   A C6    1 
ATOM   41   P  P     . G   A 1 3  ? 22.735  0.253   -14.714 1.00 53.96  ? 3   G   A P     1 
ATOM   42   O  OP1   . G   A 1 3  ? 23.685  -0.188  -13.659 1.00 52.50  ? 3   G   A OP1   1 
ATOM   43   O  OP2   . G   A 1 3  ? 21.528  -0.549  -15.116 1.00 49.42  ? 3   G   A OP2   1 
ATOM   44   O  "O5'" . G   A 1 3  ? 22.178  1.669   -14.266 1.00 51.56  ? 3   G   A "O5'" 1 
ATOM   45   C  "C5'" . G   A 1 3  ? 20.852  2.039   -14.498 1.00 46.84  ? 3   G   A "C5'" 1 
ATOM   46   C  "C4'" . G   A 1 3  ? 20.809  3.529   -14.381 1.00 48.30  ? 3   G   A "C4'" 1 
ATOM   47   O  "O4'" . G   A 1 3  ? 20.711  4.073   -15.716 1.00 48.94  ? 3   G   A "O4'" 1 
ATOM   48   C  "C3'" . G   A 1 3  ? 19.593  4.030   -13.622 1.00 42.97  ? 3   G   A "C3'" 1 
ATOM   49   O  "O3'" . G   A 1 3  ? 19.966  4.202   -12.273 1.00 47.22  ? 3   G   A "O3'" 1 
ATOM   50   C  "C2'" . G   A 1 3  ? 19.248  5.309   -14.347 1.00 44.21  ? 3   G   A "C2'" 1 
ATOM   51   O  "O2'" . G   A 1 3  ? 19.920  6.448   -13.894 1.00 38.72  ? 3   G   A "O2'" 1 
ATOM   52   C  "C1'" . G   A 1 3  ? 19.589  4.922   -15.786 1.00 45.63  ? 3   G   A "C1'" 1 
ATOM   53   N  N9    . G   A 1 3  ? 18.463  4.223   -16.410 1.00 41.60  ? 3   G   A N9    1 
ATOM   54   C  C8    . G   A 1 3  ? 18.314  2.906   -16.800 1.00 49.17  ? 3   G   A C8    1 
ATOM   55   N  N7    . G   A 1 3  ? 17.133  2.654   -17.304 1.00 44.44  ? 3   G   A N7    1 
ATOM   56   C  C5    . G   A 1 3  ? 16.464  3.871   -17.225 1.00 42.51  ? 3   G   A C5    1 
ATOM   57   C  C6    . G   A 1 3  ? 15.144  4.216   -17.582 1.00 39.66  ? 3   G   A C6    1 
ATOM   58   O  O6    . G   A 1 3  ? 14.282  3.514   -18.115 1.00 49.38  ? 3   G   A O6    1 
ATOM   59   N  N1    . G   A 1 3  ? 14.883  5.560   -17.344 1.00 40.44  ? 3   G   A N1    1 
ATOM   60   C  C2    . G   A 1 3  ? 15.752  6.449   -16.761 1.00 42.16  ? 3   G   A C2    1 
ATOM   61   N  N2    . G   A 1 3  ? 15.299  7.715   -16.591 1.00 40.38  ? 3   G   A N2    1 
ATOM   62   N  N3    . G   A 1 3  ? 16.986  6.139   -16.410 1.00 44.08  ? 3   G   A N3    1 
ATOM   63   C  C4    . G   A 1 3  ? 17.274  4.843   -16.674 1.00 37.78  ? 3   G   A C4    1 
ATOM   64   P  P     . G   A 1 4  ? 18.976  3.745   -11.151 1.00 40.82  ? 4   G   A P     1 
ATOM   65   O  OP1   . G   A 1 4  ? 19.597  4.080   -9.860  1.00 46.07  ? 4   G   A OP1   1 
ATOM   66   O  OP2   . G   A 1 4  ? 18.489  2.384   -11.466 1.00 37.76  ? 4   G   A OP2   1 
ATOM   67   O  "O5'" . G   A 1 4  ? 17.684  4.667   -11.330 1.00 35.70  ? 4   G   A "O5'" 1 
ATOM   68   C  "C5'" . G   A 1 4  ? 17.760  6.068   -11.076 1.00 41.53  ? 4   G   A "C5'" 1 
ATOM   69   C  "C4'" . G   A 1 4  ? 16.438  6.738   -11.405 1.00 39.77  ? 4   G   A "C4'" 1 
ATOM   70   O  "O4'" . G   A 1 4  ? 16.191  6.719   -12.835 1.00 39.26  ? 4   G   A "O4'" 1 
ATOM   71   C  "C3'" . G   A 1 4  ? 15.213  6.072   -10.832 1.00 38.15  ? 4   G   A "C3'" 1 
ATOM   72   O  "O3'" . G   A 1 4  ? 15.047  6.403   -9.471  1.00 33.13  ? 4   G   A "O3'" 1 
ATOM   73   C  "C2'" . G   A 1 4  ? 14.127  6.657   -11.709 1.00 38.63  ? 4   G   A "C2'" 1 
ATOM   74   O  "O2'" . G   A 1 4  ? 13.860  8.003   -11.415 1.00 37.12  ? 4   G   A "O2'" 1 
ATOM   75   C  "C1'" . G   A 1 4  ? 14.796  6.591   -13.075 1.00 38.19  ? 4   G   A "C1'" 1 
ATOM   76   N  N9    . G   A 1 4  ? 14.538  5.313   -13.722 1.00 34.58  ? 4   G   A N9    1 
ATOM   77   C  C8    . G   A 1 4  ? 15.379  4.224   -13.781 1.00 33.82  ? 4   G   A C8    1 
ATOM   78   N  N7    . G   A 1 4  ? 14.847  3.201   -14.389 1.00 34.40  ? 4   G   A N7    1 
ATOM   79   C  C5    . G   A 1 4  ? 13.578  3.637   -14.747 1.00 41.05  ? 4   G   A C5    1 
ATOM   80   C  C6    . G   A 1 4  ? 12.536  2.964   -15.432 1.00 38.13  ? 4   G   A C6    1 
ATOM   81   O  O6    . G   A 1 4  ? 12.526  1.809   -15.880 1.00 34.39  ? 4   G   A O6    1 
ATOM   82   N  N1    . G   A 1 4  ? 11.410  3.766   -15.557 1.00 36.56  ? 4   G   A N1    1 
ATOM   83   C  C2    . G   A 1 4  ? 11.321  5.069   -15.132 1.00 34.12  ? 4   G   A C2    1 
ATOM   84   N  N2    . G   A 1 4  ? 10.151  5.668   -15.321 1.00 36.91  ? 4   G   A N2    1 
ATOM   85   N  N3    . G   A 1 4  ? 12.281  5.704   -14.493 1.00 33.96  ? 4   G   A N3    1 
ATOM   86   C  C4    . G   A 1 4  ? 13.364  4.929   -14.314 1.00 32.52  ? 4   G   A C4    1 
ATOM   87   P  P     . G   A 1 5  ? 14.215  5.440   -8.511  1.00 37.12  ? 5   G   A P     1 
ATOM   88   O  OP1   . G   A 1 5  ? 14.313  5.954   -7.106  1.00 37.29  ? 5   G   A OP1   1 
ATOM   89   O  OP2   . G   A 1 5  ? 14.564  4.039   -8.813  1.00 32.67  ? 5   G   A OP2   1 
ATOM   90   O  "O5'" . G   A 1 5  ? 12.720  5.604   -9.025  1.00 31.82  ? 5   G   A "O5'" 1 
ATOM   91   C  "C5'" . G   A 1 5  ? 11.977  6.837   -8.820  1.00 34.17  ? 5   G   A "C5'" 1 
ATOM   92   C  "C4'" . G   A 1 5  ? 10.644  6.783   -9.542  1.00 30.81  ? 5   G   A "C4'" 1 
ATOM   93   O  "O4'" . G   A 1 5  ? 10.835  6.438   -10.945 1.00 35.52  ? 5   G   A "O4'" 1 
ATOM   94   C  "C3'" . G   A 1 5  ? 9.688   5.705   -9.058  1.00 33.16  ? 5   G   A "C3'" 1 
ATOM   95   O  "O3'" . G   A 1 5  ? 9.038   6.035   -7.833  1.00 37.30  ? 5   G   A "O3'" 1 
ATOM   96   C  "C2'" . G   A 1 5  ? 8.728   5.607   -10.240 1.00 33.69  ? 5   G   A "C2'" 1 
ATOM   97   O  "O2'" . G   A 1 5  ? 7.808   6.644   -10.263 1.00 33.48  ? 5   G   A "O2'" 1 
ATOM   98   C  "C1'" . G   A 1 5  ? 9.683   5.728   -11.424 1.00 32.59  ? 5   G   A "C1'" 1 
ATOM   99   N  N9    . G   A 1 5  ? 10.098  4.406   -11.878 1.00 37.73  ? 5   G   A N9    1 
ATOM   100  C  C8    . G   A 1 5  ? 11.280  3.768   -11.610 1.00 35.91  ? 5   G   A C8    1 
ATOM   101  N  N7    . G   A 1 5  ? 11.357  2.588   -12.154 1.00 36.78  ? 5   G   A N7    1 
ATOM   102  C  C5    . G   A 1 5  ? 10.133  2.416   -12.776 1.00 32.76  ? 5   G   A C5    1 
ATOM   103  C  C6    . G   A 1 5  ? 9.620   1.309   -13.479 1.00 32.77  ? 5   G   A C6    1 
ATOM   104  O  O6    . G   A 1 5  ? 10.165  0.229   -13.701 1.00 30.57  ? 5   G   A O6    1 
ATOM   105  N  N1    . G   A 1 5  ? 8.338   1.555   -13.957 1.00 33.42  ? 5   G   A N1    1 
ATOM   106  C  C2    . G   A 1 5  ? 7.624   2.706   -13.735 1.00 31.71  ? 5   G   A C2    1 
ATOM   107  N  N2    . G   A 1 5  ? 6.391   2.752   -14.241 1.00 36.81  ? 5   G   A N2    1 
ATOM   108  N  N3    . G   A 1 5  ? 8.084   3.737   -13.055 1.00 33.83  ? 5   G   A N3    1 
ATOM   109  C  C4    . G   A 1 5  ? 9.341   3.526   -12.612 1.00 33.90  ? 5   G   A C4    1 
ATOM   110  P  P     . G   A 1 6  ? 8.454   4.855   -6.877  1.00 36.87  ? 6   G   A P     1 
ATOM   111  O  OP1   . G   A 1 6  ? 7.969   5.483   -5.666  1.00 39.84  ? 6   G   A OP1   1 
ATOM   112  O  OP2   . G   A 1 6  ? 9.427   3.732   -6.801  1.00 33.71  ? 6   G   A OP2   1 
ATOM   113  O  "O5'" . G   A 1 6  ? 7.274   4.259   -7.780  1.00 38.48  ? 6   G   A "O5'" 1 
ATOM   114  C  "C5'" . G   A 1 6  ? 6.071   4.992   -7.997  1.00 36.72  ? 6   G   A "C5'" 1 
ATOM   115  C  "C4'" . G   A 1 6  ? 5.135   4.163   -8.859  1.00 35.91  ? 6   G   A "C4'" 1 
ATOM   116  O  "O4'" . G   A 1 6  ? 5.737   3.826   -10.149 1.00 33.86  ? 6   G   A "O4'" 1 
ATOM   117  C  "C3'" . G   A 1 6  ? 4.790   2.783   -8.318  1.00 37.22  ? 6   G   A "C3'" 1 
ATOM   118  O  "O3'" . G   A 1 6  ? 4.004   2.886   -7.144  1.00 35.82  ? 6   G   A "O3'" 1 
ATOM   119  C  "C2'" . G   A 1 6  ? 4.164   2.153   -9.556  1.00 38.42  ? 6   G   A "C2'" 1 
ATOM   120  O  "O2'" . G   A 1 6  ? 2.876   2.593   -9.890  1.00 37.28  ? 6   G   A "O2'" 1 
ATOM   121  C  "C1'" . G   A 1 6  ? 5.145   2.622   -10.635 1.00 32.31  ? 6   G   A "C1'" 1 
ATOM   122  N  N9    . G   A 1 6  ? 6.187   1.617   -10.775 1.00 32.31  ? 6   G   A N9    1 
ATOM   123  C  C8    . G   A 1 6  ? 7.467   1.660   -10.281 1.00 29.51  ? 6   G   A C8    1 
ATOM   124  N  N7    . G   A 1 6  ? 8.165   0.604   -10.579 1.00 31.32  ? 6   G   A N7    1 
ATOM   125  C  C5    . G   A 1 6  ? 7.292   -0.190  -11.305 1.00 33.39  ? 6   G   A C5    1 
ATOM   126  C  C6    . G   A 1 6  ? 7.486   -1.456  -11.889 1.00 30.58  ? 6   G   A C6    1 
ATOM   127  O  O6    . G   A 1 6  ? 8.492   -2.181  -11.844 1.00 35.20  ? 6   G   A O6    1 
ATOM   128  N  N1    . G   A 1 6  ? 6.329   -1.911  -12.515 1.00 31.26  ? 6   G   A N1    1 
ATOM   129  C  C2    . G   A 1 6  ? 5.156   -1.202  -12.619 1.00 32.50  ? 6   G   A C2    1 
ATOM   130  N  N2    . G   A 1 6  ? 4.162   -1.802  -13.264 1.00 36.80  ? 6   G   A N2    1 
ATOM   131  N  N3    . G   A 1 6  ? 4.965   -0.010  -12.087 1.00 35.73  ? 6   G   A N3    1 
ATOM   132  C  C4    . G   A 1 6  ? 6.058   0.415   -11.415 1.00 31.30  ? 6   G   A C4    1 
ATOM   133  P  P     . A   A 1 7  ? 3.754   1.624   -6.215  1.00 39.72  ? 7   A   A P     1 
ATOM   134  O  OP1   . A   A 1 7  ? 3.452   0.426   -7.060  1.00 41.87  ? 7   A   A OP1   1 
ATOM   135  O  OP2   . A   A 1 7  ? 2.863   2.047   -5.170  1.00 38.88  ? 7   A   A OP2   1 
ATOM   136  O  "O5'" . A   A 1 7  ? 5.210   1.219   -5.728  1.00 36.89  ? 7   A   A "O5'" 1 
ATOM   137  C  "C5'" . A   A 1 7  ? 5.914   2.043   -4.775  1.00 38.12  ? 7   A   A "C5'" 1 
ATOM   138  C  "C4'" . A   A 1 7  ? 6.443   1.215   -3.612  1.00 38.20  ? 7   A   A "C4'" 1 
ATOM   139  O  "O4'" . A   A 1 7  ? 5.341   0.782   -2.761  1.00 34.44  ? 7   A   A "O4'" 1 
ATOM   140  C  "C3'" . A   A 1 7  ? 7.208   -0.072  -3.915  1.00 36.29  ? 7   A   A "C3'" 1 
ATOM   141  O  "O3'" . A   A 1 7  ? 8.560   0.167   -4.302  1.00 36.13  ? 7   A   A "O3'" 1 
ATOM   142  C  "C2'" . A   A 1 7  ? 7.095   -0.784  -2.573  1.00 36.47  ? 7   A   A "C2'" 1 
ATOM   143  O  "O2'" . A   A 1 7  ? 7.942   -0.217  -1.607  1.00 46.26  ? 7   A   A "O2'" 1 
ATOM   144  C  "C1'" . A   A 1 7  ? 5.640   -0.500  -2.220  1.00 35.93  ? 7   A   A "C1'" 1 
ATOM   145  N  N9    . A   A 1 7  ? 4.706   -1.438  -2.840  1.00 34.32  ? 7   A   A N9    1 
ATOM   146  C  C8    . A   A 1 7  ? 3.569   -1.070  -3.514  1.00 36.17  ? 7   A   A C8    1 
ATOM   147  N  N7    . A   A 1 7  ? 2.889   -2.083  -3.991  1.00 36.52  ? 7   A   A N7    1 
ATOM   148  C  C5    . A   A 1 7  ? 3.595   -3.195  -3.555  1.00 37.50  ? 7   A   A C5    1 
ATOM   149  C  C6    . A   A 1 7  ? 3.382   -4.577  -3.720  1.00 37.48  ? 7   A   A C6    1 
ATOM   150  N  N6    . A   A 1 7  ? 2.347   -5.092  -4.392  1.00 39.52  ? 7   A   A N6    1 
ATOM   151  N  N1    . A   A 1 7  ? 4.301   -5.423  -3.196  1.00 41.05  ? 7   A   A N1    1 
ATOM   152  C  C2    . A   A 1 7  ? 5.330   -4.903  -2.504  1.00 33.73  ? 7   A   A C2    1 
ATOM   153  N  N3    . A   A 1 7  ? 5.631   -3.624  -2.280  1.00 36.91  ? 7   A   A N3    1 
ATOM   154  C  C4    . A   A 1 7  ? 4.715   -2.811  -2.838  1.00 32.58  ? 7   A   A C4    1 
ATOM   155  P  P     . C   A 1 8  ? 9.191   -0.538  -5.579  1.00 43.45  ? 8   C   A P     1 
ATOM   156  O  OP1   . C   A 1 8  ? 10.651  -0.315  -5.529  1.00 42.18  ? 8   C   A OP1   1 
ATOM   157  O  OP2   . C   A 1 8  ? 8.439   -0.151  -6.786  1.00 38.36  ? 8   C   A OP2   1 
ATOM   158  O  "O5'" . C   A 1 8  ? 8.886   -2.081  -5.351  1.00 42.19  ? 8   C   A "O5'" 1 
ATOM   159  C  "C5'" . C   A 1 8  ? 9.765   -2.829  -4.495  1.00 43.12  ? 8   C   A "C5'" 1 
ATOM   160  C  "C4'" . C   A 1 8  ? 9.619   -4.298  -4.783  1.00 42.44  ? 8   C   A "C4'" 1 
ATOM   161  O  "O4'" . C   A 1 8  ? 8.310   -4.750  -4.382  1.00 40.80  ? 8   C   A "O4'" 1 
ATOM   162  C  "C3'" . C   A 1 8  ? 9.666   -4.687  -6.241  1.00 42.57  ? 8   C   A "C3'" 1 
ATOM   163  O  "O3'" . C   A 1 8  ? 10.972  -4.816  -6.741  1.00 39.61  ? 8   C   A "O3'" 1 
ATOM   164  C  "C2'" . C   A 1 8  ? 9.024   -6.050  -6.208  1.00 38.67  ? 8   C   A "C2'" 1 
ATOM   165  O  "O2'" . C   A 1 8  ? 9.837   -7.030  -5.638  1.00 41.44  ? 8   C   A "O2'" 1 
ATOM   166  C  "C1'" . C   A 1 8  ? 7.890   -5.797  -5.240  1.00 39.09  ? 8   C   A "C1'" 1 
ATOM   167  N  N1    . C   A 1 8  ? 6.651   -5.398  -5.909  1.00 38.31  ? 8   C   A N1    1 
ATOM   168  C  C2    . C   A 1 8  ? 5.942   -6.363  -6.622  1.00 38.03  ? 8   C   A C2    1 
ATOM   169  O  O2    . C   A 1 8  ? 6.410   -7.504  -6.708  1.00 38.62  ? 8   C   A O2    1 
ATOM   170  N  N3    . C   A 1 8  ? 4.788   -6.014  -7.236  1.00 37.48  ? 8   C   A N3    1 
ATOM   171  C  C4    . C   A 1 8  ? 4.333   -4.763  -7.128  1.00 34.97  ? 8   C   A C4    1 
ATOM   172  N  N4    . C   A 1 8  ? 3.194   -4.461  -7.728  1.00 36.17  ? 8   C   A N4    1 
ATOM   173  C  C5    . C   A 1 8  ? 5.042   -3.759  -6.404  1.00 35.10  ? 8   C   A C5    1 
ATOM   174  C  C6    . C   A 1 8  ? 6.194   -4.111  -5.841  1.00 35.08  ? 8   C   A C6    1 
ATOM   175  P  P     . G   A 1 9  ? 11.244  -4.332  -8.199  1.00 46.37  ? 9   G   A P     1 
ATOM   176  O  OP1   . G   A 1 9  ? 12.695  -4.267  -8.406  1.00 48.08  ? 9   G   A OP1   1 
ATOM   177  O  OP2   . G   A 1 9  ? 10.392  -3.147  -8.442  1.00 40.44  ? 9   G   A OP2   1 
ATOM   178  O  "O5'" . G   A 1 9  ? 10.825  -5.575  -9.085  1.00 44.54  ? 9   G   A "O5'" 1 
ATOM   179  C  "C5'" . G   A 1 9  ? 11.506  -6.827  -8.973  1.00 42.91  ? 9   G   A "C5'" 1 
ATOM   180  C  "C4'" . G   A 1 9  ? 10.712  -7.888  -9.715  1.00 45.05  ? 9   G   A "C4'" 1 
ATOM   181  O  "O4'" . G   A 1 9  ? 9.374   -8.018  -9.161  1.00 48.67  ? 9   G   A "O4'" 1 
ATOM   182  C  "C3'" . G   A 1 9  ? 10.438  -7.584  -11.176 1.00 44.07  ? 9   G   A "C3'" 1 
ATOM   183  O  "O3'" . G   A 1 9  ? 11.536  -7.928  -11.975 1.00 43.49  ? 9   G   A "O3'" 1 
ATOM   184  C  "C2'" . G   A 1 9  ? 9.262   -8.502  -11.465 1.00 45.06  ? 9   G   A "C2'" 1 
ATOM   185  O  "O2'" . G   A 1 9  ? 9.650   -9.858  -11.613 1.00 44.74  ? 9   G   A "O2'" 1 
ATOM   186  C  "C1'" . G   A 1 9  ? 8.430   -8.266  -10.210 1.00 46.25  ? 9   G   A "C1'" 1 
ATOM   187  N  N9    . G   A 1 9  ? 7.507   -7.126  -10.305 1.00 41.36  ? 9   G   A N9    1 
ATOM   188  C  C8    . G   A 1 9  ? 7.654   -5.895  -9.713  1.00 36.93  ? 9   G   A C8    1 
ATOM   189  N  N7    . G   A 1 9  ? 6.664   -5.084  -9.959  1.00 33.69  ? 9   G   A N7    1 
ATOM   190  C  C5    . G   A 1 9  ? 5.809   -5.819  -10.765 1.00 37.91  ? 9   G   A C5    1 
ATOM   191  C  C6    . G   A 1 9  ? 4.543   -5.486  -11.302 1.00 30.75  ? 9   G   A C6    1 
ATOM   192  O  O6    . G   A 1 9  ? 3.922   -4.428  -11.210 1.00 33.59  ? 9   G   A O6    1 
ATOM   193  N  N1    . G   A 1 9  ? 4.010   -6.532  -12.045 1.00 38.57  ? 9   G   A N1    1 
ATOM   194  C  C2    . G   A 1 9  ? 4.588   -7.759  -12.201 1.00 37.27  ? 9   G   A C2    1 
ATOM   195  N  N2    . G   A 1 9  ? 3.907   -8.634  -12.939 1.00 42.64  ? 9   G   A N2    1 
ATOM   196  N  N3    . G   A 1 9  ? 5.758   -8.096  -11.687 1.00 39.80  ? 9   G   A N3    1 
ATOM   197  C  C4    . G   A 1 9  ? 6.296   -7.095  -10.959 1.00 42.13  ? 9   G   A C4    1 
ATOM   198  P  P     . A   A 1 10 ? 11.599  -7.438  -13.436 1.00 49.32  ? 10  A   A P     1 
ATOM   199  O  OP1   . A   A 1 10 ? 12.988  -7.592  -13.857 1.00 50.78  ? 10  A   A OP1   1 
ATOM   200  O  OP2   . A   A 1 10 ? 10.986  -6.091  -13.539 1.00 44.08  ? 10  A   A OP2   1 
ATOM   201  O  "O5'" . A   A 1 10 ? 10.644  -8.467  -14.183 1.00 51.52  ? 10  A   A "O5'" 1 
ATOM   202  C  "C5'" . A   A 1 10 ? 11.085  -9.782  -14.530 1.00 50.91  ? 10  A   A "C5'" 1 
ATOM   203  C  "C4'" . A   A 1 10 ? 10.435  -10.249 -15.805 1.00 52.13  ? 10  A   A "C4'" 1 
ATOM   204  O  "O4'" . A   A 1 10 ? 10.528  -11.699 -15.821 1.00 58.72  ? 10  A   A "O4'" 1 
ATOM   205  C  "C3'" . A   A 1 10 ? 8.945   -9.967  -15.983 1.00 51.68  ? 10  A   A "C3'" 1 
ATOM   206  O  "O3'" . A   A 1 10 ? 8.461   -10.176 -17.317 1.00 49.42  ? 10  A   A "O3'" 1 
ATOM   207  C  "C2'" . A   A 1 10 ? 8.341   -11.112 -15.206 1.00 57.34  ? 10  A   A "C2'" 1 
ATOM   208  O  "O2'" . A   A 1 10 ? 7.000   -11.336 -15.572 1.00 54.16  ? 10  A   A "O2'" 1 
ATOM   209  C  "C1'" . A   A 1 10 ? 9.236   -12.253 -15.687 1.00 60.63  ? 10  A   A "C1'" 1 
ATOM   210  N  N9    . A   A 1 10 ? 9.323   -13.421 -14.819 1.00 66.25  ? 10  A   A N9    1 
ATOM   211  C  C8    . A   A 1 10 ? 9.605   -14.707 -15.211 1.00 66.93  ? 10  A   A C8    1 
ATOM   212  N  N7    . A   A 1 10 ? 9.618   -15.569 -14.225 1.00 65.82  ? 10  A   A N7    1 
ATOM   213  C  C5    . A   A 1 10 ? 9.369   -14.793 -13.101 1.00 69.14  ? 10  A   A C5    1 
ATOM   214  C  C6    . A   A 1 10 ? 9.238   -15.118 -11.745 1.00 69.61  ? 10  A   A C6    1 
ATOM   215  N  N6    . A   A 1 10 ? 9.368   -16.357 -11.273 1.00 71.12  ? 10  A   A N6    1 
ATOM   216  N  N1    . A   A 1 10 ? 8.939   -14.119 -10.883 1.00 65.45  ? 10  A   A N1    1 
ATOM   217  C  C2    . A   A 1 10 ? 8.778   -12.881 -11.369 1.00 59.07  ? 10  A   A C2    1 
ATOM   218  N  N3    . A   A 1 10 ? 8.848   -12.458 -12.628 1.00 56.69  ? 10  A   A N3    1 
ATOM   219  C  C4    . A   A 1 10 ? 9.169   -13.470 -13.452 1.00 63.79  ? 10  A   A C4    1 
ATOM   220  P  P     . C   A 1 11 ? 8.299   -8.961  -18.302 1.00 52.26  ? 11  C   A P     1 
ATOM   221  O  OP1   . C   A 1 11 ? 8.176   -9.478  -19.692 1.00 62.86  ? 11  C   A OP1   1 
ATOM   222  O  OP2   . C   A 1 11 ? 9.336   -7.953  -17.955 1.00 61.17  ? 11  C   A OP2   1 
ATOM   223  O  "O5'" . C   A 1 11 ? 6.897   -8.319  -17.899 1.00 48.53  ? 11  C   A "O5'" 1 
ATOM   224  C  "C5'" . C   A 1 11 ? 5.649   -8.911  -18.288 1.00 50.74  ? 11  C   A "C5'" 1 
ATOM   225  C  "C4'" . C   A 1 11 ? 4.533   -8.004  -17.866 1.00 44.64  ? 11  C   A "C4'" 1 
ATOM   226  O  "O4'" . C   A 1 11 ? 4.483   -7.949  -16.408 1.00 38.63  ? 11  C   A "O4'" 1 
ATOM   227  C  "C3'" . C   A 1 11 ? 4.737   -6.554  -18.260 1.00 44.07  ? 11  C   A "C3'" 1 
ATOM   228  O  "O3'" . C   A 1 11 ? 4.393   -6.311  -19.604 1.00 50.51  ? 11  C   A "O3'" 1 
ATOM   229  C  "C2'" . C   A 1 11 ? 3.854   -5.846  -17.251 1.00 40.46  ? 11  C   A "C2'" 1 
ATOM   230  O  "O2'" . C   A 1 11 ? 2.469   -5.919  -17.471 1.00 45.31  ? 11  C   A "O2'" 1 
ATOM   231  C  "C1'" . C   A 1 11 ? 4.203   -6.627  -15.987 1.00 40.74  ? 11  C   A "C1'" 1 
ATOM   232  N  N1    . C   A 1 11 ? 5.381   -6.119  -15.250 1.00 40.84  ? 11  C   A N1    1 
ATOM   233  C  C2    . C   A 1 11 ? 5.281   -4.914  -14.541 1.00 42.22  ? 11  C   A C2    1 
ATOM   234  O  O2    . C   A 1 11 ? 4.220   -4.280  -14.581 1.00 45.78  ? 11  C   A O2    1 
ATOM   235  N  N3    . C   A 1 11 ? 6.347   -4.481  -13.820 1.00 40.55  ? 11  C   A N3    1 
ATOM   236  C  C4    . C   A 1 11 ? 7.478   -5.193  -13.812 1.00 39.61  ? 11  C   A C4    1 
ATOM   237  N  N4    . C   A 1 11 ? 8.515   -4.730  -13.100 1.00 46.51  ? 11  C   A N4    1 
ATOM   238  C  C5    . C   A 1 11 ? 7.612   -6.399  -14.553 1.00 42.68  ? 11  C   A C5    1 
ATOM   239  C  C6    . C   A 1 11 ? 6.551   -6.821  -15.250 1.00 36.41  ? 11  C   A C6    1 
ATOM   240  P  P     . C   A 1 12 ? 5.154   -5.186  -20.427 1.00 51.23  ? 12  C   A P     1 
ATOM   241  O  OP1   . C   A 1 12 ? 4.633   -5.231  -21.802 1.00 60.55  ? 12  C   A OP1   1 
ATOM   242  O  OP2   . C   A 1 12 ? 6.582   -5.330  -20.159 1.00 45.12  ? 12  C   A OP2   1 
ATOM   243  O  "O5'" . C   A 1 12 ? 4.673   -3.804  -19.819 1.00 42.52  ? 12  C   A "O5'" 1 
ATOM   244  C  "C5'" . C   A 1 12 ? 3.308   -3.435  -19.943 1.00 46.46  ? 12  C   A "C5'" 1 
ATOM   245  C  "C4'" . C   A 1 12 ? 3.045   -2.216  -19.114 1.00 45.75  ? 12  C   A "C4'" 1 
ATOM   246  O  "O4'" . C   A 1 12 ? 3.414   -2.461  -17.734 1.00 46.93  ? 12  C   A "O4'" 1 
ATOM   247  C  "C3'" . C   A 1 12 ? 3.891   -1.010  -19.451 1.00 49.06  ? 12  C   A "C3'" 1 
ATOM   248  O  "O3'" . C   A 1 12 ? 3.421   -0.321  -20.569 1.00 52.60  ? 12  C   A "O3'" 1 
ATOM   249  C  "C2'" . C   A 1 12 ? 3.716   -0.162  -18.202 1.00 44.01  ? 12  C   A "C2'" 1 
ATOM   250  O  "O2'" . C   A 1 12 ? 2.482   0.491   -17.999 1.00 42.27  ? 12  C   A "O2'" 1 
ATOM   251  C  "C1'" . C   A 1 12 ? 3.848   -1.236  -17.140 1.00 41.90  ? 12  C   A "C1'" 1 
ATOM   252  N  N1    . C   A 1 12 ? 5.237   -1.397  -16.680 1.00 44.83  ? 12  C   A N1    1 
ATOM   253  C  C2    . C   A 1 12 ? 5.797   -0.395  -15.864 1.00 39.64  ? 12  C   A C2    1 
ATOM   254  O  O2    . C   A 1 12 ? 5.154   0.638   -15.646 1.00 38.91  ? 12  C   A O2    1 
ATOM   255  N  N3    . C   A 1 12 ? 7.038   -0.562  -15.377 1.00 37.17  ? 12  C   A N3    1 
ATOM   256  C  C4    . C   A 1 12 ? 7.751   -1.637  -15.717 1.00 38.08  ? 12  C   A C4    1 
ATOM   257  N  N4    . C   A 1 12 ? 8.993   -1.727  -15.241 1.00 37.06  ? 12  C   A N4    1 
ATOM   258  C  C5    . C   A 1 12 ? 7.218   -2.668  -16.556 1.00 38.70  ? 12  C   A C5    1 
ATOM   259  C  C6    . C   A 1 12 ? 5.972   -2.499  -17.022 1.00 37.87  ? 12  C   A C6    1 
ATOM   260  P  P     . C   A 1 13 ? 4.457   0.318   -21.579 1.00 46.82  ? 13  C   A P     1 
ATOM   261  O  OP1   . C   A 1 13 ? 3.703   0.585   -22.832 1.00 56.17  ? 13  C   A OP1   1 
ATOM   262  O  OP2   . C   A 1 13 ? 5.710   -0.503  -21.584 1.00 47.72  ? 13  C   A OP2   1 
ATOM   263  O  "O5'" . C   A 1 13 ? 4.753   1.757   -20.976 1.00 42.58  ? 13  C   A "O5'" 1 
ATOM   264  C  "C5'" . C   A 1 13 ? 3.695   2.661   -20.676 1.00 44.30  ? 13  C   A "C5'" 1 
ATOM   265  C  "C4'" . C   A 1 13 ? 4.209   3.697   -19.716 1.00 49.00  ? 13  C   A "C4'" 1 
ATOM   266  O  "O4'" . C   A 1 13 ? 4.664   3.052   -18.496 1.00 49.61  ? 13  C   A "O4'" 1 
ATOM   267  C  "C3'" . C   A 1 13 ? 5.431   4.476   -20.188 1.00 50.17  ? 13  C   A "C3'" 1 
ATOM   268  O  "O3'" . C   A 1 13 ? 5.020   5.534   -21.019 1.00 56.08  ? 13  C   A "O3'" 1 
ATOM   269  C  "C2'" . C   A 1 13 ? 5.991   4.993   -18.878 1.00 47.69  ? 13  C   A "C2'" 1 
ATOM   270  O  "O2'" . C   A 1 13 ? 5.242   6.044   -18.332 1.00 51.51  ? 13  C   A "O2'" 1 
ATOM   271  C  "C1'" . C   A 1 13 ? 5.762   3.789   -17.971 1.00 47.51  ? 13  C   A "C1'" 1 
ATOM   272  N  N1    . C   A 1 13 ? 6.938   2.921   -17.877 1.00 41.91  ? 13  C   A N1    1 
ATOM   273  C  C2    . C   A 1 13 ? 7.989   3.366   -17.074 1.00 40.46  ? 13  C   A C2    1 
ATOM   274  O  O2    . C   A 1 13 ? 7.897   4.468   -16.538 1.00 34.39  ? 13  C   A O2    1 
ATOM   275  N  N3    . C   A 1 13 ? 9.071   2.583   -16.901 1.00 38.71  ? 13  C   A N3    1 
ATOM   276  C  C4    . C   A 1 13 ? 9.145   1.404   -17.518 1.00 37.48  ? 13  C   A C4    1 
ATOM   277  N  N4    . C   A 1 13 ? 10.261  0.689   -17.353 1.00 36.93  ? 13  C   A N4    1 
ATOM   278  C  C5    . C   A 1 13 ? 8.106   0.935   -18.379 1.00 37.59  ? 13  C   A C5    1 
ATOM   279  C  C6    . C   A 1 13 ? 7.023   1.714   -18.518 1.00 40.59  ? 13  C   A C6    1 
HETATM 280  P  P     . 5BU A 1 14 ? 6.018   6.197   -22.064 1.00 49.80  ? 14  5BU A P     1 
HETATM 281  O  OP1   . 5BU A 1 14 ? 5.266   7.349   -22.656 1.00 56.77  ? 14  5BU A OP1   1 
HETATM 282  O  OP2   . 5BU A 1 14 ? 6.732   5.125   -22.874 1.00 48.55  ? 14  5BU A OP2   1 
HETATM 283  O  "O5'" . 5BU A 1 14 ? 7.196   6.839   -21.126 1.00 46.27  ? 14  5BU A "O5'" 1 
HETATM 284  C  "C5'" . 5BU A 1 14 ? 6.914   8.073   -20.486 1.00 49.43  ? 14  5BU A "C5'" 1 
HETATM 285  C  "C4'" . 5BU A 1 14 ? 8.123   8.487   -19.668 1.00 48.64  ? 14  5BU A "C4'" 1 
HETATM 286  O  "O4'" . 5BU A 1 14 ? 8.459   7.507   -18.696 1.00 50.07  ? 14  5BU A "O4'" 1 
HETATM 287  C  "C3'" . 5BU A 1 14 ? 9.364   8.574   -20.490 1.00 40.26  ? 14  5BU A "C3'" 1 
HETATM 288  O  "O3'" . 5BU A 1 14 ? 9.520   9.838   -21.113 1.00 44.58  ? 14  5BU A "O3'" 1 
HETATM 289  C  "C2'" . 5BU A 1 14 ? 10.425  8.421   -19.463 1.00 44.24  ? 14  5BU A "C2'" 1 
HETATM 290  O  "O2'" . 5BU A 1 14 ? 10.484  9.601   -18.653 1.00 47.60  ? 14  5BU A "O2'" 1 
HETATM 291  C  "C1'" . 5BU A 1 14 ? 9.874   7.358   -18.614 1.00 43.49  ? 14  5BU A "C1'" 1 
HETATM 292  N  N1    . 5BU A 1 14 ? 10.310  6.028   -19.039 1.00 42.77  ? 14  5BU A N1    1 
HETATM 293  C  C2    . 5BU A 1 14 ? 11.506  5.484   -18.504 1.00 39.53  ? 14  5BU A C2    1 
HETATM 294  O  O2    . 5BU A 1 14 ? 12.221  6.176   -17.748 1.00 42.18  ? 14  5BU A O2    1 
HETATM 295  N  N3    . 5BU A 1 14 ? 11.936  4.256   -18.809 1.00 37.45  ? 14  5BU A N3    1 
HETATM 296  C  C4    . 5BU A 1 14 ? 11.198  3.464   -19.620 1.00 38.68  ? 14  5BU A C4    1 
HETATM 297  O  O4    . 5BU A 1 14 ? 11.538  2.312   -19.901 1.00 40.64  ? 14  5BU A O4    1 
HETATM 298  C  C5    . 5BU A 1 14 ? 9.978   3.955   -20.141 1.00 35.20  ? 14  5BU A C5    1 
HETATM 299  C  C6    . 5BU A 1 14 ? 9.566   5.249   -19.823 1.00 42.31  ? 14  5BU A C6    1 
HETATM 300  BR BR    . 5BU A 1 14 ? 8.888   2.959   -21.305 1.00 61.13  ? 14  5BU A BR    1 
ATOM   301  P  P     . G   A 1 15 ? 10.409  9.951   -22.467 1.00 48.25  ? 15  G   A P     1 
ATOM   302  O  OP1   . G   A 1 15 ? 10.019  11.199  -23.120 1.00 54.11  ? 15  G   A OP1   1 
ATOM   303  O  OP2   . G   A 1 15 ? 10.308  8.663   -23.186 1.00 49.53  ? 15  G   A OP2   1 
ATOM   304  O  "O5'" . G   A 1 15 ? 11.902  10.116  -21.930 1.00 42.42  ? 15  G   A "O5'" 1 
ATOM   305  C  "C5'" . G   A 1 15 ? 12.257  11.305  -21.240 1.00 40.79  ? 15  G   A "C5'" 1 
ATOM   306  C  "C4'" . G   A 1 15 ? 13.669  11.189  -20.773 1.00 39.43  ? 15  G   A "C4'" 1 
ATOM   307  O  "O4'" . G   A 1 15 ? 13.734  10.096  -19.825 1.00 40.15  ? 15  G   A "O4'" 1 
ATOM   308  C  "C3'" . G   A 1 15 ? 14.705  10.789  -21.805 1.00 39.16  ? 15  G   A "C3'" 1 
ATOM   309  O  "O3'" . G   A 1 15 ? 15.267  11.800  -22.613 1.00 41.01  ? 15  G   A "O3'" 1 
ATOM   310  C  "C2'" . G   A 1 15 ? 15.819  10.311  -20.905 1.00 38.23  ? 15  G   A "C2'" 1 
ATOM   311  O  "O2'" . G   A 1 15 ? 16.534  11.388  -20.324 1.00 40.61  ? 15  G   A "O2'" 1 
ATOM   312  C  "C1'" . G   A 1 15 ? 15.012  9.490   -19.905 1.00 41.06  ? 15  G   A "C1'" 1 
ATOM   313  N  N9    . G   A 1 15 ? 14.844  8.095   -20.306 1.00 36.66  ? 15  G   A N9    1 
ATOM   314  C  C8    . G   A 1 15 ? 13.733  7.475   -20.835 1.00 36.64  ? 15  G   A C8    1 
ATOM   315  N  N7    . G   A 1 15 ? 13.909  6.196   -21.032 1.00 36.50  ? 15  G   A N7    1 
ATOM   316  C  C5    . G   A 1 15 ? 15.220  5.967   -20.634 1.00 36.39  ? 15  G   A C5    1 
ATOM   317  C  C6    . G   A 1 15 ? 16.007  4.789   -20.698 1.00 36.63  ? 15  G   A C6    1 
ATOM   318  O  O6    . G   A 1 15 ? 15.677  3.663   -21.078 1.00 41.58  ? 15  G   A O6    1 
ATOM   319  N  N1    . G   A 1 15 ? 17.307  5.019   -20.272 1.00 34.00  ? 15  G   A N1    1 
ATOM   320  C  C2    . G   A 1 15 ? 17.788  6.225   -19.830 1.00 35.79  ? 15  G   A C2    1 
ATOM   321  N  N2    . G   A 1 15 ? 19.059  6.241   -19.426 1.00 37.39  ? 15  G   A N2    1 
ATOM   322  N  N3    . G   A 1 15 ? 17.070  7.335   -19.780 1.00 34.44  ? 15  G   A N3    1 
ATOM   323  C  C4    . G   A 1 15 ? 15.814  7.139   -20.216 1.00 32.96  ? 15  G   A C4    1 
ATOM   324  P  P     . C   A 1 16 ? 15.739  11.442  -24.138 1.00 41.75  ? 16  C   A P     1 
ATOM   325  O  OP1   . C   A 1 16 ? 16.050  12.738  -24.763 1.00 41.51  ? 16  C   A OP1   1 
ATOM   326  O  OP2   . C   A 1 16 ? 14.722  10.514  -24.676 1.00 41.60  ? 16  C   A OP2   1 
ATOM   327  O  "O5'" . C   A 1 16 ? 17.168  10.793  -23.920 1.00 41.93  ? 16  C   A "O5'" 1 
ATOM   328  C  "C5'" . C   A 1 16 ? 18.221  11.560  -23.329 1.00 44.62  ? 16  C   A "C5'" 1 
ATOM   329  C  "C4'" . C   A 1 16 ? 19.366  10.660  -23.028 1.00 43.38  ? 16  C   A "C4'" 1 
ATOM   330  O  "O4'" . C   A 1 16 ? 18.876  9.560   -22.230 1.00 44.03  ? 16  C   A "O4'" 1 
ATOM   331  C  "C3'" . C   A 1 16 ? 19.939  9.947   -24.245 1.00 45.59  ? 16  C   A "C3'" 1 
ATOM   332  O  "O3'" . C   A 1 16 ? 20.888  10.723  -24.932 1.00 52.05  ? 16  C   A "O3'" 1 
ATOM   333  C  "C2'" . C   A 1 16 ? 20.659  8.790   -23.600 1.00 38.56  ? 16  C   A "C2'" 1 
ATOM   334  O  "O2'" . C   A 1 16 ? 21.895  9.184   -23.076 1.00 47.68  ? 16  C   A "O2'" 1 
ATOM   335  C  "C1'" . C   A 1 16 ? 19.692  8.433   -22.475 1.00 44.31  ? 16  C   A "C1'" 1 
ATOM   336  N  N1    . C   A 1 16 ? 18.857  7.311   -22.883 1.00 38.73  ? 16  C   A N1    1 
ATOM   337  C  C2    . C   A 1 16 ? 19.454  6.042   -22.892 1.00 44.36  ? 16  C   A C2    1 
ATOM   338  O  O2    . C   A 1 16 ? 20.633  5.928   -22.499 1.00 39.46  ? 16  C   A O2    1 
ATOM   339  N  N3    . C   A 1 16 ? 18.745  4.982   -23.341 1.00 34.41  ? 16  C   A N3    1 
ATOM   340  C  C4    . C   A 1 16 ? 17.488  5.155   -23.765 1.00 37.04  ? 16  C   A C4    1 
ATOM   341  N  N4    . C   A 1 16 ? 16.805  4.079   -24.134 1.00 37.18  ? 16  C   A N4    1 
ATOM   342  C  C5    . C   A 1 16 ? 16.872  6.439   -23.801 1.00 33.30  ? 16  C   A C5    1 
ATOM   343  C  C6    . C   A 1 16 ? 17.587  7.481   -23.358 1.00 39.71  ? 16  C   A C6    1 
ATOM   344  O  "O5'" . G   B 1 1  ? -3.933  -23.737 -1.284  1.00 49.73  ? 1   G   B "O5'" 1 
ATOM   345  C  "C5'" . G   B 1 1  ? -4.467  -24.904 -1.935  1.00 50.10  ? 1   G   B "C5'" 1 
ATOM   346  C  "C4'" . G   B 1 1  ? -5.965  -24.877 -1.826  1.00 48.97  ? 1   G   B "C4'" 1 
ATOM   347  O  "O4'" . G   B 1 1  ? -6.333  -24.811 -0.419  1.00 48.50  ? 1   G   B "O4'" 1 
ATOM   348  C  "C3'" . G   B 1 1  ? -6.660  -23.666 -2.430  1.00 47.30  ? 1   G   B "C3'" 1 
ATOM   349  O  "O3'" . G   B 1 1  ? -6.917  -23.859 -3.801  1.00 53.23  ? 1   G   B "O3'" 1 
ATOM   350  C  "C2'" . G   B 1 1  ? -7.981  -23.698 -1.683  1.00 45.53  ? 1   G   B "C2'" 1 
ATOM   351  O  "O2'" . G   B 1 1  ? -8.816  -24.714 -2.193  1.00 45.90  ? 1   G   B "O2'" 1 
ATOM   352  C  "C1'" . G   B 1 1  ? -7.492  -24.008 -0.270  1.00 42.35  ? 1   G   B "C1'" 1 
ATOM   353  N  N9    . G   B 1 1  ? -7.131  -22.811 0.484   1.00 39.91  ? 1   G   B N9    1 
ATOM   354  C  C8    . G   B 1 1  ? -5.888  -22.393 0.884   1.00 40.58  ? 1   G   B C8    1 
ATOM   355  N  N7    . G   B 1 1  ? -5.913  -21.255 1.525   1.00 40.34  ? 1   G   B N7    1 
ATOM   356  C  C5    . G   B 1 1  ? -7.254  -20.903 1.546   1.00 40.76  ? 1   G   B C5    1 
ATOM   357  C  C6    . G   B 1 1  ? -7.901  -19.758 2.090   1.00 42.91  ? 1   G   B C6    1 
ATOM   358  O  O6    . G   B 1 1  ? -7.408  -18.815 2.717   1.00 39.85  ? 1   G   B O6    1 
ATOM   359  N  N1    . G   B 1 1  ? -9.270  -19.799 1.873   1.00 35.76  ? 1   G   B N1    1 
ATOM   360  C  C2    . G   B 1 1  ? -9.934  -20.805 1.221   1.00 38.23  ? 1   G   B C2    1 
ATOM   361  N  N2    . G   B 1 1  ? -11.256 -20.642 1.066   1.00 34.11  ? 1   G   B N2    1 
ATOM   362  N  N3    . G   B 1 1  ? -9.347  -21.875 0.720   1.00 38.96  ? 1   G   B N3    1 
ATOM   363  C  C4    . G   B 1 1  ? -8.016  -21.851 0.904   1.00 39.65  ? 1   G   B C4    1 
ATOM   364  P  P     . C   B 1 2  ? -6.837  -22.627 -4.857  1.00 46.11  ? 2   C   B P     1 
ATOM   365  O  OP1   . C   B 1 2  ? -6.820  -23.259 -6.196  1.00 54.39  ? 2   C   B OP1   1 
ATOM   366  O  OP2   . C   B 1 2  ? -5.739  -21.719 -4.434  1.00 39.04  ? 2   C   B OP2   1 
ATOM   367  O  "O5'" . C   B 1 2  ? -8.305  -22.022 -4.758  1.00 41.00  ? 2   C   B "O5'" 1 
ATOM   368  C  "C5'" . C   B 1 2  ? -9.472  -22.823 -5.054  1.00 40.10  ? 2   C   B "C5'" 1 
ATOM   369  C  "C4'" . C   B 1 2  ? -10.684 -22.093 -4.553  1.00 43.72  ? 2   C   B "C4'" 1 
ATOM   370  O  "O4'" . C   B 1 2  ? -10.592 -21.924 -3.108  1.00 47.14  ? 2   C   B "O4'" 1 
ATOM   371  C  "C3'" . C   B 1 2  ? -10.849 -20.659 -5.057  1.00 41.28  ? 2   C   B "C3'" 1 
ATOM   372  O  "O3'" . C   B 1 2  ? -11.425 -20.630 -6.367  1.00 48.00  ? 2   C   B "O3'" 1 
ATOM   373  C  "C2'" . C   B 1 2  ? -11.801 -20.093 -4.018  1.00 38.45  ? 2   C   B "C2'" 1 
ATOM   374  O  "O2'" . C   B 1 2  ? -13.114 -20.582 -4.154  1.00 44.61  ? 2   C   B "O2'" 1 
ATOM   375  C  "C1'" . C   B 1 2  ? -11.207 -20.681 -2.740  1.00 41.69  ? 2   C   B "C1'" 1 
ATOM   376  N  N1    . C   B 1 2  ? -10.201 -19.805 -2.107  1.00 36.59  ? 2   C   B N1    1 
ATOM   377  C  C2    . C   B 1 2  ? -10.653 -18.703 -1.384  1.00 36.99  ? 2   C   B C2    1 
ATOM   378  O  O2    . C   B 1 2  ? -11.868 -18.499 -1.308  1.00 39.96  ? 2   C   B O2    1 
ATOM   379  N  N3    . C   B 1 2  ? -9.762  -17.935 -0.723  1.00 35.11  ? 2   C   B N3    1 
ATOM   380  C  C4    . C   B 1 2  ? -8.456  -18.158 -0.864  1.00 38.19  ? 2   C   B C4    1 
ATOM   381  N  N4    . C   B 1 2  ? -7.610  -17.342 -0.227  1.00 37.01  ? 2   C   B N4    1 
ATOM   382  C  C5    . C   B 1 2  ? -7.959  -19.249 -1.635  1.00 38.88  ? 2   C   B C5    1 
ATOM   383  C  C6    . C   B 1 2  ? -8.859  -20.039 -2.237  1.00 36.81  ? 2   C   B C6    1 
ATOM   384  P  P     . G   B 1 3  ? -11.287 -19.321 -7.317  1.00 54.20  ? 3   G   B P     1 
ATOM   385  O  OP1   . G   B 1 3  ? -11.867 -19.681 -8.627  1.00 57.26  ? 3   G   B OP1   1 
ATOM   386  O  OP2   . G   B 1 3  ? -9.943  -18.686 -7.175  1.00 41.01  ? 3   G   B OP2   1 
ATOM   387  O  "O5'" . G   B 1 3  ? -12.130 -18.175 -6.581  1.00 47.88  ? 3   G   B "O5'" 1 
ATOM   388  C  "C5'" . G   B 1 3  ? -13.543 -18.185 -6.628  1.00 41.39  ? 3   G   B "C5'" 1 
ATOM   389  C  "C4'" . G   B 1 3  ? -14.070 -16.995 -5.868  1.00 46.77  ? 3   G   B "C4'" 1 
ATOM   390  O  "O4'" . G   B 1 3  ? -13.543 -17.018 -4.525  1.00 41.12  ? 3   G   B "O4'" 1 
ATOM   391  C  "C3'" . G   B 1 3  ? -13.634 -15.613 -6.317  1.00 45.34  ? 3   G   B "C3'" 1 
ATOM   392  O  "O3'" . G   B 1 3  ? -14.302 -15.103 -7.449  1.00 42.99  ? 3   G   B "O3'" 1 
ATOM   393  C  "C2'" . G   B 1 3  ? -14.058 -14.798 -5.119  1.00 44.54  ? 3   G   B "C2'" 1 
ATOM   394  O  "O2'" . G   B 1 3  ? -15.457 -14.635 -5.029  1.00 37.12  ? 3   G   B "O2'" 1 
ATOM   395  C  "C1'" . G   B 1 3  ? -13.596 -15.715 -3.987  1.00 40.62  ? 3   G   B "C1'" 1 
ATOM   396  N  N9    . G   B 1 3  ? -12.285 -15.312 -3.483  1.00 35.61  ? 3   G   B N9    1 
ATOM   397  C  C8    . G   B 1 3  ? -11.040 -15.864 -3.682  1.00 35.24  ? 3   G   B C8    1 
ATOM   398  N  N7    . G   B 1 3  ? -10.081 -15.174 -3.123  1.00 34.21  ? 3   G   B N7    1 
ATOM   399  C  C5    . G   B 1 3  ? -10.728 -14.065 -2.583  1.00 34.21  ? 3   G   B C5    1 
ATOM   400  C  C6    . G   B 1 3  ? -10.222 -12.983 -1.798  1.00 33.83  ? 3   G   B C6    1 
ATOM   401  O  O6    . G   B 1 3  ? -9.041  -12.724 -1.500  1.00 32.02  ? 3   G   B O6    1 
ATOM   402  N  N1    . G   B 1 3  ? -11.238 -12.100 -1.431  1.00 33.23  ? 3   G   B N1    1 
ATOM   403  C  C2    . G   B 1 3  ? -12.578 -12.282 -1.704  1.00 35.82  ? 3   G   B C2    1 
ATOM   404  N  N2    . G   B 1 3  ? -13.412 -11.342 -1.261  1.00 34.38  ? 3   G   B N2    1 
ATOM   405  N  N3    . G   B 1 3  ? -13.059 -13.291 -2.405  1.00 38.07  ? 3   G   B N3    1 
ATOM   406  C  C4    . G   B 1 3  ? -12.091 -14.158 -2.772  1.00 34.60  ? 3   G   B C4    1 
ATOM   407  P  P     . G   B 1 4  ? -13.548 -14.132 -8.488  1.00 40.91  ? 4   G   B P     1 
ATOM   408  O  OP1   . G   B 1 4  ? -14.434 -14.091 -9.670  1.00 40.85  ? 4   G   B OP1   1 
ATOM   409  O  OP2   . G   B 1 4  ? -12.183 -14.563 -8.599  1.00 36.89  ? 4   G   B OP2   1 
ATOM   410  O  "O5'" . G   B 1 4  ? -13.439 -12.708 -7.778  1.00 40.38  ? 4   G   B "O5'" 1 
ATOM   411  C  "C5'" . G   B 1 4  ? -14.648 -11.951 -7.615  1.00 41.32  ? 4   G   B "C5'" 1 
ATOM   412  C  "C4'" . G   B 1 4  ? -14.376 -10.715 -6.825  1.00 34.70  ? 4   G   B "C4'" 1 
ATOM   413  O  "O4'" . G   B 1 4  ? -13.896 -11.099 -5.509  1.00 36.90  ? 4   G   B "O4'" 1 
ATOM   414  C  "C3'" . G   B 1 4  ? -13.263 -9.818  -7.327  1.00 40.20  ? 4   G   B "C3'" 1 
ATOM   415  O  "O3'" . G   B 1 4  ? -13.628 -9.125  -8.503  1.00 37.77  ? 4   G   B "O3'" 1 
ATOM   416  C  "C2'" . G   B 1 4  ? -13.033 -8.984  -6.078  1.00 35.87  ? 4   G   B "C2'" 1 
ATOM   417  O  "O2'" . G   B 1 4  ? -14.095 -8.045  -5.911  1.00 34.07  ? 4   G   B "O2'" 1 
ATOM   418  C  "C1'" . G   B 1 4  ? -13.032 -10.096 -5.011  1.00 34.50  ? 4   G   B "C1'" 1 
ATOM   419  N  N9    . G   B 1 4  ? -11.713 -10.692 -4.831  1.00 34.41  ? 4   G   B N9    1 
ATOM   420  C  C8    . G   B 1 4  ? -11.227 -11.862 -5.367  1.00 34.65  ? 4   G   B C8    1 
ATOM   421  N  N7    . G   B 1 4  ? -9.968  -12.068 -5.083  1.00 36.42  ? 4   G   B N7    1 
ATOM   422  C  C5    . G   B 1 4  ? -9.599  -10.961 -4.328  1.00 31.39  ? 4   G   B C5    1 
ATOM   423  C  C6    . G   B 1 4  ? -8.353  -10.623 -3.733  1.00 34.32  ? 4   G   B C6    1 
ATOM   424  O  O6    . G   B 1 4  ? -7.297  -11.252 -3.748  1.00 34.32  ? 4   G   B O6    1 
ATOM   425  N  N1    . G   B 1 4  ? -8.410  -9.391  -3.091  1.00 32.88  ? 4   G   B N1    1 
ATOM   426  C  C2    . G   B 1 4  ? -9.529  -8.600  -3.003  1.00 35.73  ? 4   G   B C2    1 
ATOM   427  N  N2    . G   B 1 4  ? -9.393  -7.465  -2.324  1.00 36.65  ? 4   G   B N2    1 
ATOM   428  N  N3    . G   B 1 4  ? -10.702 -8.918  -3.522  1.00 32.88  ? 4   G   B N3    1 
ATOM   429  C  C4    . G   B 1 4  ? -10.665 -10.106 -4.160  1.00 31.80  ? 4   G   B C4    1 
ATOM   430  P  P     . G   B 1 5  ? -12.525 -8.645  -9.539  1.00 39.49  ? 5   G   B P     1 
ATOM   431  O  OP1   . G   B 1 5  ? -13.210 -8.101  -10.699 1.00 42.40  ? 5   G   B OP1   1 
ATOM   432  O  OP2   . G   B 1 5  ? -11.577 -9.741  -9.755  1.00 38.18  ? 5   G   B OP2   1 
ATOM   433  O  "O5'" . G   B 1 5  ? -11.803 -7.445  -8.782  1.00 35.52  ? 5   G   B "O5'" 1 
ATOM   434  C  "C5'" . G   B 1 5  ? -12.514 -6.324  -8.294  1.00 40.74  ? 5   G   B "C5'" 1 
ATOM   435  C  "C4'" . G   B 1 5  ? -11.619 -5.464  -7.435  1.00 37.22  ? 5   G   B "C4'" 1 
ATOM   436  O  "O4'" . G   B 1 5  ? -11.199 -6.180  -6.246  1.00 40.44  ? 5   G   B "O4'" 1 
ATOM   437  C  "C3'" . G   B 1 5  ? -10.305 -5.026  -8.066  1.00 43.87  ? 5   G   B "C3'" 1 
ATOM   438  O  "O3'" . G   B 1 5  ? -10.492 -3.943  -8.958  1.00 39.83  ? 5   G   B "O3'" 1 
ATOM   439  C  "C2'" . G   B 1 5  ? -9.508  -4.625  -6.836  1.00 41.23  ? 5   G   B "C2'" 1 
ATOM   440  O  "O2'" . G   B 1 5  ? -9.911  -3.379  -6.324  1.00 47.00  ? 5   G   B "O2'" 1 
ATOM   441  C  "C1'" . G   B 1 5  ? -9.878  -5.749  -5.871  1.00 38.71  ? 5   G   B "C1'" 1 
ATOM   442  N  N9    . G   B 1 5  ? -8.941  -6.859  -6.017  1.00 36.62  ? 5   G   B N9    1 
ATOM   443  C  C8    . G   B 1 5  ? -9.142  -8.051  -6.675  1.00 35.55  ? 5   G   B C8    1 
ATOM   444  N  N7    . G   B 1 5  ? -8.094  -8.835  -6.648  1.00 32.46  ? 5   G   B N7    1 
ATOM   445  C  C5    . G   B 1 5  ? -7.147  -8.118  -5.929  1.00 33.63  ? 5   G   B C5    1 
ATOM   446  C  C6    . G   B 1 5  ? -5.828  -8.473  -5.547  1.00 31.57  ? 5   G   B C6    1 
ATOM   447  O  O6    . G   B 1 5  ? -5.220  -9.503  -5.797  1.00 33.37  ? 5   G   B O6    1 
ATOM   448  N  N1    . G   B 1 5  ? -5.228  -7.485  -4.772  1.00 30.66  ? 5   G   B N1    1 
ATOM   449  C  C2    . G   B 1 5  ? -5.808  -6.276  -4.459  1.00 37.09  ? 5   G   B C2    1 
ATOM   450  N  N2    . G   B 1 5  ? -5.061  -5.436  -3.733  1.00 33.24  ? 5   G   B N2    1 
ATOM   451  N  N3    . G   B 1 5  ? -7.055  -5.948  -4.776  1.00 34.46  ? 5   G   B N3    1 
ATOM   452  C  C4    . G   B 1 5  ? -7.663  -6.915  -5.499  1.00 33.75  ? 5   G   B C4    1 
ATOM   453  P  P     . G   B 1 6  ? -9.607  -3.795  -10.304 1.00 40.96  ? 6   G   B P     1 
ATOM   454  O  OP1   . G   B 1 6  ? -10.061 -2.589  -11.036 1.00 45.73  ? 6   G   B OP1   1 
ATOM   455  O  OP2   . G   B 1 6  ? -9.559  -5.073  -11.007 1.00 36.63  ? 6   G   B OP2   1 
ATOM   456  O  "O5'" . G   B 1 6  ? -8.147  -3.508  -9.713  1.00 44.06  ? 6   G   B "O5'" 1 
ATOM   457  C  "C5'" . G   B 1 6  ? -7.933  -2.290  -9.028  1.00 42.85  ? 6   G   B "C5'" 1 
ATOM   458  C  "C4'" . G   B 1 6  ? -6.596  -2.298  -8.355  1.00 41.37  ? 6   G   B "C4'" 1 
ATOM   459  O  "O4'" . G   B 1 6  ? -6.501  -3.350  -7.358  1.00 38.80  ? 6   G   B "O4'" 1 
ATOM   460  C  "C3'" . G   B 1 6  ? -5.394  -2.589  -9.238  1.00 41.17  ? 6   G   B "C3'" 1 
ATOM   461  O  "O3'" . G   B 1 6  ? -5.174  -1.480  -10.099 1.00 43.68  ? 6   G   B "O3'" 1 
ATOM   462  C  "C2'" . G   B 1 6  ? -4.349  -2.799  -8.162  1.00 40.01  ? 6   G   B "C2'" 1 
ATOM   463  O  "O2'" . G   B 1 6  ? -4.023  -1.652  -7.408  1.00 38.12  ? 6   G   B "O2'" 1 
ATOM   464  C  "C1'" . G   B 1 6  ? -5.130  -3.681  -7.195  1.00 34.27  ? 6   G   B "C1'" 1 
ATOM   465  N  N9    . G   B 1 6  ? -4.905  -5.069  -7.559  1.00 35.83  ? 6   G   B N9    1 
ATOM   466  C  C8    . G   B 1 6  ? -5.718  -5.931  -8.246  1.00 29.89  ? 6   G   B C8    1 
ATOM   467  N  N7    . G   B 1 6  ? -5.158  -7.088  -8.477  1.00 32.39  ? 6   G   B N7    1 
ATOM   468  C  C5    . G   B 1 6  ? -3.906  -6.984  -7.893  1.00 33.57  ? 6   G   B C5    1 
ATOM   469  C  C6    . G   B 1 6  ? -2.863  -7.929  -7.782  1.00 38.72  ? 6   G   B C6    1 
ATOM   470  O  O6    . G   B 1 6  ? -2.809  -9.073  -8.242  1.00 29.66  ? 6   G   B O6    1 
ATOM   471  N  N1    . G   B 1 6  ? -1.760  -7.399  -7.120  1.00 34.57  ? 6   G   B N1    1 
ATOM   472  C  C2    . G   B 1 6  ? -1.661  -6.110  -6.668  1.00 37.71  ? 6   G   B C2    1 
ATOM   473  N  N2    . G   B 1 6  ? -0.502  -5.776  -6.076  1.00 35.87  ? 6   G   B N2    1 
ATOM   474  N  N3    . G   B 1 6  ? -2.656  -5.241  -6.702  1.00 34.24  ? 6   G   B N3    1 
ATOM   475  C  C4    . G   B 1 6  ? -3.733  -5.737  -7.333  1.00 36.30  ? 6   G   B C4    1 
ATOM   476  P  P     . A   B 1 7  ? -4.151  -1.569  -11.359 1.00 47.48  ? 7   A   B P     1 
ATOM   477  O  OP1   . A   B 1 7  ? -2.816  -1.974  -10.855 1.00 43.12  ? 7   A   B OP1   1 
ATOM   478  O  OP2   . A   B 1 7  ? -4.249  -0.289  -12.038 1.00 40.42  ? 7   A   B OP2   1 
ATOM   479  O  "O5'" . A   B 1 7  ? -4.747  -2.757  -12.257 1.00 46.53  ? 7   A   B "O5'" 1 
ATOM   480  C  "C5'" . A   B 1 7  ? -6.025  -2.650  -12.919 1.00 46.70  ? 7   A   B "C5'" 1 
ATOM   481  C  "C4'" . A   B 1 7  ? -5.952  -3.192  -14.330 1.00 44.57  ? 7   A   B "C4'" 1 
ATOM   482  O  "O4'" . A   B 1 7  ? -5.168  -2.287  -15.158 1.00 39.35  ? 7   A   B "O4'" 1 
ATOM   483  C  "C3'" . A   B 1 7  ? -5.279  -4.533  -14.523 1.00 42.81  ? 7   A   B "C3'" 1 
ATOM   484  O  "O3'" . A   B 1 7  ? -6.147  -5.629  -14.272 1.00 43.16  ? 7   A   B "O3'" 1 
ATOM   485  C  "C2'" . A   B 1 7  ? -4.891  -4.464  -15.992 1.00 46.75  ? 7   A   B "C2'" 1 
ATOM   486  O  "O2'" . A   B 1 7  ? -5.972  -4.762  -16.869 1.00 48.81  ? 7   A   B "O2'" 1 
ATOM   487  C  "C1'" . A   B 1 7  ? -4.406  -3.021  -16.089 1.00 41.41  ? 7   A   B "C1'" 1 
ATOM   488  N  N9    . A   B 1 7  ? -3.013  -2.824  -15.710 1.00 40.18  ? 7   A   B N9    1 
ATOM   489  C  C8    . A   B 1 7  ? -2.565  -1.888  -14.810 1.00 42.49  ? 7   A   B C8    1 
ATOM   490  N  N7    . A   B 1 7  ? -1.266  -1.899  -14.637 1.00 39.83  ? 7   A   B N7    1 
ATOM   491  C  C5    . A   B 1 7  ? -0.825  -2.889  -15.503 1.00 41.27  ? 7   A   B C5    1 
ATOM   492  C  C6    . A   B 1 7  ? 0.448   -3.402  -15.772 1.00 41.12  ? 7   A   B C6    1 
ATOM   493  N  N6    . A   B 1 7  ? 1.563   -2.949  -15.192 1.00 43.91  ? 7   A   B N6    1 
ATOM   494  N  N1    . A   B 1 7  ? 0.550   -4.385  -16.694 1.00 45.35  ? 7   A   B N1    1 
ATOM   495  C  C2    . A   B 1 7  ? -0.569  -4.828  -17.285 1.00 42.32  ? 7   A   B C2    1 
ATOM   496  N  N3    . A   B 1 7  ? -1.826  -4.441  -17.096 1.00 45.61  ? 7   A   B N3    1 
ATOM   497  C  C4    . A   B 1 7  ? -1.888  -3.456  -16.181 1.00 39.54  ? 7   A   B C4    1 
ATOM   498  P  P     . C   B 1 8  ? -5.652  -6.772  -13.316 1.00 48.29  ? 8   C   B P     1 
ATOM   499  O  OP1   . C   B 1 8  ? -6.553  -7.944  -13.409 1.00 50.40  ? 8   C   B OP1   1 
ATOM   500  O  OP2   . C   B 1 8  ? -5.316  -6.159  -11.970 1.00 47.16  ? 8   C   B OP2   1 
ATOM   501  O  "O5'" . C   B 1 8  ? -4.318  -7.260  -14.024 1.00 45.01  ? 8   C   B "O5'" 1 
ATOM   502  C  "C5'" . C   B 1 8  ? -4.408  -8.096  -15.194 1.00 54.38  ? 8   C   B "C5'" 1 
ATOM   503  C  "C4'" . C   B 1 8  ? -3.077  -8.722  -15.464 1.00 44.15  ? 8   C   B "C4'" 1 
ATOM   504  O  "O4'" . C   B 1 8  ? -2.136  -7.677  -15.816 1.00 44.97  ? 8   C   B "O4'" 1 
ATOM   505  C  "C3'" . C   B 1 8  ? -2.425  -9.377  -14.269 1.00 45.76  ? 8   C   B "C3'" 1 
ATOM   506  O  "O3'" . C   B 1 8  ? -2.955  -10.658 -14.036 1.00 47.35  ? 8   C   B "O3'" 1 
ATOM   507  C  "C2'" . C   B 1 8  ? -0.973  -9.424  -14.714 1.00 43.10  ? 8   C   B "C2'" 1 
ATOM   508  O  "O2'" . C   B 1 8  ? -0.757  -10.438 -15.656 1.00 44.79  ? 8   C   B "O2'" 1 
ATOM   509  C  "C1'" . C   B 1 8  ? -0.834  -8.040  -15.345 1.00 43.62  ? 8   C   B "C1'" 1 
ATOM   510  N  N1    . C   B 1 8  ? -0.363  -6.994  -14.411 1.00 40.62  ? 8   C   B N1    1 
ATOM   511  C  C2    . C   B 1 8  ? 0.936   -7.080  -13.924 1.00 38.00  ? 8   C   B C2    1 
ATOM   512  O  O2    . C   B 1 8  ? 1.615   -8.064  -14.222 1.00 39.63  ? 8   C   B O2    1 
ATOM   513  N  N3    . C   B 1 8  ? 1.394   -6.126  -13.077 1.00 38.45  ? 8   C   B N3    1 
ATOM   514  C  C4    . C   B 1 8  ? 0.614   -5.090  -12.762 1.00 38.38  ? 8   C   B C4    1 
ATOM   515  N  N4    . C   B 1 8  ? 1.098   -4.172  -11.932 1.00 47.83  ? 8   C   B N4    1 
ATOM   516  C  C5    . C   B 1 8  ? -0.712  -4.971  -13.258 1.00 41.39  ? 8   C   B C5    1 
ATOM   517  C  C6    . C   B 1 8  ? -1.152  -5.928  -14.085 1.00 39.49  ? 8   C   B C6    1 
ATOM   518  P  P     . G   B 1 9  ? -3.438  -11.104 -12.558 1.00 46.02  ? 9   G   B P     1 
ATOM   519  O  OP1   . G   B 1 9  ? -4.497  -12.110 -12.724 1.00 55.73  ? 9   G   B OP1   1 
ATOM   520  O  OP2   . G   B 1 9  ? -3.699  -9.895  -11.706 1.00 46.36  ? 9   G   B OP2   1 
ATOM   521  O  "O5'" . G   B 1 9  ? -2.165  -11.884 -12.032 1.00 45.11  ? 9   G   B "O5'" 1 
ATOM   522  C  "C5'" . G   B 1 9  ? -1.579  -12.950 -12.777 1.00 43.27  ? 9   G   B "C5'" 1 
ATOM   523  C  "C4'" . G   B 1 9  ? -0.188  -13.195 -12.259 1.00 42.99  ? 9   G   B "C4'" 1 
ATOM   524  O  "O4'" . G   B 1 9  ? 0.639   -12.070 -12.619 1.00 41.36  ? 9   G   B "O4'" 1 
ATOM   525  C  "C3'" . G   B 1 9  ? -0.020  -13.281 -10.755 1.00 45.77  ? 9   G   B "C3'" 1 
ATOM   526  O  "O3'" . G   B 1 9  ? -0.155  -14.580 -10.258 1.00 52.98  ? 9   G   B "O3'" 1 
ATOM   527  C  "C2'" . G   B 1 9  ? 1.446   -12.940 -10.582 1.00 43.53  ? 9   G   B "C2'" 1 
ATOM   528  O  "O2'" . G   B 1 9  ? 2.362   -13.853 -11.101 1.00 37.32  ? 9   G   B "O2'" 1 
ATOM   529  C  "C1'" . G   B 1 9  ? 1.600   -11.835 -11.600 1.00 40.84  ? 9   G   B "C1'" 1 
ATOM   530  N  N9    . G   B 1 9  ? 1.320   -10.529 -11.045 1.00 40.42  ? 9   G   B N9    1 
ATOM   531  C  C8    . G   B 1 9  ? 0.180   -9.794  -11.251 1.00 40.72  ? 9   G   B C8    1 
ATOM   532  N  N7    . G   B 1 9  ? 0.197   -8.646  -10.641 1.00 38.75  ? 9   G   B N7    1 
ATOM   533  C  C5    . G   B 1 9  ? 1.430   -8.610  -10.010 1.00 37.52  ? 9   G   B C5    1 
ATOM   534  C  C6    . G   B 1 9  ? 2.036   -7.585  -9.249  1.00 36.18  ? 9   G   B C6    1 
ATOM   535  O  O6    . G   B 1 9  ? 1.584   -6.481  -8.967  1.00 32.24  ? 9   G   B O6    1 
ATOM   536  N  N1    . G   B 1 9  ? 3.310   -7.948  -8.816  1.00 32.78  ? 9   G   B N1    1 
ATOM   537  C  C2    . G   B 1 9  ? 3.908   -9.154  -9.067  1.00 33.76  ? 9   G   B C2    1 
ATOM   538  N  N2    . G   B 1 9  ? 5.117   -9.330  -8.532  1.00 41.26  ? 9   G   B N2    1 
ATOM   539  N  N3    . G   B 1 9  ? 3.366   -10.111 -9.808  1.00 40.53  ? 9   G   B N3    1 
ATOM   540  C  C4    . G   B 1 9  ? 2.136   -9.767  -10.250 1.00 39.36  ? 9   G   B C4    1 
ATOM   541  P  P     . A   B 1 10 ? -0.227  -14.809 -8.685  1.00 52.09  ? 10  A   B P     1 
ATOM   542  O  OP1   . A   B 1 10 ? -0.784  -16.151 -8.459  1.00 52.71  ? 10  A   B OP1   1 
ATOM   543  O  OP2   . A   B 1 10 ? -0.893  -13.648 -8.064  1.00 47.33  ? 10  A   B OP2   1 
ATOM   544  O  "O5'" . A   B 1 10 ? 1.304   -14.850 -8.250  1.00 53.37  ? 10  A   B "O5'" 1 
ATOM   545  C  "C5'" . A   B 1 10 ? 1.883   -16.040 -7.688  1.00 55.55  ? 10  A   B "C5'" 1 
ATOM   546  C  "C4'" . A   B 1 10 ? 3.361   -15.844 -7.451  1.00 57.02  ? 10  A   B "C4'" 1 
ATOM   547  O  "O4'" . A   B 1 10 ? 4.069   -15.864 -8.719  1.00 61.33  ? 10  A   B "O4'" 1 
ATOM   548  C  "C3'" . A   B 1 10 ? 3.739   -14.519 -6.794  1.00 54.32  ? 10  A   B "C3'" 1 
ATOM   549  O  "O3'" . A   B 1 10 ? 4.678   -14.666 -5.754  1.00 47.89  ? 10  A   B "O3'" 1 
ATOM   550  C  "C2'" . A   B 1 10 ? 4.364   -13.721 -7.920  1.00 60.68  ? 10  A   B "C2'" 1 
ATOM   551  O  "O2'" . A   B 1 10 ? 5.337   -12.804 -7.489  1.00 66.82  ? 10  A   B "O2'" 1 
ATOM   552  C  "C1'" . A   B 1 10 ? 5.027   -14.826 -8.721  1.00 65.82  ? 10  A   B "C1'" 1 
ATOM   553  N  N9    . A   B 1 10 ? 5.293   -14.451 -10.104 1.00 66.57  ? 10  A   B N9    1 
ATOM   554  C  C8    . A   B 1 10 ? 5.113   -13.243 -10.740 1.00 63.87  ? 10  A   B C8    1 
ATOM   555  N  N7    . A   B 1 10 ? 5.425   -13.267 -12.014 1.00 60.30  ? 10  A   B N7    1 
ATOM   556  C  C5    . A   B 1 10 ? 5.806   -14.583 -12.238 1.00 70.79  ? 10  A   B C5    1 
ATOM   557  C  C6    . A   B 1 10 ? 6.242   -15.260 -13.391 1.00 62.85  ? 10  A   B C6    1 
ATOM   558  N  N6    . A   B 1 10 ? 6.384   -14.676 -14.582 1.00 66.03  ? 10  A   B N6    1 
ATOM   559  N  N1    . A   B 1 10 ? 6.552   -16.570 -13.271 1.00 58.82  ? 10  A   B N1    1 
ATOM   560  C  C2    . A   B 1 10 ? 6.420   -17.156 -12.072 1.00 62.24  ? 10  A   B C2    1 
ATOM   561  N  N3    . A   B 1 10 ? 6.030   -16.625 -10.915 1.00 62.72  ? 10  A   B N3    1 
ATOM   562  C  C4    . A   B 1 10 ? 5.733   -15.321 -11.068 1.00 69.00  ? 10  A   B C4    1 
ATOM   563  P  P     . C   B 1 11 ? 4.188   -14.338 -4.305  1.00 49.85  ? 11  C   B P     1 
ATOM   564  O  OP1   . C   B 1 11 ? 5.204   -14.817 -3.360  1.00 56.14  ? 11  C   B OP1   1 
ATOM   565  O  OP2   . C   B 1 11 ? 2.792   -14.806 -4.219  1.00 47.50  ? 11  C   B OP2   1 
ATOM   566  O  "O5'" . C   B 1 11 ? 4.216   -12.750 -4.207  1.00 45.62  ? 11  C   B "O5'" 1 
ATOM   567  C  "C5'" . C   B 1 11 ? 5.480   -12.044 -3.988  1.00 45.59  ? 11  C   B "C5'" 1 
ATOM   568  C  "C4'" . C   B 1 11 ? 5.214   -10.572 -3.856  1.00 42.23  ? 11  C   B "C4'" 1 
ATOM   569  O  "O4'" . C   B 1 11 ? 4.953   -10.050 -5.189  1.00 42.28  ? 11  C   B "O4'" 1 
ATOM   570  C  "C3'" . C   B 1 11 ? 3.981   -10.187 -3.046  1.00 41.00  ? 11  C   B "C3'" 1 
ATOM   571  O  "O3'" . C   B 1 11 ? 4.221   -10.080 -1.623  1.00 44.29  ? 11  C   B "O3'" 1 
ATOM   572  C  "C2'" . C   B 1 11 ? 3.673   -8.834  -3.650  1.00 38.85  ? 11  C   B "C2'" 1 
ATOM   573  O  "O2'" . C   B 1 11 ? 4.573   -7.842  -3.215  1.00 39.65  ? 11  C   B "O2'" 1 
ATOM   574  C  "C1'" . C   B 1 11 ? 3.900   -9.105  -5.135  1.00 37.96  ? 11  C   B "C1'" 1 
ATOM   575  N  N1    . C   B 1 11 ? 2.714   -9.626  -5.867  1.00 39.53  ? 11  C   B N1    1 
ATOM   576  C  C2    . C   B 1 11 ? 1.676   -8.741  -6.180  1.00 38.65  ? 11  C   B C2    1 
ATOM   577  O  O2    . C   B 1 11 ? 1.781   -7.560  -5.842  1.00 39.85  ? 11  C   B O2    1 
ATOM   578  N  N3    . C   B 1 11 ? 0.583   -9.200  -6.845  1.00 37.60  ? 11  C   B N3    1 
ATOM   579  C  C4    . C   B 1 11 ? 0.510   -10.489 -7.196  1.00 43.69  ? 11  C   B C4    1 
ATOM   580  N  N4    . C   B 1 11 ? -0.581  -10.904 -7.850  1.00 39.42  ? 11  C   B N4    1 
ATOM   581  C  C5    . C   B 1 11 ? 1.537   -11.420 -6.859  1.00 44.46  ? 11  C   B C5    1 
ATOM   582  C  C6    . C   B 1 11 ? 2.614   -10.949 -6.208  1.00 45.92  ? 11  C   B C6    1 
ATOM   583  P  P     . C   B 1 12 ? 3.058   -10.384 -0.550  1.00 46.25  ? 12  C   B P     1 
ATOM   584  O  OP1   . C   B 1 12 ? 3.670   -10.567 0.771   1.00 46.76  ? 12  C   B OP1   1 
ATOM   585  O  OP2   . C   B 1 12 ? 2.236   -11.453 -1.077  1.00 37.97  ? 12  C   B OP2   1 
ATOM   586  O  "O5'" . C   B 1 12 ? 2.189   -9.059  -0.526  1.00 39.88  ? 12  C   B "O5'" 1 
ATOM   587  C  "C5'" . C   B 1 12 ? 2.803   -7.803  -0.219  1.00 44.07  ? 12  C   B "C5'" 1 
ATOM   588  C  "C4'" . C   B 1 12 ? 1.794   -6.696  -0.394  1.00 39.16  ? 12  C   B "C4'" 1 
ATOM   589  O  "O4'" . C   B 1 12 ? 1.506   -6.517  -1.814  1.00 36.55  ? 12  C   B "O4'" 1 
ATOM   590  C  "C3'" . C   B 1 12 ? 0.416   -6.911  0.218   1.00 40.39  ? 12  C   B "C3'" 1 
ATOM   591  O  "O3'" . C   B 1 12 ? 0.358   -6.646  1.624   1.00 42.01  ? 12  C   B "O3'" 1 
ATOM   592  C  "C2'" . C   B 1 12 ? -0.397  -5.884  -0.561  1.00 43.11  ? 12  C   B "C2'" 1 
ATOM   593  O  "O2'" . C   B 1 12 ? -0.185  -4.549  -0.142  1.00 39.74  ? 12  C   B "O2'" 1 
ATOM   594  C  "C1'" . C   B 1 12 ? 0.147   -6.105  -1.969  1.00 37.17  ? 12  C   B "C1'" 1 
ATOM   595  N  N1    . C   B 1 12 ? -0.586  -7.166  -2.699  1.00 35.75  ? 12  C   B N1    1 
ATOM   596  C  C2    . C   B 1 12 ? -1.849  -6.876  -3.228  1.00 35.42  ? 12  C   B C2    1 
ATOM   597  O  O2    . C   B 1 12 ? -2.359  -5.765  -3.003  1.00 36.24  ? 12  C   B O2    1 
ATOM   598  N  N3    . C   B 1 12 ? -2.502  -7.827  -3.935  1.00 36.45  ? 12  C   B N3    1 
ATOM   599  C  C4    . C   B 1 12 ? -1.946  -9.027  -4.110  1.00 36.01  ? 12  C   B C4    1 
ATOM   600  N  N4    . C   B 1 12 ? -2.624  -9.927  -4.819  1.00 35.67  ? 12  C   B N4    1 
ATOM   601  C  C5    . C   B 1 12 ? -0.681  -9.363  -3.548  1.00 33.29  ? 12  C   B C5    1 
ATOM   602  C  C6    . C   B 1 12 ? -0.021  -8.396  -2.895  1.00 34.04  ? 12  C   B C6    1 
ATOM   603  P  P     . C   B 1 13 ? -0.528  -7.547  2.601   0.96 42.57  ? 13  C   B P     1 
ATOM   604  O  OP1   . C   B 1 13 ? -0.059  -7.318  3.996   1.00 43.74  ? 13  C   B OP1   1 
ATOM   605  O  OP2   . C   B 1 13 ? -0.644  -8.912  2.042   1.00 38.17  ? 13  C   B OP2   1 
ATOM   606  O  "O5'" . C   B 1 13 ? -1.971  -6.917  2.429   1.00 46.06  ? 13  C   B "O5'" 1 
ATOM   607  C  "C5'" . C   B 1 13 ? -2.158  -5.541  2.719   1.00 40.90  ? 13  C   B "C5'" 1 
ATOM   608  C  "C4'" . C   B 1 13 ? -3.514  -5.138  2.252   1.00 38.72  ? 13  C   B "C4'" 1 
ATOM   609  O  "O4'" . C   B 1 13 ? -3.577  -5.310  0.804   1.00 41.61  ? 13  C   B "O4'" 1 
ATOM   610  C  "C3'" . C   B 1 13 ? -4.682  -5.975  2.748   1.00 37.99  ? 13  C   B "C3'" 1 
ATOM   611  O  "O3'" . C   B 1 13 ? -5.140  -5.503  3.990   1.00 39.46  ? 13  C   B "O3'" 1 
ATOM   612  C  "C2'" . C   B 1 13 ? -5.724  -5.605  1.713   1.00 39.07  ? 13  C   B "C2'" 1 
ATOM   613  O  "O2'" . C   B 1 13 ? -6.191  -4.282  1.942   1.00 36.72  ? 13  C   B "O2'" 1 
ATOM   614  C  "C1'" . C   B 1 13 ? -4.890  -5.676  0.437   1.00 33.41  ? 13  C   B "C1'" 1 
ATOM   615  N  N1    . C   B 1 13 ? -4.858  -6.988  -0.252  1.00 33.45  ? 13  C   B N1    1 
ATOM   616  C  C2    . C   B 1 13 ? -5.977  -7.325  -1.026  1.00 40.52  ? 13  C   B C2    1 
ATOM   617  O  O2    . C   B 1 13 ? -6.974  -6.592  -0.986  1.00 34.26  ? 13  C   B O2    1 
ATOM   618  N  N3    . C   B 1 13 ? -5.973  -8.475  -1.739  1.00 36.19  ? 13  C   B N3    1 
ATOM   619  C  C4    . C   B 1 13 ? -4.910  -9.282  -1.692  1.00 34.80  ? 13  C   B C4    1 
ATOM   620  N  N4    . C   B 1 13 ? -4.965  -10.410 -2.393  1.00 37.26  ? 13  C   B N4    1 
ATOM   621  C  C5    . C   B 1 13 ? -3.753  -8.965  -0.919  1.00 37.28  ? 13  C   B C5    1 
ATOM   622  C  C6    . C   B 1 13 ? -3.759  -7.800  -0.243  1.00 35.27  ? 13  C   B C6    1 
HETATM 623  P  P     . 5BU B 1 14 ? -5.745  -6.457  5.090   1.00 42.23  ? 14  5BU B P     1 
HETATM 624  O  OP1   . 5BU B 1 14 ? -5.968  -5.607  6.307   1.00 41.80  ? 14  5BU B OP1   1 
HETATM 625  O  OP2   . 5BU B 1 14 ? -5.005  -7.742  5.125   1.00 37.80  ? 14  5BU B OP2   1 
HETATM 626  O  "O5'" . 5BU B 1 14 ? -7.153  -6.843  4.493   1.00 39.48  ? 14  5BU B "O5'" 1 
HETATM 627  C  "C5'" . 5BU B 1 14 ? -8.088  -5.790  4.349   1.00 43.27  ? 14  5BU B "C5'" 1 
HETATM 628  C  "C4'" . 5BU B 1 14 ? -9.190  -6.410  3.486   1.00 44.60  ? 14  5BU B "C4'" 1 
HETATM 629  O  "O4'" . 5BU B 1 14 ? -8.785  -6.578  2.133   1.00 43.24  ? 14  5BU B "O4'" 1 
HETATM 630  C  "C3'" . 5BU B 1 14 ? -9.709  -7.777  3.922   1.00 37.50  ? 14  5BU B "C3'" 1 
HETATM 631  O  "O3'" . 5BU B 1 14 ? -10.737 -7.704  4.934   1.00 35.10  ? 14  5BU B "O3'" 1 
HETATM 632  C  "C2'" . 5BU B 1 14 ? -10.349 -8.228  2.636   1.00 35.63  ? 14  5BU B "C2'" 1 
HETATM 633  O  "O2'" . 5BU B 1 14 ? -11.601 -7.566  2.408   1.00 36.34  ? 14  5BU B "O2'" 1 
HETATM 634  C  "C1'" . 5BU B 1 14 ? -9.402  -7.765  1.582   1.00 37.78  ? 14  5BU B "C1'" 1 
HETATM 635  N  N1    . 5BU B 1 14 ? -8.453  -8.874  1.320   1.00 39.59  ? 14  5BU B N1    1 
HETATM 636  C  C2    . 5BU B 1 14 ? -8.797  -9.835  0.363   1.00 38.82  ? 14  5BU B C2    1 
HETATM 637  O  O2    . 5BU B 1 14 ? -9.902  -9.745  -0.220  1.00 34.47  ? 14  5BU B O2    1 
HETATM 638  N  N3    . 5BU B 1 14 ? -7.982  -10.846 0.085   1.00 37.44  ? 14  5BU B N3    1 
HETATM 639  C  C4    . 5BU B 1 14 ? -6.784  -10.969 0.655   1.00 39.04  ? 14  5BU B C4    1 
HETATM 640  O  O4    . 5BU B 1 14 ? -5.974  -11.868 0.357   1.00 34.77  ? 14  5BU B O4    1 
HETATM 641  C  C5    . 5BU B 1 14 ? -6.415  -9.957  1.646   1.00 42.41  ? 14  5BU B C5    1 
HETATM 642  C  C6    . 5BU B 1 14 ? -7.285  -8.948  1.949   1.00 38.19  ? 14  5BU B C6    1 
HETATM 643  BR BR    . 5BU B 1 14 ? -4.734  -10.018 2.449   1.00 48.82  ? 14  5BU B BR    1 
ATOM   644  P  P     . G   B 1 15 ? -11.044 -8.955  5.935   1.00 40.82  ? 15  G   B P     1 
ATOM   645  O  OP1   . G   B 1 15 ? -11.729 -8.423  7.116   1.00 48.91  ? 15  G   B OP1   1 
ATOM   646  O  OP2   . G   B 1 15 ? -9.848  -9.760  6.108   1.00 41.40  ? 15  G   B OP2   1 
ATOM   647  O  "O5'" . G   B 1 15 ? -12.120 -9.792  5.116   1.00 39.05  ? 15  G   B "O5'" 1 
ATOM   648  C  "C5'" . G   B 1 15 ? -13.368 -9.187  4.741   1.00 37.78  ? 15  G   B "C5'" 1 
ATOM   649  C  "C4'" . G   B 1 15 ? -14.200 -10.203 4.024   1.00 38.27  ? 15  G   B "C4'" 1 
ATOM   650  O  "O4'" . G   B 1 15 ? -13.636 -10.424 2.702   1.00 36.77  ? 15  G   B "O4'" 1 
ATOM   651  C  "C3'" . G   B 1 15 ? -14.200 -11.586 4.657   1.00 33.87  ? 15  G   B "C3'" 1 
ATOM   652  O  "O3'" . G   B 1 15 ? -15.254 -11.781 5.563   1.00 29.71  ? 15  G   B "O3'" 1 
ATOM   653  C  "C2'" . G   B 1 15 ? -14.552 -12.454 3.471   1.00 33.58  ? 15  G   B "C2'" 1 
ATOM   654  O  "O2'" . G   B 1 15 ? -15.910 -12.336 3.135   1.00 30.14  ? 15  G   B "O2'" 1 
ATOM   655  C  "C1'" . G   B 1 15 ? -13.727 -11.793 2.380   1.00 37.60  ? 15  G   B "C1'" 1 
ATOM   656  N  N9    . G   B 1 15 ? -12.387 -12.360 2.295   1.00 40.61  ? 15  G   B N9    1 
ATOM   657  C  C8    . G   B 1 15 ? -11.214 -11.893 2.832   1.00 39.23  ? 15  G   B C8    1 
ATOM   658  N  N7    . G   B 1 15 ? -10.183 -12.642 2.542   1.00 37.98  ? 15  G   B N7    1 
ATOM   659  C  C5    . G   B 1 15 ? -10.712 -13.662 1.768   1.00 40.81  ? 15  G   B C5    1 
ATOM   660  C  C6    . G   B 1 15 ? -10.082 -14.788 1.180   1.00 36.77  ? 15  G   B C6    1 
ATOM   661  O  O6    . G   B 1 15 ? -8.892  -15.095 1.198   1.00 42.49  ? 15  G   B O6    1 
ATOM   662  N  N1    . G   B 1 15 ? -10.992 -15.576 0.484   1.00 34.29  ? 15  G   B N1    1 
ATOM   663  C  C2    . G   B 1 15 ? -12.340 -15.323 0.391   1.00 35.66  ? 15  G   B C2    1 
ATOM   664  N  N2    . G   B 1 15 ? -13.066 -16.200 -0.297  1.00 32.53  ? 15  G   B N2    1 
ATOM   665  N  N3    . G   B 1 15 ? -12.935 -14.278 0.937   1.00 39.30  ? 15  G   B N3    1 
ATOM   666  C  C4    . G   B 1 15 ? -12.073 -13.514 1.628   1.00 34.97  ? 15  G   B C4    1 
ATOM   667  P  P     . C   B 1 16 ? -15.026 -12.777 6.812   1.00 39.63  ? 16  C   B P     1 
ATOM   668  O  OP1   . C   B 1 16 ? -16.165 -12.597 7.672   1.00 37.14  ? 16  C   B OP1   1 
ATOM   669  O  OP2   . C   B 1 16 ? -13.616 -12.654 7.329   1.00 35.94  ? 16  C   B OP2   1 
ATOM   670  O  "O5'" . C   B 1 16 ? -15.104 -14.228 6.157   1.00 33.98  ? 16  C   B "O5'" 1 
ATOM   671  C  "C5'" . C   B 1 16 ? -16.336 -14.659 5.541   1.00 32.31  ? 16  C   B "C5'" 1 
ATOM   672  C  "C4'" . C   B 1 16 ? -16.082 -15.891 4.698   1.00 39.72  ? 16  C   B "C4'" 1 
ATOM   673  O  "O4'" . C   B 1 16 ? -15.051 -15.671 3.693   1.00 39.11  ? 16  C   B "O4'" 1 
ATOM   674  C  "C3'" . C   B 1 16 ? -15.559 -17.100 5.464   1.00 40.78  ? 16  C   B "C3'" 1 
ATOM   675  O  "O3'" . C   B 1 16 ? -16.641 -17.710 6.126   1.00 42.29  ? 16  C   B "O3'" 1 
ATOM   676  C  "C2'" . C   B 1 16 ? -15.024 -17.967 4.340   1.00 40.87  ? 16  C   B "C2'" 1 
ATOM   677  O  "O2'" . C   B 1 16 ? -16.080 -18.550 3.640   1.00 41.67  ? 16  C   B "O2'" 1 
ATOM   678  C  "C1'" . C   B 1 16 ? -14.408 -16.915 3.413   1.00 38.68  ? 16  C   B "C1'" 1 
ATOM   679  N  N1    . C   B 1 16 ? -12.949 -16.794 3.619   1.00 38.00  ? 16  C   B N1    1 
ATOM   680  C  C2    . C   B 1 16 ? -12.137 -17.749 3.004   1.00 38.13  ? 16  C   B C2    1 
ATOM   681  O  O2    . C   B 1 16 ? -12.670 -18.656 2.357   1.00 38.38  ? 16  C   B O2    1 
ATOM   682  N  N3    . C   B 1 16 ? -10.803 -17.673 3.147   1.00 32.58  ? 16  C   B N3    1 
ATOM   683  C  C4    . C   B 1 16 ? -10.270 -16.710 3.900   1.00 34.63  ? 16  C   B C4    1 
ATOM   684  N  N4    . C   B 1 16 ? -8.944  -16.671 4.007   1.00 38.69  ? 16  C   B N4    1 
ATOM   685  C  C5    . C   B 1 16 ? -11.068 -15.714 4.526   1.00 35.92  ? 16  C   B C5    1 
ATOM   686  C  C6    . C   B 1 16 ? -12.392 -15.809 4.387   1.00 34.65  ? 16  C   B C6    1 
ATOM   687  O  "O5'" . G   C 1 1  ? -18.136 12.041  -4.512  1.00 44.98  ? 1   G   C "O5'" 1 
ATOM   688  C  "C5'" . G   C 1 1  ? -18.034 12.622  -5.811  1.00 50.49  ? 1   G   C "C5'" 1 
ATOM   689  C  "C4'" . G   C 1 1  ? -18.177 14.117  -5.735  1.00 48.30  ? 1   G   C "C4'" 1 
ATOM   690  O  "O4'" . G   C 1 1  ? -19.445 14.438  -5.121  1.00 48.78  ? 1   G   C "O4'" 1 
ATOM   691  C  "C3'" . G   C 1 1  ? -17.156 14.834  -4.874  1.00 44.75  ? 1   G   C "C3'" 1 
ATOM   692  O  "O3'" . G   C 1 1  ? -15.992 15.170  -5.596  1.00 49.78  ? 1   G   C "O3'" 1 
ATOM   693  C  "C2'" . G   C 1 1  ? -17.902 16.105  -4.535  1.00 41.31  ? 1   G   C "C2'" 1 
ATOM   694  O  "O2'" . G   C 1 1  ? -17.969 16.970  -5.632  1.00 40.31  ? 1   G   C "O2'" 1 
ATOM   695  C  "C1'" . G   C 1 1  ? -19.303 15.562  -4.291  1.00 42.51  ? 1   G   C "C1'" 1 
ATOM   696  N  N9    . G   C 1 1  ? -19.531 15.150  -2.912  1.00 41.20  ? 1   G   C N9    1 
ATOM   697  C  C8    . G   C 1 1  ? -19.685 13.874  -2.438  1.00 41.73  ? 1   G   C C8    1 
ATOM   698  N  N7    . G   C 1 1  ? -19.873 13.825  -1.150  1.00 34.92  ? 1   G   C N7    1 
ATOM   699  C  C5    . G   C 1 1  ? -19.841 15.152  -0.749  1.00 43.68  ? 1   G   C C5    1 
ATOM   700  C  C6    . G   C 1 1  ? -19.986 15.727  0.537   1.00 38.54  ? 1   G   C C6    1 
ATOM   701  O  O6    . G   C 1 1  ? -20.188 15.165  1.612   1.00 41.05  ? 1   G   C O6    1 
ATOM   702  N  N1    . G   C 1 1  ? -19.877 17.111  0.489   1.00 39.57  ? 1   G   C N1    1 
ATOM   703  C  C2    . G   C 1 1  ? -19.663 17.844  -0.644  1.00 38.43  ? 1   G   C C2    1 
ATOM   704  N  N2    . G   C 1 1  ? -19.590 19.162  -0.487  1.00 37.96  ? 1   G   C N2    1 
ATOM   705  N  N3    . G   C 1 1  ? -19.522 17.322  -1.845  1.00 42.41  ? 1   G   C N3    1 
ATOM   706  C  C4    . G   C 1 1  ? -19.636 15.981  -1.827  1.00 38.17  ? 1   G   C C4    1 
ATOM   707  P  P     . C   C 1 2  ? -14.598 15.239  -4.880  1.00 53.69  ? 2   C   C P     1 
ATOM   708  O  OP1   . C   C 1 2  ? -13.589 15.336  -5.906  1.00 56.68  ? 2   C   C OP1   1 
ATOM   709  O  OP2   . C   C 1 2  ? -14.542 14.206  -3.877  1.00 41.96  ? 2   C   C OP2   1 
ATOM   710  O  "O5'" . C   C 1 2  ? -14.600 16.650  -4.180  1.00 49.72  ? 2   C   C "O5'" 1 
ATOM   711  C  "C5'" . C   C 1 2  ? -14.786 17.840  -4.930  1.00 46.82  ? 2   C   C "C5'" 1 
ATOM   712  C  "C4'" . C   C 1 2  ? -14.883 19.003  -3.989  1.00 47.27  ? 2   C   C "C4'" 1 
ATOM   713  O  "O4'" . C   C 1 2  ? -16.127 18.920  -3.257  1.00 41.94  ? 2   C   C "O4'" 1 
ATOM   714  C  "C3'" . C   C 1 2  ? -13.841 19.050  -2.889  1.00 44.45  ? 2   C   C "C3'" 1 
ATOM   715  O  "O3'" . C   C 1 2  ? -12.591 19.580  -3.264  1.00 48.89  ? 2   C   C "O3'" 1 
ATOM   716  C  "C2'" . C   C 1 2  ? -14.520 19.966  -1.899  1.00 40.75  ? 2   C   C "C2'" 1 
ATOM   717  O  "O2'" . C   C 1 2  ? -14.536 21.291  -2.354  1.00 42.88  ? 2   C   C "O2'" 1 
ATOM   718  C  "C1'" . C   C 1 2  ? -15.943 19.436  -1.959  1.00 40.10  ? 2   C   C "C1'" 1 
ATOM   719  N  N1    . C   C 1 2  ? -16.200 18.383  -0.970  1.00 36.26  ? 2   C   C N1    1 
ATOM   720  C  C2    . C   C 1 2  ? -16.479 18.758  0.340   1.00 34.04  ? 2   C   C C2    1 
ATOM   721  O  O2    . C   C 1 2  ? -16.513 19.955  0.621   1.00 41.16  ? 2   C   C O2    1 
ATOM   722  N  N3    . C   C 1 2  ? -16.706 17.807  1.266   1.00 34.37  ? 2   C   C N3    1 
ATOM   723  C  C4    . C   C 1 2  ? -16.658 16.522  0.925   1.00 37.49  ? 2   C   C C4    1 
ATOM   724  N  N4    . C   C 1 2  ? -16.895 15.618  1.869   1.00 34.44  ? 2   C   C N4    1 
ATOM   725  C  C5    . C   C 1 2  ? -16.370 16.109  -0.403  1.00 35.96  ? 2   C   C C5    1 
ATOM   726  C  C6    . C   C 1 2  ? -16.134 17.063  -1.307  1.00 36.53  ? 2   C   C C6    1 
ATOM   727  P  P     . G   C 1 3  ? -11.302 19.166  -2.479  0.93 51.23  ? 3   G   C P     1 
ATOM   728  O  OP1   . G   C 1 3  ? -10.158 19.557  -3.274  1.00 54.40  ? 3   G   C OP1   1 
ATOM   729  O  OP2   . G   C 1 3  ? -11.444 17.806  -2.003  1.00 51.05  ? 3   G   C OP2   1 
ATOM   730  O  "O5'" . G   C 1 3  ? -11.374 19.990  -1.137  1.00 48.85  ? 3   G   C "O5'" 1 
ATOM   731  C  "C5'" . G   C 1 3  ? -11.300 21.399  -1.159  1.00 48.95  ? 3   G   C "C5'" 1 
ATOM   732  C  "C4'" . G   C 1 3  ? -11.563 21.907  0.219   1.00 44.77  ? 3   G   C "C4'" 1 
ATOM   733  O  "O4'" . G   C 1 3  ? -12.842 21.420  0.672   1.00 42.75  ? 3   G   C "O4'" 1 
ATOM   734  C  "C3'" . G   C 1 3  ? -10.647 21.393  1.306   1.00 41.26  ? 3   G   C "C3'" 1 
ATOM   735  O  "O3'" . G   C 1 3  ? -9.359  21.957  1.289   1.00 38.50  ? 3   G   C "O3'" 1 
ATOM   736  C  "C2'" . G   C 1 3  ? -11.444 21.790  2.529   1.00 37.87  ? 3   G   C "C2'" 1 
ATOM   737  O  "O2'" . G   C 1 3  ? -11.426 23.167  2.699   1.00 40.17  ? 3   G   C "O2'" 1 
ATOM   738  C  "C1'" . G   C 1 3  ? -12.856 21.433  2.080   1.00 42.91  ? 3   G   C "C1'" 1 
ATOM   739  N  N9    . G   C 1 3  ? -13.193 20.106  2.564   1.00 39.86  ? 3   G   C N9    1 
ATOM   740  C  C8    . G   C 1 3  ? -13.251 18.934  1.859   1.00 39.56  ? 3   G   C C8    1 
ATOM   741  N  N7    . G   C 1 3  ? -13.493 17.899  2.612   1.00 44.29  ? 3   G   C N7    1 
ATOM   742  C  C5    . G   C 1 3  ? -13.597 18.423  3.891   1.00 39.66  ? 3   G   C C5    1 
ATOM   743  C  C6    . G   C 1 3  ? -13.859 17.786  5.127   1.00 41.25  ? 3   G   C C6    1 
ATOM   744  O  O6    . G   C 1 3  ? -14.063 16.595  5.348   1.00 39.84  ? 3   G   C O6    1 
ATOM   745  N  N1    . G   C 1 3  ? -13.847 18.691  6.178   1.00 40.97  ? 3   G   C N1    1 
ATOM   746  C  C2    . G   C 1 3  ? -13.626 20.037  6.058   1.00 47.30  ? 3   G   C C2    1 
ATOM   747  N  N2    . G   C 1 3  ? -13.676 20.751  7.188   1.00 38.05  ? 3   G   C N2    1 
ATOM   748  N  N3    . G   C 1 3  ? -13.383 20.641  4.912   1.00 43.57  ? 3   G   C N3    1 
ATOM   749  C  C4    . G   C 1 3  ? -13.388 19.780  3.877   1.00 40.43  ? 3   G   C C4    1 
ATOM   750  P  P     . G   C 1 4  ? -8.131  21.149  1.806   1.00 43.32  ? 4   G   C P     1 
ATOM   751  O  OP1   . G   C 1 4  ? -6.957  21.945  1.559   1.00 46.31  ? 4   G   C OP1   1 
ATOM   752  O  OP2   . G   C 1 4  ? -8.197  19.819  1.284   1.00 38.98  ? 4   G   C OP2   1 
ATOM   753  O  "O5'" . G   C 1 4  ? -8.376  21.061  3.364   1.00 40.49  ? 4   G   C "O5'" 1 
ATOM   754  C  "C5'" . G   C 1 4  ? -8.265  22.223  4.170   1.00 35.67  ? 4   G   C "C5'" 1 
ATOM   755  C  "C4'" . G   C 1 4  ? -8.510  21.904  5.613   1.00 32.77  ? 4   G   C "C4'" 1 
ATOM   756  O  "O4'" . G   C 1 4  ? -9.869  21.453  5.802   1.00 32.76  ? 4   G   C "O4'" 1 
ATOM   757  C  "C3'" . G   C 1 4  ? -7.692  20.782  6.213   1.00 34.27  ? 4   G   C "C3'" 1 
ATOM   758  O  "O3'" . G   C 1 4  ? -6.390  21.188  6.575   1.00 38.44  ? 4   G   C "O3'" 1 
ATOM   759  C  "C2'" . G   C 1 4  ? -8.515  20.488  7.445   1.00 33.84  ? 4   G   C "C2'" 1 
ATOM   760  O  "O2'" . G   C 1 4  ? -8.413  21.557  8.331   1.00 35.04  ? 4   G   C "O2'" 1 
ATOM   761  C  "C1'" . G   C 1 4  ? -9.919  20.520  6.860   1.00 33.98  ? 4   G   C "C1'" 1 
ATOM   762  N  N9    . G   C 1 4  ? -10.255 19.217  6.313   1.00 35.43  ? 4   G   C N9    1 
ATOM   763  C  C8    . G   C 1 4  ? -10.205 18.847  4.996   1.00 33.35  ? 4   G   C C8    1 
ATOM   764  N  N7    . G   C 1 4  ? -10.498 17.593  4.809   1.00 38.01  ? 4   G   C N7    1 
ATOM   765  C  C5    . G   C 1 4  ? -10.724 17.098  6.081   1.00 31.08  ? 4   G   C C5    1 
ATOM   766  C  C6    . G   C 1 4  ? -11.074 15.799  6.511   1.00 38.80  ? 4   G   C C6    1 
ATOM   767  O  O6    . G   C 1 4  ? -11.261 14.791  5.832   1.00 35.77  ? 4   G   C O6    1 
ATOM   768  N  N1    . G   C 1 4  ? -11.195 15.733  7.890   1.00 32.67  ? 4   G   C N1    1 
ATOM   769  C  C2    . G   C 1 4  ? -11.004 16.780  8.745   1.00 34.95  ? 4   G   C C2    1 
ATOM   770  N  N2    . G   C 1 4  ? -11.182 16.521  10.036  1.00 34.40  ? 4   G   C N2    1 
ATOM   771  N  N3    . G   C 1 4  ? -10.676 17.997  8.359   1.00 33.69  ? 4   G   C N3    1 
ATOM   772  C  C4    . G   C 1 4  ? -10.556 18.084  7.022   1.00 33.54  ? 4   G   C C4    1 
ATOM   773  P  P     . G   C 1 5  ? -5.194  20.207  6.508   1.00 35.56  ? 5   G   C P     1 
ATOM   774  O  OP1   . G   C 1 5  ? -4.007  20.978  6.692   1.00 40.16  ? 5   G   C OP1   1 
ATOM   775  O  OP2   . G   C 1 5  ? -5.321  19.381  5.350   1.00 34.50  ? 5   G   C OP2   1 
ATOM   776  O  "O5'" . G   C 1 5  ? -5.362  19.326  7.801   1.00 33.62  ? 5   G   C "O5'" 1 
ATOM   777  C  "C5'" . G   C 1 5  ? -5.375  19.946  9.072   1.00 35.01  ? 5   G   C "C5'" 1 
ATOM   778  C  "C4'" . G   C 1 5  ? -5.795  18.977  10.140  1.00 39.30  ? 5   G   C "C4'" 1 
ATOM   779  O  "O4'" . G   C 1 5  ? -7.134  18.506  9.889   1.00 41.48  ? 5   G   C "O4'" 1 
ATOM   780  C  "C3'" . G   C 1 5  ? -4.981  17.708  10.254  1.00 36.91  ? 5   G   C "C3'" 1 
ATOM   781  O  "O3'" . G   C 1 5  ? -3.785  17.916  10.970  1.00 40.50  ? 5   G   C "O3'" 1 
ATOM   782  C  "C2'" . G   C 1 5  ? -5.945  16.812  11.006  1.00 36.47  ? 5   G   C "C2'" 1 
ATOM   783  O  "O2'" . G   C 1 5  ? -6.052  17.084  12.373  1.00 38.45  ? 5   G   C "O2'" 1 
ATOM   784  C  "C1'" . G   C 1 5  ? -7.260  17.173  10.330  1.00 40.21  ? 5   G   C "C1'" 1 
ATOM   785  N  N9    . G   C 1 5  ? -7.519  16.329  9.177   1.00 39.41  ? 5   G   C N9    1 
ATOM   786  C  C8    . G   C 1 5  ? -7.349  16.657  7.859   1.00 36.10  ? 5   G   C C8    1 
ATOM   787  N  N7    . G   C 1 5  ? -7.645  15.684  7.047   1.00 37.86  ? 5   G   C N7    1 
ATOM   788  C  C5    . G   C 1 5  ? -8.025  14.646  7.881   1.00 36.49  ? 5   G   C C5    1 
ATOM   789  C  C6    . G   C 1 5  ? -8.450  13.333  7.575   1.00 40.02  ? 5   G   C C6    1 
ATOM   790  O  O6    . G   C 1 5  ? -8.574  12.806  6.471   1.00 36.04  ? 5   G   C O6    1 
ATOM   791  N  N1    . G   C 1 5  ? -8.726  12.605  8.724   1.00 36.12  ? 5   G   C N1    1 
ATOM   792  C  C2    . G   C 1 5  ? -8.628  13.085  10.003  1.00 37.22  ? 5   G   C C2    1 
ATOM   793  N  N2    . G   C 1 5  ? -8.953  12.235  10.976  1.00 36.00  ? 5   G   C N2    1 
ATOM   794  N  N3    . G   C 1 5  ? -8.231  14.306  10.301  1.00 37.89  ? 5   G   C N3    1 
ATOM   795  C  C4    . G   C 1 5  ? -7.944  15.026  9.199   1.00 39.74  ? 5   G   C C4    1 
ATOM   796  P  P     . G   C 1 6  ? -2.561  17.024  10.649  1.00 41.08  ? 6   G   C P     1 
ATOM   797  O  OP1   . G   C 1 6  ? -1.466  17.472  11.448  1.00 43.16  ? 6   G   C OP1   1 
ATOM   798  O  OP2   . G   C 1 6  ? -2.428  16.920  9.236   1.00 38.26  ? 6   G   C OP2   1 
ATOM   799  O  "O5'" . G   C 1 6  ? -3.005  15.610  11.186  1.00 40.04  ? 6   G   C "O5'" 1 
ATOM   800  C  "C5'" . G   C 1 6  ? -3.313  15.442  12.552  1.00 36.42  ? 6   G   C "C5'" 1 
ATOM   801  C  "C4'" . G   C 1 6  ? -3.715  14.026  12.839  1.00 37.67  ? 6   G   C "C4'" 1 
ATOM   802  O  "O4'" . G   C 1 6  ? -5.024  13.748  12.301  1.00 38.77  ? 6   G   C "O4'" 1 
ATOM   803  C  "C3'" . G   C 1 6  ? -2.868  12.925  12.242  1.00 36.73  ? 6   G   C "C3'" 1 
ATOM   804  O  "O3'" . G   C 1 6  ? -1.621  12.782  12.887  1.00 38.26  ? 6   G   C "O3'" 1 
ATOM   805  C  "C2'" . G   C 1 6  ? -3.802  11.748  12.430  1.00 38.30  ? 6   G   C "C2'" 1 
ATOM   806  O  "O2'" . G   C 1 6  ? -3.872  11.327  13.760  1.00 37.48  ? 6   G   C "O2'" 1 
ATOM   807  C  "C1'" . G   C 1 6  ? -5.133  12.374  12.027  1.00 34.58  ? 6   G   C "C1'" 1 
ATOM   808  N  N9    . G   C 1 6  ? -5.331  12.203  10.600  1.00 34.93  ? 6   G   C N9    1 
ATOM   809  C  C8    . G   C 1 6  ? -5.002  13.088  9.606   1.00 37.28  ? 6   G   C C8    1 
ATOM   810  N  N7    . G   C 1 6  ? -5.217  12.616  8.412   1.00 34.62  ? 6   G   C N7    1 
ATOM   811  C  C5    . G   C 1 6  ? -5.677  11.329  8.630   1.00 35.63  ? 6   G   C C5    1 
ATOM   812  C  C6    . G   C 1 6  ? -6.077  10.334  7.713   1.00 38.85  ? 6   G   C C6    1 
ATOM   813  O  O6    . G   C 1 6  ? -6.096  10.389  6.486   1.00 33.53  ? 6   G   C O6    1 
ATOM   814  N  N1    . G   C 1 6  ? -6.470  9.171   8.362   1.00 33.08  ? 6   G   C N1    1 
ATOM   815  C  C2    . G   C 1 6  ? -6.487  8.994   9.719   1.00 34.11  ? 6   G   C C2    1 
ATOM   816  N  N2    . G   C 1 6  ? -6.903  7.807   10.153  1.00 34.00  ? 6   G   C N2    1 
ATOM   817  N  N3    . G   C 1 6  ? -6.112  9.913   10.585  1.00 34.36  ? 6   G   C N3    1 
ATOM   818  C  C4    . G   C 1 6  ? -5.727  11.050  9.976   1.00 35.77  ? 6   G   C C4    1 
ATOM   819  P  P     . A   C 1 7  ? -0.499  11.869  12.288  1.00 38.59  ? 7   A   C P     1 
ATOM   820  O  OP1   . A   C 1 7  ? -1.068  10.614  11.940  1.00 39.95  ? 7   A   C OP1   1 
ATOM   821  O  OP2   . A   C 1 7  ? 0.629   11.908  13.169  1.00 37.46  ? 7   A   C OP2   1 
ATOM   822  O  "O5'" . A   C 1 7  ? -0.124  12.568  10.932  1.00 36.45  ? 7   A   C "O5'" 1 
ATOM   823  C  "C5'" . A   C 1 7  ? 0.494   13.834  10.904  1.00 36.93  ? 7   A   C "C5'" 1 
ATOM   824  C  "C4'" . A   C 1 7  ? 1.665   13.827  9.968   1.00 37.65  ? 7   A   C "C4'" 1 
ATOM   825  O  "O4'" . A   C 1 7  ? 2.765   13.123  10.582  1.00 40.06  ? 7   A   C "O4'" 1 
ATOM   826  C  "C3'" . A   C 1 7  ? 1.476   13.131  8.631   1.00 38.69  ? 7   A   C "C3'" 1 
ATOM   827  O  "O3'" . A   C 1 7  ? 0.868   13.962  7.675   1.00 39.10  ? 7   A   C "O3'" 1 
ATOM   828  C  "C2'" . A   C 1 7  ? 2.915   12.828  8.270   1.00 40.61  ? 7   A   C "C2'" 1 
ATOM   829  O  "O2'" . A   C 1 7  ? 3.621   13.996  7.950   1.00 44.39  ? 7   A   C "O2'" 1 
ATOM   830  C  "C1'" . A   C 1 7  ? 3.448   12.361  9.615   1.00 41.40  ? 7   A   C "C1'" 1 
ATOM   831  N  N9    . A   C 1 7  ? 3.164   10.958  9.876   1.00 38.79  ? 7   A   C N9    1 
ATOM   832  C  C8    . A   C 1 7  ? 2.610   10.425  11.008  1.00 38.89  ? 7   A   C C8    1 
ATOM   833  N  N7    . A   C 1 7  ? 2.441   9.130   10.953  1.00 35.92  ? 7   A   C N7    1 
ATOM   834  C  C5    . A   C 1 7  ? 2.919   8.784   9.700   1.00 39.16  ? 7   A   C C5    1 
ATOM   835  C  C6    . A   C 1 7  ? 3.010   7.557   9.029   1.00 39.42  ? 7   A   C C6    1 
ATOM   836  N  N6    . A   C 1 7  ? 2.599   6.399   9.542   1.00 36.23  ? 7   A   C N6    1 
ATOM   837  N  N1    . A   C 1 7  ? 3.509   7.563   7.778   1.00 40.63  ? 7   A   C N1    1 
ATOM   838  C  C2    . A   C 1 7  ? 3.890   8.726   7.250   1.00 40.93  ? 7   A   C C2    1 
ATOM   839  N  N3    . A   C 1 7  ? 3.855   9.941   7.777   1.00 39.65  ? 7   A   C N3    1 
ATOM   840  C  C4    . A   C 1 7  ? 3.351   9.904   9.018   1.00 38.76  ? 7   A   C C4    1 
ATOM   841  P  P     . C   C 1 8  ? -0.305  13.446  6.817   1.00 42.43  ? 8   C   C P     1 
ATOM   842  O  OP1   . C   C 1 8  ? -0.534  14.400  5.777   1.00 42.25  ? 8   C   C OP1   1 
ATOM   843  O  OP2   . C   C 1 8  ? -1.379  13.078  7.689   1.00 35.60  ? 8   C   C OP2   1 
ATOM   844  O  "O5'" . C   C 1 8  ? 0.238   12.115  6.174   1.00 40.76  ? 8   C   C "O5'" 1 
ATOM   845  C  "C5'" . C   C 1 8  ? 1.078   12.147  5.032   1.00 42.86  ? 8   C   C "C5'" 1 
ATOM   846  C  "C4'" . C   C 1 8  ? 0.998   10.851  4.281   1.00 39.37  ? 8   C   C "C4'" 1 
ATOM   847  O  "O4'" . C   C 1 8  ? 1.597   9.819   5.086   1.00 41.56  ? 8   C   C "O4'" 1 
ATOM   848  C  "C3'" . C   C 1 8  ? -0.398  10.334  4.003   1.00 40.62  ? 8   C   C "C3'" 1 
ATOM   849  O  "O3'" . C   C 1 8  ? -1.006  10.833  2.835   1.00 40.94  ? 8   C   C "O3'" 1 
ATOM   850  C  "C2'" . C   C 1 8  ? -0.161  8.848   3.832   1.00 40.76  ? 8   C   C "C2'" 1 
ATOM   851  O  "O2'" . C   C 1 8  ? 0.337   8.481   2.582   1.00 40.60  ? 8   C   C "O2'" 1 
ATOM   852  C  "C1'" . C   C 1 8  ? 0.943   8.594   4.850   1.00 40.10  ? 8   C   C "C1'" 1 
ATOM   853  N  N1    . C   C 1 8  ? 0.452   8.031   6.117   1.00 35.65  ? 8   C   C N1    1 
ATOM   854  C  C2    . C   C 1 8  ? -0.041  6.728   6.111   1.00 40.45  ? 8   C   C C2    1 
ATOM   855  O  O2    . C   C 1 8  ? -0.058  6.101   5.050   1.00 36.38  ? 8   C   C O2    1 
ATOM   856  N  N3    . C   C 1 8  ? -0.484  6.185   7.262   1.00 36.79  ? 8   C   C N3    1 
ATOM   857  C  C4    . C   C 1 8  ? -0.453  6.892   8.387   1.00 37.24  ? 8   C   C C4    1 
ATOM   858  N  N4    . C   C 1 8  ? -0.901  6.315   9.495   1.00 36.91  ? 8   C   C N4    1 
ATOM   859  C  C5    . C   C 1 8  ? 0.047   8.223   8.425   1.00 36.12  ? 8   C   C C5    1 
ATOM   860  C  C6    . C   C 1 8  ? 0.481   8.749   7.278   1.00 37.75  ? 8   C   C C6    1 
ATOM   861  P  P     . G   C 1 9  ? -2.487  11.274  2.876   1.00 44.72  ? 9   G   C P     1 
ATOM   862  O  OP1   . G   C 1 9  ? -2.675  12.289  1.875   1.00 47.36  ? 9   G   C OP1   1 
ATOM   863  O  OP2   . G   C 1 9  ? -2.831  11.571  4.241   1.00 39.49  ? 9   G   C OP2   1 
ATOM   864  O  "O5'" . G   C 1 9  ? -3.262  9.949   2.508   1.00 41.26  ? 9   G   C "O5'" 1 
ATOM   865  C  "C5'" . G   C 1 9  ? -3.106  9.308   1.257   1.00 45.57  ? 9   G   C "C5'" 1 
ATOM   866  C  "C4'" . G   C 1 9  ? -3.628  7.894   1.307   1.00 43.60  ? 9   G   C "C4'" 1 
ATOM   867  O  "O4'" . G   C 1 9  ? -2.740  7.078   2.122   1.00 40.40  ? 9   G   C "O4'" 1 
ATOM   868  C  "C3'" . G   C 1 9  ? -4.964  7.641   1.978   1.00 40.92  ? 9   G   C "C3'" 1 
ATOM   869  O  "O3'" . G   C 1 9  ? -6.230  8.226   1.692   1.00 59.74  ? 9   G   C "O3'" 1 
ATOM   870  C  "C2'" . G   C 1 9  ? -4.874  6.146   2.161   1.00 41.94  ? 9   G   C "C2'" 1 
ATOM   871  O  "O2'" . G   C 1 9  ? -4.747  5.422   0.973   1.00 39.40  ? 9   G   C "O2'" 1 
ATOM   872  C  "C1'" . G   C 1 9  ? -3.497  6.080   2.792   1.00 40.66  ? 9   G   C "C1'" 1 
ATOM   873  N  N9    . G   C 1 9  ? -3.585  6.406   4.211   1.00 36.66  ? 9   G   C N9    1 
ATOM   874  C  C8    . G   C 1 9  ? -3.285  7.596   4.820   1.00 38.66  ? 9   G   C C8    1 
ATOM   875  N  N7    . G   C 1 9  ? -3.501  7.581   6.104   1.00 38.58  ? 9   G   C N7    1 
ATOM   876  C  C5    . G   C 1 9  ? -4.007  6.316   6.352   1.00 37.22  ? 9   G   C C5    1 
ATOM   877  C  C6    . G   C 1 9  ? -4.415  5.711   7.566   1.00 37.56  ? 9   G   C C6    1 
ATOM   878  O  O6    . G   C 1 9  ? -4.434  6.193   8.700   1.00 38.22  ? 9   G   C O6    1 
ATOM   879  N  N1    . G   C 1 9  ? -4.851  4.409   7.363   1.00 32.08  ? 9   G   C N1    1 
ATOM   880  C  C2    . G   C 1 9  ? -4.893  3.773   6.153   1.00 37.70  ? 9   G   C C2    1 
ATOM   881  N  N2    . G   C 1 9  ? -5.348  2.522   6.160   1.00 37.99  ? 9   G   C N2    1 
ATOM   882  N  N3    . G   C 1 9  ? -4.501  4.317   5.022   1.00 37.50  ? 9   G   C N3    1 
ATOM   883  C  C4    . G   C 1 9  ? -4.070  5.581   5.192   1.00 35.85  ? 9   G   C C4    1 
ATOM   884  P  P     . A   C 1 10 ? -7.077  7.752   0.526   1.00 57.42  ? 10  A   C P     1 
ATOM   885  O  OP1   . A   C 1 10 ? -6.191  7.635   -0.609  1.00 73.94  ? 10  A   C OP1   1 
ATOM   886  O  OP2   . A   C 1 10 ? -8.251  8.571   0.458   1.00 57.49  ? 10  A   C OP2   1 
ATOM   887  O  "O5'" . A   C 1 10 ? -7.521  6.273   0.865   1.00 57.70  ? 10  A   C "O5'" 1 
ATOM   888  C  "C5'" . A   C 1 10 ? -8.418  5.625   -0.058  1.00 56.15  ? 10  A   C "C5'" 1 
ATOM   889  C  "C4'" . A   C 1 10 ? -8.539  4.142   0.168   1.00 55.35  ? 10  A   C "C4'" 1 
ATOM   890  O  "O4'" . A   C 1 10 ? -7.334  3.503   -0.270  1.00 63.25  ? 10  A   C "O4'" 1 
ATOM   891  C  "C3'" . A   C 1 10 ? -8.775  3.687   1.604   1.00 53.60  ? 10  A   C "C3'" 1 
ATOM   892  O  "O3'" . A   C 1 10 ? -9.934  2.910   1.708   1.00 49.02  ? 10  A   C "O3'" 1 
ATOM   893  C  "C2'" . A   C 1 10 ? -7.551  2.853   1.950   1.00 54.86  ? 10  A   C "C2'" 1 
ATOM   894  O  "O2'" . A   C 1 10 ? -7.843  1.684   2.665   1.00 52.31  ? 10  A   C "O2'" 1 
ATOM   895  C  "C1'" . A   C 1 10 ? -7.054  2.436   0.580   1.00 56.17  ? 10  A   C "C1'" 1 
ATOM   896  N  N9    . A   C 1 10 ? -5.618  2.221   0.561   1.00 54.34  ? 10  A   C N9    1 
ATOM   897  C  C8    . A   C 1 10 ? -4.692  2.501   1.530   1.00 54.09  ? 10  A   C C8    1 
ATOM   898  N  N7    . A   C 1 10 ? -3.468  2.186   1.196   1.00 58.04  ? 10  A   C N7    1 
ATOM   899  C  C5    . A   C 1 10 ? -3.599  1.649   -0.075  1.00 50.92  ? 10  A   C C5    1 
ATOM   900  C  C6    . A   C 1 10 ? -2.670  1.117   -0.973  1.00 54.09  ? 10  A   C C6    1 
ATOM   901  N  N6    . A   C 1 10 ? -1.368  1.017   -0.714  1.00 51.06  ? 10  A   C N6    1 
ATOM   902  N  N1    . A   C 1 10 ? -3.131  0.670   -2.159  1.00 47.28  ? 10  A   C N1    1 
ATOM   903  C  C2    . A   C 1 10 ? -4.440  0.743   -2.404  1.00 46.03  ? 10  A   C C2    1 
ATOM   904  N  N3    . A   C 1 10 ? -5.413  1.220   -1.641  1.00 46.51  ? 10  A   C N3    1 
ATOM   905  C  C4    . A   C 1 10 ? -4.918  1.665   -0.477  1.00 52.27  ? 10  A   C C4    1 
ATOM   906  P  P     . C   C 1 11 ? -11.128 3.507   2.416   1.00 51.05  ? 11  C   C P     1 
ATOM   907  O  OP1   . C   C 1 11 ? -12.282 2.711   2.081   1.00 59.50  ? 11  C   C OP1   1 
ATOM   908  O  OP2   . C   C 1 11 ? -11.144 4.917   2.129   1.00 44.78  ? 11  C   C OP2   1 
ATOM   909  O  "O5'" . C   C 1 11 ? -10.759 3.367   3.949   1.00 45.71  ? 11  C   C "O5'" 1 
ATOM   910  C  "C5'" . C   C 1 11 ? -10.599 2.095   4.566   1.00 42.23  ? 11  C   C "C5'" 1 
ATOM   911  C  "C4'" . C   C 1 11 ? -10.293 2.254   6.035   1.00 38.93  ? 11  C   C "C4'" 1 
ATOM   912  O  "O4'" . C   C 1 11 ? -8.882  2.516   6.199   1.00 38.01  ? 11  C   C "O4'" 1 
ATOM   913  C  "C3'" . C   C 1 11 ? -10.994 3.391   6.754   1.00 39.64  ? 11  C   C "C3'" 1 
ATOM   914  O  "O3'" . C   C 1 11 ? -12.232 3.010   7.304   1.00 40.77  ? 11  C   C "O3'" 1 
ATOM   915  C  "C2'" . C   C 1 11 ? -10.025 3.689   7.885   1.00 40.04  ? 11  C   C "C2'" 1 
ATOM   916  O  "O2'" . C   C 1 11 ? -10.070 2.811   8.972   1.00 41.12  ? 11  C   C "O2'" 1 
ATOM   917  C  "C1'" . C   C 1 11 ? -8.689  3.503   7.184   1.00 40.34  ? 11  C   C "C1'" 1 
ATOM   918  N  N1    . C   C 1 11 ? -8.217  4.750   6.560   1.00 37.91  ? 11  C   C N1    1 
ATOM   919  C  C2    . C   C 1 11 ? -7.775  5.775   7.396   1.00 38.28  ? 11  C   C C2    1 
ATOM   920  O  O2    . C   C 1 11 ? -7.772  5.589   8.612   1.00 34.69  ? 11  C   C O2    1 
ATOM   921  N  N3    . C   C 1 11 ? -7.344  6.933   6.852   1.00 35.69  ? 11  C   C N3    1 
ATOM   922  C  C4    . C   C 1 11 ? -7.361  7.093   5.530   1.00 38.69  ? 11  C   C C4    1 
ATOM   923  N  N4    . C   C 1 11 ? -6.936  8.255   5.036   1.00 38.89  ? 11  C   C N4    1 
ATOM   924  C  C5    . C   C 1 11 ? -7.815  6.068   4.653   1.00 39.52  ? 11  C   C C5    1 
ATOM   925  C  C6    . C   C 1 11 ? -8.233  4.925   5.205   1.00 38.35  ? 11  C   C C6    1 
ATOM   926  P  P     . C   C 1 12 ? -13.409 4.021   7.375   1.00 49.07  ? 12  C   C P     1 
ATOM   927  O  OP1   . C   C 1 12 ? -14.616 3.282   7.694   1.00 49.83  ? 12  C   C OP1   1 
ATOM   928  O  OP2   . C   C 1 12 ? -13.375 4.849   6.193   1.00 47.11  ? 12  C   C OP2   1 
ATOM   929  O  "O5'" . C   C 1 12 ? -13.029 4.953   8.589   1.00 47.89  ? 12  C   C "O5'" 1 
ATOM   930  C  "C5'" . C   C 1 12 ? -12.831 4.416   9.878   1.00 45.38  ? 12  C   C "C5'" 1 
ATOM   931  C  "C4'" . C   C 1 12 ? -12.335 5.484   10.808  1.00 43.14  ? 12  C   C "C4'" 1 
ATOM   932  O  "O4'" . C   C 1 12 ? -11.010 5.900   10.421  1.00 39.67  ? 12  C   C "O4'" 1 
ATOM   933  C  "C3'" . C   C 1 12 ? -13.106 6.781   10.807  1.00 43.73  ? 12  C   C "C3'" 1 
ATOM   934  O  "O3'" . C   C 1 12 ? -14.297 6.625   11.538  1.00 45.82  ? 12  C   C "O3'" 1 
ATOM   935  C  "C2'" . C   C 1 12 ? -12.095 7.704   11.457  1.00 38.06  ? 12  C   C "C2'" 1 
ATOM   936  O  "O2'" . C   C 1 12 ? -11.891 7.427   12.815  1.00 41.87  ? 12  C   C "O2'" 1 
ATOM   937  C  "C1'" . C   C 1 12 ? -10.823 7.261   10.754  1.00 38.64  ? 12  C   C "C1'" 1 
ATOM   938  N  N1    . C   C 1 12 ? -10.500 8.024   9.536   1.00 36.38  ? 12  C   C N1    1 
ATOM   939  C  C2    . C   C 1 12 ? -9.946  9.296   9.677   1.00 37.65  ? 12  C   C C2    1 
ATOM   940  O  O2    . C   C 1 12 ? -9.773  9.748   10.809  1.00 41.20  ? 12  C   C O2    1 
ATOM   941  N  N3    . C   C 1 12 ? -9.629  10.004  8.576   1.00 36.82  ? 12  C   C N3    1 
ATOM   942  C  C4    . C   C 1 12 ? -9.836  9.482   7.369   1.00 35.93  ? 12  C   C C4    1 
ATOM   943  N  N4    . C   C 1 12 ? -9.501  10.210  6.311   1.00 35.48  ? 12  C   C N4    1 
ATOM   944  C  C5    . C   C 1 12 ? -10.389 8.183   7.196   1.00 40.81  ? 12  C   C C5    1 
ATOM   945  C  C6    . C   C 1 12 ? -10.711 7.500   8.295   1.00 34.59  ? 12  C   C C6    1 
ATOM   946  P  P     . C   C 1 13 ? -15.505 7.554   11.292  1.00 46.49  ? 13  C   C P     1 
ATOM   947  O  OP1   . C   C 1 13 ? -16.577 7.070   12.163  1.00 50.45  ? 13  C   C OP1   1 
ATOM   948  O  OP2   . C   C 1 13 ? -15.713 7.685   9.835   1.00 43.94  ? 13  C   C OP2   1 
ATOM   949  O  "O5'" . C   C 1 13 ? -15.002 8.955   11.844  1.00 44.79  ? 13  C   C "O5'" 1 
ATOM   950  C  "C5'" . C   C 1 13 ? -14.717 9.110   13.236  1.00 43.45  ? 13  C   C "C5'" 1 
ATOM   951  C  "C4'" . C   C 1 13 ? -14.120 10.467  13.470  1.00 45.83  ? 13  C   C "C4'" 1 
ATOM   952  O  "O4'" . C   C 1 13 ? -12.880 10.603  12.720  1.00 43.36  ? 13  C   C "O4'" 1 
ATOM   953  C  "C3'" . C   C 1 13 ? -14.961 11.636  12.984  1.00 45.17  ? 13  C   C "C3'" 1 
ATOM   954  O  "O3'" . C   C 1 13 ? -15.913 11.980  13.954  1.00 45.17  ? 13  C   C "O3'" 1 
ATOM   955  C  "C2'" . C   C 1 13 ? -13.919 12.732  12.860  1.00 43.84  ? 13  C   C "C2'" 1 
ATOM   956  O  "O2'" . C   C 1 13 ? -13.583 13.261  14.122  1.00 46.13  ? 13  C   C "O2'" 1 
ATOM   957  C  "C1'" . C   C 1 13 ? -12.749 11.942  12.289  1.00 42.90  ? 13  C   C "C1'" 1 
ATOM   958  N  N1    . C   C 1 13 ? -12.689 11.959  10.835  1.00 40.45  ? 13  C   C N1    1 
ATOM   959  C  C2    . C   C 1 13 ? -12.095 13.068  10.257  1.00 41.05  ? 13  C   C C2    1 
ATOM   960  O  O2    . C   C 1 13 ? -11.754 14.007  10.987  1.00 43.23  ? 13  C   C O2    1 
ATOM   961  N  N3    . C   C 1 13 ? -11.966 13.127  8.915   1.00 35.08  ? 13  C   C N3    1 
ATOM   962  C  C4    . C   C 1 13 ? -12.355 12.096  8.161   1.00 36.54  ? 13  C   C C4    1 
ATOM   963  N  N4    . C   C 1 13 ? -12.146 12.178  6.845   1.00 32.44  ? 13  C   C N4    1 
ATOM   964  C  C5    . C   C 1 13 ? -12.928 10.923  8.729   1.00 36.75  ? 13  C   C C5    1 
ATOM   965  C  C6    . C   C 1 13 ? -13.084 10.901  10.060  1.00 45.91  ? 13  C   C C6    1 
HETATM 966  P  P     . 5BU C 1 14 ? -17.235 12.734  13.532  1.00 45.25  ? 14  5BU C P     1 
HETATM 967  O  OP1   . 5BU C 1 14 ? -17.933 13.032  14.809  1.00 47.38  ? 14  5BU C OP1   1 
HETATM 968  O  OP2   . 5BU C 1 14 ? -17.814 12.067  12.338  1.00 49.10  ? 14  5BU C OP2   1 
HETATM 969  O  "O5'" . 5BU C 1 14 ? -16.731 14.174  12.963  1.00 45.13  ? 14  5BU C "O5'" 1 
HETATM 970  C  "C5'" . 5BU C 1 14 ? -16.318 15.141  13.921  1.00 38.84  ? 14  5BU C "C5'" 1 
HETATM 971  C  "C4'" . 5BU C 1 14 ? -15.675 16.322  13.199  1.00 41.49  ? 14  5BU C "C4'" 1 
HETATM 972  O  "O4'" . 5BU C 1 14 ? -14.585 15.922  12.383  1.00 37.24  ? 14  5BU C "O4'" 1 
HETATM 973  C  "C3'" . 5BU C 1 14 ? -16.639 17.013  12.277  1.00 42.91  ? 14  5BU C "C3'" 1 
HETATM 974  O  "O3'" . 5BU C 1 14 ? -17.519 17.874  13.019  1.00 43.95  ? 14  5BU C "O3'" 1 
HETATM 975  C  "C2'" . 5BU C 1 14 ? -15.690 17.782  11.400  1.00 40.80  ? 14  5BU C "C2'" 1 
HETATM 976  O  "O2'" . 5BU C 1 14 ? -15.222 18.996  12.038  1.00 40.08  ? 14  5BU C "O2'" 1 
HETATM 977  C  "C1'" . 5BU C 1 14 ? -14.594 16.738  11.205  1.00 37.58  ? 14  5BU C "C1'" 1 
HETATM 978  N  N1    . 5BU C 1 14 ? -14.829 15.898  10.027  1.00 39.83  ? 14  5BU C N1    1 
HETATM 979  C  C2    . 5BU C 1 14 ? -14.538 16.377  8.766   1.00 41.02  ? 14  5BU C C2    1 
HETATM 980  O  O2    . 5BU C 1 14 ? -14.072 17.522  8.711   1.00 42.01  ? 14  5BU C O2    1 
HETATM 981  N  N3    . 5BU C 1 14 ? -14.723 15.625  7.656   1.00 38.11  ? 14  5BU C N3    1 
HETATM 982  C  C4    . 5BU C 1 14 ? -15.234 14.385  7.749   1.00 39.89  ? 14  5BU C C4    1 
HETATM 983  O  O4    . 5BU C 1 14 ? -15.456 13.683  6.787   1.00 38.91  ? 14  5BU C O4    1 
HETATM 984  C  C5    . 5BU C 1 14 ? -15.571 13.868  9.046   1.00 39.96  ? 14  5BU C C5    1 
HETATM 985  C  C6    . 5BU C 1 14 ? -15.370 14.682  10.128  1.00 39.58  ? 14  5BU C C6    1 
HETATM 986  BR BR    . 5BU C 1 14 ? -16.380 12.170  9.319   1.00 54.19  ? 14  5BU C BR    1 
ATOM   987  P  P     . G   C 1 15 ? -19.017 18.124  12.507  1.00 46.26  ? 15  G   C P     1 
ATOM   988  O  OP1   . G   C 1 15 ? -19.734 18.639  13.670  1.00 50.07  ? 15  G   C OP1   1 
ATOM   989  O  OP2   . G   C 1 15 ? -19.482 16.923  11.823  1.00 48.68  ? 15  G   C OP2   1 
ATOM   990  O  "O5'" . G   C 1 15 ? -18.864 19.189  11.332  1.00 36.66  ? 15  G   C "O5'" 1 
ATOM   991  C  "C5'" . G   C 1 15 ? -18.591 20.541  11.702  1.00 39.84  ? 15  G   C "C5'" 1 
ATOM   992  C  "C4'" . G   C 1 15 ? -18.271 21.356  10.496  1.00 36.55  ? 15  G   C "C4'" 1 
ATOM   993  O  "O4'" . G   C 1 15 ? -17.077 20.823  9.861   1.00 40.21  ? 15  G   C "O4'" 1 
ATOM   994  C  "C3'" . G   C 1 15 ? -19.292 21.306  9.383   1.00 36.12  ? 15  G   C "C3'" 1 
ATOM   995  O  "O3'" . G   C 1 15 ? -20.378 22.155  9.654   1.00 38.00  ? 15  G   C "O3'" 1 
ATOM   996  C  "C2'" . G   C 1 15 ? -18.453 21.814  8.233   1.00 39.81  ? 15  G   C "C2'" 1 
ATOM   997  O  "O2'" . G   C 1 15 ? -18.193 23.205  8.302   1.00 40.86  ? 15  G   C "O2'" 1 
ATOM   998  C  "C1'" . G   C 1 15 ? -17.175 21.023  8.470   1.00 36.24  ? 15  G   C "C1'" 1 
ATOM   999  N  N9    . G   C 1 15 ? -17.257 19.733  7.816   1.00 34.33  ? 15  G   C N9    1 
ATOM   1000 C  C8    . G   C 1 15 ? -17.557 18.503  8.352   1.00 35.13  ? 15  G   C C8    1 
ATOM   1001 N  N7    . G   C 1 15 ? -17.530 17.542  7.469   1.00 39.68  ? 15  G   C N7    1 
ATOM   1002 C  C5    . G   C 1 15 ? -17.314 18.195  6.264   1.00 35.87  ? 15  G   C C5    1 
ATOM   1003 C  C6    . G   C 1 15 ? -17.244 17.687  4.942   1.00 37.73  ? 15  G   C C6    1 
ATOM   1004 O  O6    . G   C 1 15 ? -17.385 16.529  4.562   1.00 39.20  ? 15  G   C O6    1 
ATOM   1005 N  N1    . G   C 1 15 ? -16.997 18.698  4.013   1.00 32.45  ? 15  G   C N1    1 
ATOM   1006 C  C2    . G   C 1 15 ? -16.825 20.029  4.327   1.00 36.59  ? 15  G   C C2    1 
ATOM   1007 N  N2    . G   C 1 15 ? -16.590 20.857  3.306   1.00 35.33  ? 15  G   C N2    1 
ATOM   1008 N  N3    . G   C 1 15 ? -16.883 20.512  5.557   1.00 35.25  ? 15  G   C N3    1 
ATOM   1009 C  C4    . G   C 1 15 ? -17.130 19.547  6.467   1.00 35.51  ? 15  G   C C4    1 
ATOM   1010 P  P     . C   C 1 16 ? -21.840 21.791  9.111   1.00 39.14  ? 16  C   C P     1 
ATOM   1011 O  OP1   . C   C 1 16 ? -22.712 22.833  9.632   1.00 42.43  ? 16  C   C OP1   1 
ATOM   1012 O  OP2   . C   C 1 16 ? -22.072 20.371  9.392   1.00 34.65  ? 16  C   C OP2   1 
ATOM   1013 O  "O5'" . C   C 1 16 ? -21.693 22.072  7.567   1.00 36.54  ? 16  C   C "O5'" 1 
ATOM   1014 C  "C5'" . C   C 1 16 ? -21.488 23.425  7.119   1.00 35.34  ? 16  C   C "C5'" 1 
ATOM   1015 C  "C4'" . C   C 1 16 ? -21.202 23.433  5.659   1.00 37.11  ? 16  C   C "C4'" 1 
ATOM   1016 O  "O4'" . C   C 1 16 ? -20.106 22.529  5.390   1.00 42.16  ? 16  C   C "O4'" 1 
ATOM   1017 C  "C3'" . C   C 1 16 ? -22.321 22.878  4.778   1.00 39.75  ? 16  C   C "C3'" 1 
ATOM   1018 O  "O3'" . C   C 1 16 ? -23.296 23.880  4.459   1.00 41.20  ? 16  C   C "O3'" 1 
ATOM   1019 C  "C2'" . C   C 1 16 ? -21.559 22.555  3.520   1.00 35.84  ? 16  C   C "C2'" 1 
ATOM   1020 O  "O2'" . C   C 1 16 ? -21.222 23.732  2.852   1.00 39.23  ? 16  C   C "O2'" 1 
ATOM   1021 C  "C1'" . C   C 1 16 ? -20.259 21.985  4.082   1.00 35.68  ? 16  C   C "C1'" 1 
ATOM   1022 N  N1    . C   C 1 16 ? -20.316 20.518  4.165   1.00 37.12  ? 16  C   C N1    1 
ATOM   1023 C  C2    . C   C 1 16 ? -20.215 19.792  2.983   1.00 34.36  ? 16  C   C C2    1 
ATOM   1024 O  O2    . C   C 1 16 ? -19.972 20.397  1.931   1.00 34.69  ? 16  C   C O2    1 
ATOM   1025 N  N3    . C   C 1 16 ? -20.274 18.444  3.029   1.00 33.40  ? 16  C   C N3    1 
ATOM   1026 C  C4    . C   C 1 16 ? -20.499 17.829  4.193   1.00 34.03  ? 16  C   C C4    1 
ATOM   1027 N  N4    . C   C 1 16 ? -20.572 16.503  4.193   1.00 33.13  ? 16  C   C N4    1 
ATOM   1028 C  C5    . C   C 1 16 ? -20.621 18.550  5.414   1.00 37.46  ? 16  C   C C5    1 
ATOM   1029 C  C6    . C   C 1 16 ? -20.579 19.882  5.346   1.00 33.50  ? 16  C   C C6    1 
ATOM   1030 O  "O5'" . G   D 1 1  ? 10.511  -11.058 5.238   1.00 49.47  ? 1   G   D "O5'" 1 
ATOM   1031 C  "C5'" . G   D 1 1  ? 10.367  -12.471 5.103   1.00 52.30  ? 1   G   D "C5'" 1 
ATOM   1032 C  "C4'" . G   D 1 1  ? 10.702  -13.166 6.398   1.00 49.36  ? 1   G   D "C4'" 1 
ATOM   1033 O  "O4'" . G   D 1 1  ? 12.098  -12.940 6.731   1.00 46.47  ? 1   G   D "O4'" 1 
ATOM   1034 C  "C3'" . G   D 1 1  ? 9.947   -12.739 7.652   1.00 46.70  ? 1   G   D "C3'" 1 
ATOM   1035 O  "O3'" . G   D 1 1  ? 8.705   -13.406 7.754   1.00 49.14  ? 1   G   D "O3'" 1 
ATOM   1036 C  "C2'" . G   D 1 1  ? 10.885  -13.270 8.729   1.00 47.46  ? 1   G   D "C2'" 1 
ATOM   1037 O  "O2'" . G   D 1 1  ? 10.839  -14.674 8.847   1.00 46.82  ? 1   G   D "O2'" 1 
ATOM   1038 C  "C1'" . G   D 1 1  ? 12.232  -12.846 8.146   1.00 44.68  ? 1   G   D "C1'" 1 
ATOM   1039 N  N9    . G   D 1 1  ? 12.573  -11.469 8.472   1.00 37.22  ? 1   G   D N9    1 
ATOM   1040 C  C8    . G   D 1 1  ? 12.669  -10.400 7.613   1.00 38.06  ? 1   G   D C8    1 
ATOM   1041 N  N7    . G   D 1 1  ? 12.981  -9.285  8.215   1.00 38.84  ? 1   G   D N7    1 
ATOM   1042 C  C5    . G   D 1 1  ? 13.106  -9.641  9.551   1.00 36.12  ? 1   G   D C5    1 
ATOM   1043 C  C6    . G   D 1 1  ? 13.462  -8.862  10.675  1.00 39.00  ? 1   G   D C6    1 
ATOM   1044 O  O6    . G   D 1 1  ? 13.775  -7.670  10.712  1.00 41.00  ? 1   G   D O6    1 
ATOM   1045 N  N1    . G   D 1 1  ? 13.423  -9.609  11.851  1.00 38.05  ? 1   G   D N1    1 
ATOM   1046 C  C2    . G   D 1 1  ? 13.161  -10.960 11.919  1.00 40.19  ? 1   G   D C2    1 
ATOM   1047 N  N2    . G   D 1 1  ? 13.182  -11.510 13.140  1.00 42.76  ? 1   G   D N2    1 
ATOM   1048 N  N3    . G   D 1 1  ? 12.855  -11.704 10.872  1.00 37.80  ? 1   G   D N3    1 
ATOM   1049 C  C4    . G   D 1 1  ? 12.849  -10.984 9.726   1.00 38.79  ? 1   G   D C4    1 
ATOM   1050 P  P     . C   D 1 2  ? 7.404   -12.718 8.459   1.00 49.39  ? 2   C   D P     1 
ATOM   1051 O  OP1   . C   D 1 2  ? 6.280   -13.628 8.207   1.00 49.94  ? 2   C   D OP1   1 
ATOM   1052 O  OP2   . C   D 1 2  ? 7.349   -11.280 8.079   1.00 41.89  ? 2   C   D OP2   1 
ATOM   1053 O  "O5'" . C   D 1 2  ? 7.655   -12.943 10.011  1.00 39.84  ? 2   C   D "O5'" 1 
ATOM   1054 C  "C5'" . C   D 1 2  ? 7.795   -14.280 10.539  1.00 43.19  ? 2   C   D "C5'" 1 
ATOM   1055 C  "C4'" . C   D 1 2  ? 8.168   -14.178 11.989  1.00 47.06  ? 2   C   D "C4'" 1 
ATOM   1056 O  "O4'" . C   D 1 2  ? 9.496   -13.578 12.114  1.00 48.74  ? 2   C   D "O4'" 1 
ATOM   1057 C  "C3'" . C   D 1 2  ? 7.300   -13.222 12.801  1.00 47.26  ? 2   C   D "C3'" 1 
ATOM   1058 O  "O3'" . C   D 1 2  ? 6.006   -13.740 13.125  1.00 49.87  ? 2   C   D "O3'" 1 
ATOM   1059 C  "C2'" . C   D 1 2  ? 8.207   -12.985 13.988  1.00 40.37  ? 2   C   D "C2'" 1 
ATOM   1060 O  "O2'" . C   D 1 2  ? 8.193   -14.177 14.722  1.00 45.56  ? 2   C   D "O2'" 1 
ATOM   1061 C  "C1'" . C   D 1 2  ? 9.545   -12.766 13.281  1.00 42.32  ? 2   C   D "C1'" 1 
ATOM   1062 N  N1    . C   D 1 2  ? 9.792   -11.353 12.886  1.00 39.68  ? 2   C   D N1    1 
ATOM   1063 C  C2    . C   D 1 2  ? 10.268  -10.456 13.853  1.00 36.66  ? 2   C   D C2    1 
ATOM   1064 O  O2    . C   D 1 2  ? 10.463  -10.861 15.002  1.00 36.55  ? 2   C   D O2    1 
ATOM   1065 N  N3    . C   D 1 2  ? 10.503  -9.172  13.507  1.00 37.47  ? 2   C   D N3    1 
ATOM   1066 C  C4    . C   D 1 2  ? 10.264  -8.764  12.260  1.00 37.59  ? 2   C   D C4    1 
ATOM   1067 N  N4    . C   D 1 2  ? 10.505  -7.486  11.966  1.00 37.22  ? 2   C   D N4    1 
ATOM   1068 C  C5    . C   D 1 2  ? 9.782   -9.652  11.255  1.00 35.57  ? 2   C   D C5    1 
ATOM   1069 C  C6    . C   D 1 2  ? 9.566   -10.926 11.607  1.00 41.59  ? 2   C   D C6    1 
ATOM   1070 P  P     . G   D 1 3  ? 4.735   -12.731 13.363  1.00 50.10  ? 3   G   D P     1 
ATOM   1071 O  OP1   . G   D 1 3  ? 3.529   -13.569 13.438  1.00 63.76  ? 3   G   D OP1   1 
ATOM   1072 O  OP2   . G   D 1 3  ? 4.796   -11.646 12.397  1.00 46.97  ? 3   G   D OP2   1 
ATOM   1073 O  "O5'" . G   D 1 3  ? 5.055   -12.121 14.804  1.00 51.06  ? 3   G   D "O5'" 1 
ATOM   1074 C  "C5'" . G   D 1 3  ? 5.146   -13.001 15.926  1.00 49.34  ? 3   G   D "C5'" 1 
ATOM   1075 C  "C4'" . G   D 1 3  ? 5.678   -12.246 17.118  1.00 49.20  ? 3   G   D "C4'" 1 
ATOM   1076 O  "O4'" . G   D 1 3  ? 6.980   -11.714 16.792  1.00 43.32  ? 3   G   D "O4'" 1 
ATOM   1077 C  "C3'" . G   D 1 3  ? 4.914   -10.990 17.513  1.00 45.25  ? 3   G   D "C3'" 1 
ATOM   1078 O  "O3'" . G   D 1 3  ? 3.720   -11.242 18.213  1.00 46.68  ? 3   G   D "O3'" 1 
ATOM   1079 C  "C2'" . G   D 1 3  ? 5.935   -10.296 18.379  1.00 40.71  ? 3   G   D "C2'" 1 
ATOM   1080 O  "O2'" . G   D 1 3  ? 5.940   -10.849 19.679  1.00 39.71  ? 3   G   D "O2'" 1 
ATOM   1081 C  "C1'" . G   D 1 3  ? 7.199   -10.548 17.548  1.00 43.53  ? 3   G   D "C1'" 1 
ATOM   1082 N  N9    . G   D 1 3  ? 7.449   -9.444  16.638  1.00 37.34  ? 3   G   D N9    1 
ATOM   1083 C  C8    . G   D 1 3  ? 7.284   -9.366  15.277  1.00 40.21  ? 3   G   D C8    1 
ATOM   1084 N  N7    . G   D 1 3  ? 7.569   -8.184  14.796  1.00 47.35  ? 3   G   D N7    1 
ATOM   1085 C  C5    . G   D 1 3  ? 7.979   -7.453  15.904  1.00 42.11  ? 3   G   D C5    1 
ATOM   1086 C  C6    . G   D 1 3  ? 8.385   -6.096  16.016  1.00 38.56  ? 3   G   D C6    1 
ATOM   1087 O  O6    . G   D 1 3  ? 8.516   -5.262  15.122  1.00 36.85  ? 3   G   D O6    1 
ATOM   1088 N  N1    . G   D 1 3  ? 8.653   -5.745  17.339  1.00 39.07  ? 3   G   D N1    1 
ATOM   1089 C  C2    . G   D 1 3  ? 8.517   -6.585  18.424  1.00 40.13  ? 3   G   D C2    1 
ATOM   1090 N  N2    . G   D 1 3  ? 8.823   -6.069  19.631  1.00 42.24  ? 3   G   D N2    1 
ATOM   1091 N  N3    . G   D 1 3  ? 8.135   -7.850  18.332  1.00 41.62  ? 3   G   D N3    1 
ATOM   1092 C  C4    . G   D 1 3  ? 7.887   -8.213  17.051  1.00 44.04  ? 3   G   D C4    1 
ATOM   1093 P  P     . G   D 1 4  ? 2.480   -10.199 18.082  1.00 43.63  ? 4   G   D P     1 
ATOM   1094 O  OP1   . G   D 1 4  ? 1.373   -10.782 18.841  1.00 44.80  ? 4   G   D OP1   1 
ATOM   1095 O  OP2   . G   D 1 4  ? 2.300   -9.833  16.668  1.00 44.30  ? 4   G   D OP2   1 
ATOM   1096 O  "O5'" . G   D 1 4  ? 3.029   -8.882  18.766  1.00 40.96  ? 4   G   D "O5'" 1 
ATOM   1097 C  "C5'" . G   D 1 4  ? 3.190   -8.863  20.197  1.00 40.70  ? 4   G   D "C5'" 1 
ATOM   1098 C  "C4'" . G   D 1 4  ? 3.672   -7.511  20.626  1.00 38.24  ? 4   G   D "C4'" 1 
ATOM   1099 O  "O4'" . G   D 1 4  ? 5.008   -7.220  20.082  1.00 36.34  ? 4   G   D "O4'" 1 
ATOM   1100 C  "C3'" . G   D 1 4  ? 2.841   -6.326  20.147  1.00 38.38  ? 4   G   D "C3'" 1 
ATOM   1101 O  "O3'" . G   D 1 4  ? 1.626   -6.212  20.872  1.00 38.72  ? 4   G   D "O3'" 1 
ATOM   1102 C  "C2'" . G   D 1 4  ? 3.820   -5.198  20.392  1.00 33.24  ? 4   G   D "C2'" 1 
ATOM   1103 O  "O2'" . G   D 1 4  ? 3.890   -4.922  21.797  1.00 35.43  ? 4   G   D "O2'" 1 
ATOM   1104 C  "C1'" . G   D 1 4  ? 5.099   -5.818  19.825  1.00 36.94  ? 4   G   D "C1'" 1 
ATOM   1105 N  N9    . G   D 1 4  ? 5.213   -5.598  18.386  1.00 36.61  ? 4   G   D N9    1 
ATOM   1106 C  C8    . G   D 1 4  ? 4.952   -6.489  17.366  1.00 35.75  ? 4   G   D C8    1 
ATOM   1107 N  N7    . G   D 1 4  ? 5.094   -5.961  16.179  1.00 36.75  ? 4   G   D N7    1 
ATOM   1108 C  C5    . G   D 1 4  ? 5.453   -4.644  16.431  1.00 37.04  ? 4   G   D C5    1 
ATOM   1109 C  C6    . G   D 1 4  ? 5.719   -3.568  15.535  1.00 41.08  ? 4   G   D C6    1 
ATOM   1110 O  O6    . G   D 1 4  ? 5.727   -3.571  14.294  1.00 42.17  ? 4   G   D O6    1 
ATOM   1111 N  N1    . G   D 1 4  ? 6.040   -2.405  16.220  1.00 36.01  ? 4   G   D N1    1 
ATOM   1112 C  C2    . G   D 1 4  ? 6.050   -2.268  17.585  1.00 34.69  ? 4   G   D C2    1 
ATOM   1113 N  N2    . G   D 1 4  ? 6.393   -1.071  18.048  1.00 36.93  ? 4   G   D N2    1 
ATOM   1114 N  N3    . G   D 1 4  ? 5.785   -3.249  18.429  1.00 37.98  ? 4   G   D N3    1 
ATOM   1115 C  C4    . G   D 1 4  ? 5.514   -4.404  17.790  1.00 35.80  ? 4   G   D C4    1 
ATOM   1116 P  P     . G   D 1 5  ? 0.315   -5.524  20.190  1.00 40.36  ? 5   G   D P     1 
ATOM   1117 O  OP1   . G   D 1 5  ? -0.889  -5.843  21.081  1.00 34.83  ? 5   G   D OP1   1 
ATOM   1118 O  OP2   . G   D 1 5  ? 0.282   -5.880  18.751  1.00 44.11  ? 5   G   D OP2   1 
ATOM   1119 O  "O5'" . G   D 1 5  ? 0.706   -4.002  20.140  1.00 40.65  ? 5   G   D "O5'" 1 
ATOM   1120 C  "C5'" . G   D 1 5  ? 0.847   -3.281  21.363  1.00 41.64  ? 5   G   D "C5'" 1 
ATOM   1121 C  "C4'" . G   D 1 5  ? 1.372   -1.923  21.037  1.00 40.66  ? 5   G   D "C4'" 1 
ATOM   1122 O  "O4'" . G   D 1 5  ? 2.646   -2.024  20.342  1.00 37.03  ? 5   G   D "O4'" 1 
ATOM   1123 C  "C3'" . G   D 1 5  ? 0.517   -1.091  20.096  1.00 36.31  ? 5   G   D "C3'" 1 
ATOM   1124 O  "O3'" . G   D 1 5  ? -0.567  -0.445  20.751  1.00 33.99  ? 5   G   D "O3'" 1 
ATOM   1125 C  "C2'" . G   D 1 5  ? 1.528   -0.041  19.682  1.00 38.45  ? 5   G   D "C2'" 1 
ATOM   1126 O  "O2'" . G   D 1 5  ? 1.757   0.915   20.687  1.00 35.11  ? 5   G   D "O2'" 1 
ATOM   1127 C  "C1'" . G   D 1 5  ? 2.765   -0.919  19.453  1.00 37.91  ? 5   G   D "C1'" 1 
ATOM   1128 N  N9    . G   D 1 5  ? 2.774   -1.418  18.086  1.00 35.49  ? 5   G   D N9    1 
ATOM   1129 C  C8    . G   D 1 5  ? 2.405   -2.672  17.664  1.00 39.15  ? 5   G   D C8    1 
ATOM   1130 N  N7    . G   D 1 5  ? 2.489   -2.821  16.374  1.00 37.82  ? 5   G   D N7    1 
ATOM   1131 C  C5    . G   D 1 5  ? 2.875   -1.572  15.908  1.00 36.48  ? 5   G   D C5    1 
ATOM   1132 C  C6    . G   D 1 5  ? 3.098   -1.115  14.577  1.00 39.17  ? 5   G   D C6    1 
ATOM   1133 O  O6    . G   D 1 5  ? 2.977   -1.741  13.522  1.00 33.32  ? 5   G   D O6    1 
ATOM   1134 N  N1    . G   D 1 5  ? 3.461   0.227   14.551  1.00 35.80  ? 5   G   D N1    1 
ATOM   1135 C  C2    . G   D 1 5  ? 3.590   1.029   15.661  1.00 35.19  ? 5   G   D C2    1 
ATOM   1136 N  N2    . G   D 1 5  ? 3.922   2.308   15.433  1.00 35.73  ? 5   G   D N2    1 
ATOM   1137 N  N3    . G   D 1 5  ? 3.381   0.617   16.901  1.00 36.06  ? 5   G   D N3    1 
ATOM   1138 C  C4    . G   D 1 5  ? 3.030   -0.689  16.949  1.00 35.74  ? 5   G   D C4    1 
ATOM   1139 P  P     . G   D 1 6  ? -2.003  -0.257  20.040  1.00 39.40  ? 6   G   D P     1 
ATOM   1140 O  OP1   . G   D 1 6  ? -2.911  0.170   21.119  1.00 37.67  ? 6   G   D OP1   1 
ATOM   1141 O  OP2   . G   D 1 6  ? -2.299  -1.454  19.290  1.00 35.78  ? 6   G   D OP2   1 
ATOM   1142 O  "O5'" . G   D 1 6  ? -1.709  0.956   19.036  1.00 41.62  ? 6   G   D "O5'" 1 
ATOM   1143 C  "C5'" . G   D 1 6  ? -1.257  2.203   19.591  1.00 37.94  ? 6   G   D "C5'" 1 
ATOM   1144 C  "C4'" . G   D 1 6  ? -0.902  3.212   18.532  1.00 34.89  ? 6   G   D "C4'" 1 
ATOM   1145 O  "O4'" . G   D 1 6  ? 0.362   2.879   17.894  1.00 35.17  ? 6   G   D "O4'" 1 
ATOM   1146 C  "C3'" . G   D 1 6  ? -1.863  3.369   17.376  1.00 34.71  ? 6   G   D "C3'" 1 
ATOM   1147 O  "O3'" . G   D 1 6  ? -2.992  4.092   17.843  1.00 37.02  ? 6   G   D "O3'" 1 
ATOM   1148 C  "C2'" . G   D 1 6  ? -0.968  4.090   16.371  1.00 35.29  ? 6   G   D "C2'" 1 
ATOM   1149 O  "O2'" . G   D 1 6  ? -0.649  5.412   16.661  1.00 40.32  ? 6   G   D "O2'" 1 
ATOM   1150 C  "C1'" . G   D 1 6  ? 0.346   3.328   16.548  1.00 34.62  ? 6   G   D "C1'" 1 
ATOM   1151 N  N9    . G   D 1 6  ? 0.332   2.175   15.659  1.00 32.97  ? 6   G   D N9    1 
ATOM   1152 C  C8    . G   D 1 6  ? -0.077  0.898   15.948  1.00 37.08  ? 6   G   D C8    1 
ATOM   1153 N  N7    . G   D 1 6  ? -0.114  0.126   14.901  1.00 37.49  ? 6   G   D N7    1 
ATOM   1154 C  C5    . G   D 1 6  ? 0.301   0.941   13.859  1.00 35.50  ? 6   G   D C5    1 
ATOM   1155 C  C6    . G   D 1 6  ? 0.454   0.658   12.486  1.00 32.79  ? 6   G   D C6    1 
ATOM   1156 O  O6    . G   D 1 6  ? 0.255   -0.404  11.896  1.00 34.46  ? 6   G   D O6    1 
ATOM   1157 N  N1    . G   D 1 6  ? 0.837   1.786   11.769  1.00 30.75  ? 6   G   D N1    1 
ATOM   1158 C  C2    . G   D 1 6  ? 1.038   3.032   12.307  1.00 35.94  ? 6   G   D C2    1 
ATOM   1159 N  N2    . G   D 1 6  ? 1.389   4.001   11.445  1.00 32.01  ? 6   G   D N2    1 
ATOM   1160 N  N3    . G   D 1 6  ? 0.883   3.312   13.590  1.00 33.23  ? 6   G   D N3    1 
ATOM   1161 C  C4    . G   D 1 6  ? 0.551   2.216   14.307  1.00 31.92  ? 6   G   D C4    1 
ATOM   1162 P  P     . A   D 1 7  ? -4.295  4.226   16.947  1.00 37.02  ? 7   A   D P     1 
ATOM   1163 O  OP1   . A   D 1 7  ? -3.822  4.605   15.596  1.00 36.29  ? 7   A   D OP1   1 
ATOM   1164 O  OP2   . A   D 1 7  ? -5.284  5.104   17.649  1.00 41.45  ? 7   A   D OP2   1 
ATOM   1165 O  "O5'" . A   D 1 7  ? -4.829  2.738   16.773  1.00 35.80  ? 7   A   D "O5'" 1 
ATOM   1166 C  "C5'" . A   D 1 7  ? -5.278  1.935   17.875  1.00 37.22  ? 7   A   D "C5'" 1 
ATOM   1167 C  "C4'" . A   D 1 7  ? -6.588  1.274   17.518  1.00 33.23  ? 7   A   D "C4'" 1 
ATOM   1168 O  "O4'" . A   D 1 7  ? -7.656  2.274   17.404  1.00 36.04  ? 7   A   D "O4'" 1 
ATOM   1169 C  "C3'" . A   D 1 7  ? -6.647  0.540   16.194  1.00 32.91  ? 7   A   D "C3'" 1 
ATOM   1170 O  "O3'" . A   D 1 7  ? -6.155  -0.768  16.363  1.00 33.43  ? 7   A   D "O3'" 1 
ATOM   1171 C  "C2'" . A   D 1 7  ? -8.152  0.498   15.961  1.00 33.53  ? 7   A   D "C2'" 1 
ATOM   1172 O  "O2'" . A   D 1 7  ? -8.837  -0.340  16.857  1.00 37.56  ? 7   A   D "O2'" 1 
ATOM   1173 C  "C1'" . A   D 1 7  ? -8.561  1.914   16.365  1.00 34.80  ? 7   A   D "C1'" 1 
ATOM   1174 N  N9    . A   D 1 7  ? -8.385  2.883   15.284  1.00 34.36  ? 7   A   D N9    1 
ATOM   1175 C  C8    . A   D 1 7  ? -7.721  4.081   15.397  1.00 37.86  ? 7   A   D C8    1 
ATOM   1176 N  N7    . A   D 1 7  ? -7.644  4.749   14.275  1.00 35.42  ? 7   A   D N7    1 
ATOM   1177 C  C5    . A   D 1 7  ? -8.337  3.960   13.367  1.00 35.86  ? 7   A   D C5    1 
ATOM   1178 C  C6    . A   D 1 7  ? -8.615  4.118   11.996  1.00 36.72  ? 7   A   D C6    1 
ATOM   1179 N  N6    . A   D 1 7  ? -8.224  5.169   11.281  1.00 38.96  ? 7   A   D N6    1 
ATOM   1180 N  N1    . A   D 1 7  ? -9.303  3.136   11.375  1.00 36.54  ? 7   A   D N1    1 
ATOM   1181 C  C2    . A   D 1 7  ? -9.706  2.078   12.101  1.00 41.50  ? 7   A   D C2    1 
ATOM   1182 N  N3    . A   D 1 7  ? -9.531  1.832   13.401  1.00 35.15  ? 7   A   D N3    1 
ATOM   1183 C  C4    . A   D 1 7  ? -8.799  2.805   13.975  1.00 37.91  ? 7   A   D C4    1 
ATOM   1184 P  P     . C   D 1 8  ? -5.097  -1.380  15.359  1.00 37.25  ? 8   C   D P     1 
ATOM   1185 O  OP1   . C   D 1 8  ? -4.933  -2.825  15.692  1.00 38.92  ? 8   C   D OP1   1 
ATOM   1186 O  OP2   . C   D 1 8  ? -3.856  -0.538  15.351  1.00 38.24  ? 8   C   D OP2   1 
ATOM   1187 O  "O5'" . C   D 1 8  ? -5.813  -1.200  13.944  1.00 35.31  ? 8   C   D "O5'" 1 
ATOM   1188 C  "C5'" . C   D 1 8  ? -6.848  -2.112  13.558  1.00 35.92  ? 8   C   D "C5'" 1 
ATOM   1189 C  "C4'" . C   D 1 8  ? -7.044  -2.021  12.062  1.00 36.16  ? 8   C   D "C4'" 1 
ATOM   1190 O  "O4'" . C   D 1 8  ? -7.623  -0.740  11.761  1.00 37.97  ? 8   C   D "O4'" 1 
ATOM   1191 C  "C3'" . C   D 1 8  ? -5.785  -2.036  11.218  1.00 39.84  ? 8   C   D "C3'" 1 
ATOM   1192 O  "O3'" . C   D 1 8  ? -5.306  -3.362  11.009  1.00 38.14  ? 8   C   D "O3'" 1 
ATOM   1193 C  "C2'" . C   D 1 8  ? -6.264  -1.369  9.950   1.00 34.53  ? 8   C   D "C2'" 1 
ATOM   1194 O  "O2'" . C   D 1 8  ? -7.140  -2.142  9.165   1.00 32.99  ? 8   C   D "O2'" 1 
ATOM   1195 C  "C1'" . C   D 1 8  ? -7.141  -0.267  10.528  1.00 35.50  ? 8   C   D "C1'" 1 
ATOM   1196 N  N1    . C   D 1 8  ? -6.481  1.041   10.731  1.00 33.61  ? 8   C   D N1    1 
ATOM   1197 C  C2    . C   D 1 8  ? -6.193  1.790   9.602   1.00 36.62  ? 8   C   D C2    1 
ATOM   1198 O  O2    . C   D 1 8  ? -6.440  1.300   8.482   1.00 35.88  ? 8   C   D O2    1 
ATOM   1199 N  N3    . C   D 1 8  ? -5.608  3.004   9.744   1.00 35.41  ? 8   C   D N3    1 
ATOM   1200 C  C4    . C   D 1 8  ? -5.353  3.479   10.968  1.00 38.46  ? 8   C   D C4    1 
ATOM   1201 N  N4    . C   D 1 8  ? -4.798  4.679   11.068  1.00 35.98  ? 8   C   D N4    1 
ATOM   1202 C  C5    . C   D 1 8  ? -5.653  2.736   12.140  1.00 33.69  ? 8   C   D C5    1 
ATOM   1203 C  C6    . C   D 1 8  ? -6.216  1.535   11.978  1.00 32.61  ? 8   C   D C6    1 
ATOM   1204 P  P     . G   D 1 9  ? -3.797  -3.641  11.168  1.00 39.52  ? 9   G   D P     1 
ATOM   1205 O  OP1   . G   D 1 9  ? -3.617  -5.065  11.372  1.00 39.54  ? 9   G   D OP1   1 
ATOM   1206 O  OP2   . G   D 1 9  ? -3.224  -2.637  12.158  1.00 35.84  ? 9   G   D OP2   1 
ATOM   1207 O  "O5'" . G   D 1 9  ? -3.239  -3.385  9.704   1.00 39.99  ? 9   G   D "O5'" 1 
ATOM   1208 C  "C5'" . G   D 1 9  ? -3.818  -4.081  8.580   1.00 38.82  ? 9   G   D "C5'" 1 
ATOM   1209 C  "C4'" . G   D 1 9  ? -3.371  -3.440  7.300   1.00 35.55  ? 9   G   D "C4'" 1 
ATOM   1210 O  "O4'" . G   D 1 9  ? -4.048  -2.161  7.147   1.00 39.43  ? 9   G   D "O4'" 1 
ATOM   1211 C  "C3'" . G   D 1 9  ? -1.895  -3.076  7.185   1.00 38.69  ? 9   G   D "C3'" 1 
ATOM   1212 O  "O3'" . G   D 1 9  ? -1.075  -4.172  6.841   1.00 43.38  ? 9   G   D "O3'" 1 
ATOM   1213 C  "C2'" . G   D 1 9  ? -1.940  -2.024  6.089   1.00 36.86  ? 9   G   D "C2'" 1 
ATOM   1214 O  "O2'" . G   D 1 9  ? -2.184  -2.552  4.787   1.00 41.94  ? 9   G   D "O2'" 1 
ATOM   1215 C  "C1'" . G   D 1 9  ? -3.160  -1.216  6.550   1.00 36.97  ? 9   G   D "C1'" 1 
ATOM   1216 N  N9    . G   D 1 9  ? -2.837  -0.205  7.559   1.00 38.27  ? 9   G   D N9    1 
ATOM   1217 C  C8    . G   D 1 9  ? -3.011  -0.296  8.922   1.00 37.85  ? 9   G   D C8    1 
ATOM   1218 N  N7    . G   D 1 9  ? -2.631  0.777   9.559   1.00 35.45  ? 9   G   D N7    1 
ATOM   1219 C  C5    . G   D 1 9  ? -2.202  1.635   8.556   1.00 38.25  ? 9   G   D C5    1 
ATOM   1220 C  C6    . G   D 1 9  ? -1.725  2.968   8.629   1.00 34.41  ? 9   G   D C6    1 
ATOM   1221 O  O6    . G   D 1 9  ? -1.498  3.645   9.627   1.00 37.91  ? 9   G   D O6    1 
ATOM   1222 N  N1    . G   D 1 9  ? -1.422  3.475   7.373   1.00 38.07  ? 9   G   D N1    1 
ATOM   1223 C  C2    . G   D 1 9  ? -1.536  2.779   6.197   1.00 38.95  ? 9   G   D C2    1 
ATOM   1224 N  N2    . G   D 1 9  ? -1.208  3.444   5.093   1.00 38.74  ? 9   G   D N2    1 
ATOM   1225 N  N3    . G   D 1 9  ? -2.044  1.561   6.106   1.00 43.68  ? 9   G   D N3    1 
ATOM   1226 C  C4    . G   D 1 9  ? -2.342  1.048   7.315   1.00 37.43  ? 9   G   D C4    1 
ATOM   1227 P  P     . A   D 1 10 ? 0.538   -4.036  6.846   1.00 48.34  ? 10  A   D P     1 
ATOM   1228 O  OP1   . A   D 1 10 ? 1.110   -5.416  6.657   1.00 47.53  ? 10  A   D OP1   1 
ATOM   1229 O  OP2   . A   D 1 10 ? 0.939   -3.295  8.047   1.00 41.17  ? 10  A   D OP2   1 
ATOM   1230 O  "O5'" . A   D 1 10 ? 0.803   -3.138  5.560   1.00 47.79  ? 10  A   D "O5'" 1 
ATOM   1231 C  "C5'" . A   D 1 10 ? 1.397   -3.765  4.414   1.00 49.56  ? 10  A   D "C5'" 1 
ATOM   1232 C  "C4'" . A   D 1 10 ? 1.334   -2.837  3.233   1.00 48.53  ? 10  A   D "C4'" 1 
ATOM   1233 O  "O4'" . A   D 1 10 ? -0.023  -2.755  2.739   1.00 42.79  ? 10  A   D "O4'" 1 
ATOM   1234 C  "C3'" . A   D 1 10 ? 1.765   -1.401  3.528   1.00 44.02  ? 10  A   D "C3'" 1 
ATOM   1235 O  "O3'" . A   D 1 10 ? 2.811   -1.038  2.677   1.00 47.68  ? 10  A   D "O3'" 1 
ATOM   1236 C  "C2'" . A   D 1 10 ? 0.572   -0.539  3.119   1.00 43.90  ? 10  A   D "C2'" 1 
ATOM   1237 O  "O2'" . A   D 1 10 ? 1.066   0.512   2.341   1.00 49.26  ? 10  A   D "O2'" 1 
ATOM   1238 C  "C1'" . A   D 1 10 ? -0.198  -1.473  2.186   1.00 43.85  ? 10  A   D "C1'" 1 
ATOM   1239 N  N9    . A   D 1 10 ? -1.624  -1.203  2.093   1.00 40.88  ? 10  A   D N9    1 
ATOM   1240 C  C8    . A   D 1 10 ? -2.430  -0.496  2.952   1.00 43.89  ? 10  A   D C8    1 
ATOM   1241 N  N7    . A   D 1 10 ? -3.690  -0.463  2.587   1.00 41.03  ? 10  A   D N7    1 
ATOM   1242 C  C5    . A   D 1 10 ? -3.710  -1.182  1.399   1.00 40.14  ? 10  A   D C5    1 
ATOM   1243 C  C6    . A   D 1 10 ? -4.752  -1.505  0.510   1.00 45.27  ? 10  A   D C6    1 
ATOM   1244 N  N6    . A   D 1 10 ? -6.021  -1.124  0.696   1.00 45.89  ? 10  A   D N6    1 
ATOM   1245 N  N1    . A   D 1 10 ? -4.436  -2.206  -0.605  1.00 38.15  ? 10  A   D N1    1 
ATOM   1246 C  C2    . A   D 1 10 ? -3.159  -2.590  -0.779  1.00 39.31  ? 10  A   D C2    1 
ATOM   1247 N  N3    . A   D 1 10 ? -2.101  -2.380  0.013   1.00 39.42  ? 10  A   D N3    1 
ATOM   1248 C  C4    . A   D 1 10 ? -2.444  -1.632  1.076   1.00 35.36  ? 10  A   D C4    1 
ATOM   1249 P  P     . C   D 1 11 ? 4.243   -0.567  3.243   1.00 49.40  ? 11  C   D P     1 
ATOM   1250 O  OP1   . C   D 1 11 ? 5.112   -0.426  2.050   1.00 54.55  ? 11  C   D OP1   1 
ATOM   1251 O  OP2   . C   D 1 11 ? 4.613   -1.436  4.380   1.00 42.40  ? 11  C   D OP2   1 
ATOM   1252 O  "O5'" . C   D 1 11 ? 3.960   0.848   3.926   1.00 44.37  ? 11  C   D "O5'" 1 
ATOM   1253 C  "C5'" . C   D 1 11 ? 3.771   2.047   3.145   1.00 43.25  ? 11  C   D "C5'" 1 
ATOM   1254 C  "C4'" . C   D 1 11 ? 3.600   3.243   4.059   1.00 42.24  ? 11  C   D "C4'" 1 
ATOM   1255 O  "O4'" . C   D 1 11 ? 2.233   3.257   4.561   1.00 44.91  ? 11  C   D "O4'" 1 
ATOM   1256 C  "C3'" . C   D 1 11 ? 4.472   3.257   5.318   1.00 40.08  ? 11  C   D "C3'" 1 
ATOM   1257 O  "O3'" . C   D 1 11 ? 5.746   3.837   5.075   1.00 37.42  ? 11  C   D "O3'" 1 
ATOM   1258 C  "C2'" . C   D 1 11 ? 3.642   4.096   6.273   1.00 40.53  ? 11  C   D "C2'" 1 
ATOM   1259 O  "O2'" . C   D 1 11 ? 3.729   5.505   6.160   1.00 37.15  ? 11  C   D "O2'" 1 
ATOM   1260 C  "C1'" . C   D 1 11 ? 2.232   3.616   5.937   1.00 40.68  ? 11  C   D "C1'" 1 
ATOM   1261 N  N1    . C   D 1 11 ? 1.821   2.460   6.746   1.00 42.62  ? 11  C   D N1    1 
ATOM   1262 C  C2    . C   D 1 11 ? 1.568   2.661   8.111   1.00 40.18  ? 11  C   D C2    1 
ATOM   1263 O  O2    . C   D 1 11 ? 1.720   3.785   8.578   1.00 40.85  ? 11  C   D O2    1 
ATOM   1264 N  N3    . C   D 1 11 ? 1.189   1.610   8.880   1.00 39.64  ? 11  C   D N3    1 
ATOM   1265 C  C4    . C   D 1 11 ? 1.064   0.395   8.328   1.00 39.13  ? 11  C   D C4    1 
ATOM   1266 N  N4    . C   D 1 11 ? 0.687   -0.616  9.110   1.00 39.11  ? 11  C   D N4    1 
ATOM   1267 C  C5    . C   D 1 11 ? 1.321   0.163   6.944   1.00 41.23  ? 11  C   D C5    1 
ATOM   1268 C  C6    . C   D 1 11 ? 1.696   1.210   6.199   1.00 37.93  ? 11  C   D C6    1 
ATOM   1269 P  P     . C   D 1 12 ? 7.040   3.352   5.863   1.00 41.38  ? 12  C   D P     1 
ATOM   1270 O  OP1   . C   D 1 12 ? 8.230   3.955   5.223   1.00 46.28  ? 12  C   D OP1   1 
ATOM   1271 O  OP2   . C   D 1 12 ? 6.978   1.905   6.111   1.00 37.91  ? 12  C   D OP2   1 
ATOM   1272 O  "O5'" . C   D 1 12 ? 6.881   4.013   7.310   1.00 41.04  ? 12  C   D "O5'" 1 
ATOM   1273 C  "C5'" . C   D 1 12 ? 6.922   5.443   7.488   1.00 44.46  ? 12  C   D "C5'" 1 
ATOM   1274 C  "C4'" . C   D 1 12 ? 6.537   5.753   8.907   1.00 43.14  ? 12  C   D "C4'" 1 
ATOM   1275 O  "O4'" . C   D 1 12 ? 5.229   5.171   9.135   1.00 38.54  ? 12  C   D "O4'" 1 
ATOM   1276 C  "C3'" . C   D 1 12 ? 7.411   5.067   9.948   1.00 41.05  ? 12  C   D "C3'" 1 
ATOM   1277 O  "O3'" . C   D 1 12 ? 8.646   5.711   10.231  1.00 43.75  ? 12  C   D "O3'" 1 
ATOM   1278 C  "C2'" . C   D 1 12 ? 6.490   5.004   11.144  1.00 40.19  ? 12  C   D "C2'" 1 
ATOM   1279 O  "O2'" . C   D 1 12 ? 6.379   6.228   11.781  1.00 38.99  ? 12  C   D "O2'" 1 
ATOM   1280 C  "C1'" . C   D 1 12 ? 5.159   4.709   10.474  1.00 37.87  ? 12  C   D "C1'" 1 
ATOM   1281 N  N1    . C   D 1 12 ? 4.801   3.275   10.511  1.00 38.51  ? 12  C   D N1    1 
ATOM   1282 C  C2    . C   D 1 12 ? 4.385   2.764   11.740  1.00 42.11  ? 12  C   D C2    1 
ATOM   1283 O  O2    . C   D 1 12 ? 4.384   3.515   12.726  1.00 39.56  ? 12  C   D O2    1 
ATOM   1284 N  N3    . C   D 1 12 ? 4.028   1.467   11.834  1.00 34.31  ? 12  C   D N3    1 
ATOM   1285 C  C4    . C   D 1 12 ? 4.043   0.694   10.748  1.00 41.20  ? 12  C   D C4    1 
ATOM   1286 N  N4    . C   D 1 12 ? 3.686   -0.583  10.890  1.00 40.33  ? 12  C   D N4    1 
ATOM   1287 C  C5    . C   D 1 12 ? 4.460   1.187   9.475   1.00 40.80  ? 12  C   D C5    1 
ATOM   1288 C  C6    . C   D 1 12 ? 4.826   2.473   9.402   1.00 41.73  ? 12  C   D C6    1 
ATOM   1289 P  P     . C   D 1 13 ? 9.930   4.829   10.619  1.00 42.75  ? 13  C   D P     1 
ATOM   1290 O  OP1   . C   D 1 13 ? 11.124  5.700   10.558  1.00 49.04  ? 13  C   D OP1   1 
ATOM   1291 O  OP2   . C   D 1 13 ? 9.875   3.526   9.972   1.00 36.15  ? 13  C   D OP2   1 
ATOM   1292 O  "O5'" . C   D 1 13 ? 9.729   4.499   12.156  1.00 41.94  ? 13  C   D "O5'" 1 
ATOM   1293 C  "C5'" . C   D 1 13 ? 9.720   5.563   13.095  1.00 40.22  ? 13  C   D "C5'" 1 
ATOM   1294 C  "C4'" . C   D 1 13 ? 9.273   5.025   14.414  1.00 43.74  ? 13  C   D "C4'" 1 
ATOM   1295 O  "O4'" . C   D 1 13 ? 7.975   4.416   14.237  1.00 40.46  ? 13  C   D "O4'" 1 
ATOM   1296 C  "C3'" . C   D 1 13 ? 10.114  3.918   15.026  1.00 42.68  ? 13  C   D "C3'" 1 
ATOM   1297 O  "O3'" . C   D 1 13 ? 11.256  4.364   15.758  1.00 45.89  ? 13  C   D "O3'" 1 
ATOM   1298 C  "C2'" . C   D 1 13 ? 9.120   3.270   15.960  1.00 42.28  ? 13  C   D "C2'" 1 
ATOM   1299 O  "O2'" . C   D 1 13 ? 8.818   4.025   17.095  1.00 41.95  ? 13  C   D "O2'" 1 
ATOM   1300 C  "C1'" . C   D 1 13 ? 7.844   3.339   15.133  1.00 41.73  ? 13  C   D "C1'" 1 
ATOM   1301 N  N1    . C   D 1 13 ? 7.531   2.120   14.381  1.00 44.04  ? 13  C   D N1    1 
ATOM   1302 C  C2    . C   D 1 13 ? 7.088   1.024   15.109  1.00 41.26  ? 13  C   D C2    1 
ATOM   1303 O  O2    . C   D 1 13 ? 7.026   1.112   16.338  1.00 37.47  ? 13  C   D O2    1 
ATOM   1304 N  N3    . C   D 1 13 ? 6.790   -0.121  14.467  1.00 36.28  ? 13  C   D N3    1 
ATOM   1305 C  C4    . C   D 1 13 ? 6.907   -0.192  13.140  1.00 40.00  ? 13  C   D C4    1 
ATOM   1306 N  N4    . C   D 1 13 ? 6.540   -1.329  12.547  1.00 40.47  ? 13  C   D N4    1 
ATOM   1307 C  C5    . C   D 1 13 ? 7.411   0.893   12.370  1.00 42.39  ? 13  C   D C5    1 
ATOM   1308 C  C6    . C   D 1 13 ? 7.710   2.024   13.026  1.00 44.25  ? 13  C   D C6    1 
HETATM 1309 P  P     . 5BU D 1 14 ? 12.581  3.405   15.841  1.00 50.94  ? 14  5BU D P     1 
HETATM 1310 O  OP1   . 5BU D 1 14 ? 13.666  4.137   16.557  1.00 51.14  ? 14  5BU D OP1   1 
HETATM 1311 O  OP2   . 5BU D 1 14 ? 12.854  2.928   14.464  1.00 50.08  ? 14  5BU D OP2   1 
HETATM 1312 O  "O5'" . 5BU D 1 14 ? 12.138  2.286   16.876  1.00 43.53  ? 14  5BU D "O5'" 1 
HETATM 1313 C  "C5'" . 5BU D 1 14 ? 11.828  2.617   18.198  1.00 42.78  ? 14  5BU D "C5'" 1 
HETATM 1314 C  "C4'" . 5BU D 1 14 ? 11.273  1.412   18.921  1.00 46.05  ? 14  5BU D "C4'" 1 
HETATM 1315 O  "O4'" . 5BU D 1 14 ? 10.106  0.969   18.298  1.00 45.75  ? 14  5BU D "O4'" 1 
HETATM 1316 C  "C3'" . 5BU D 1 14 ? 12.128  0.169   18.876  1.00 48.26  ? 14  5BU D "C3'" 1 
HETATM 1317 O  "O3'" . 5BU D 1 14 ? 13.163  0.256   19.826  1.00 43.92  ? 14  5BU D "O3'" 1 
HETATM 1318 C  "C2'" . 5BU D 1 14 ? 11.168  -0.966  19.189  1.00 48.04  ? 14  5BU D "C2'" 1 
HETATM 1319 O  "O2'" . 5BU D 1 14 ? 10.758  -1.082  20.569  1.00 48.04  ? 14  5BU D "O2'" 1 
HETATM 1320 C  "C1'" . 5BU D 1 14 ? 10.053  -0.467  18.333  1.00 48.00  ? 14  5BU D "C1'" 1 
HETATM 1321 N  N1    . 5BU D 1 14 ? 10.038  -0.962  16.954  1.00 42.99  ? 14  5BU D N1    1 
HETATM 1322 C  C2    . 5BU D 1 14 ? 9.493   -2.226  16.694  1.00 43.64  ? 14  5BU D C2    1 
HETATM 1323 O  O2    . 5BU D 1 14 ? 9.145   -2.933  17.654  1.00 40.79  ? 14  5BU D O2    1 
HETATM 1324 N  N3    . 5BU D 1 14 ? 9.387   -2.738  15.442  1.00 43.00  ? 14  5BU D N3    1 
HETATM 1325 C  C4    . 5BU D 1 14 ? 9.761   -2.051  14.396  1.00 44.11  ? 14  5BU D C4    1 
HETATM 1326 O  O4    . 5BU D 1 14 ? 9.611   -2.492  13.249  1.00 45.98  ? 14  5BU D O4    1 
HETATM 1327 C  C5    . 5BU D 1 14 ? 10.337  -0.739  14.659  1.00 42.36  ? 14  5BU D C5    1 
HETATM 1328 C  C6    . 5BU D 1 14 ? 10.449  -0.229  15.919  1.00 42.28  ? 14  5BU D C6    1 
HETATM 1329 BR BR    . 5BU D 1 14 ? 10.897  0.264   13.231  1.00 50.18  ? 14  5BU D BR    1 
ATOM   1330 P  P     . G   D 1 15 ? 14.631  -0.350  19.486  1.00 46.67  ? 15  G   D P     1 
ATOM   1331 O  OP1   . G   D 1 15 ? 15.559  0.152   20.520  1.00 45.87  ? 15  G   D OP1   1 
ATOM   1332 O  OP2   . G   D 1 15 ? 14.920  -0.135  18.079  1.00 40.81  ? 15  G   D OP2   1 
ATOM   1333 O  "O5'" . G   D 1 15 ? 14.470  -1.910  19.796  1.00 39.97  ? 15  G   D "O5'" 1 
ATOM   1334 C  "C5'" . G   D 1 15 ? 14.207  -2.304  21.153  1.00 40.38  ? 15  G   D "C5'" 1 
ATOM   1335 C  "C4'" . G   D 1 15 ? 13.763  -3.750  21.209  1.00 40.29  ? 15  G   D "C4'" 1 
ATOM   1336 O  "O4'" . G   D 1 15 ? 12.486  -3.882  20.520  1.00 43.08  ? 15  G   D "O4'" 1 
ATOM   1337 C  "C3'" . G   D 1 15 ? 14.651  -4.761  20.507  1.00 39.89  ? 15  G   D "C3'" 1 
ATOM   1338 O  "O3'" . G   D 1 15 ? 15.743  -5.214  21.286  1.00 46.05  ? 15  G   D "O3'" 1 
ATOM   1339 C  "C2'" . G   D 1 15 ? 13.678  -5.904  20.301  1.00 42.10  ? 15  G   D "C2'" 1 
ATOM   1340 O  "O2'" . G   D 1 15 ? 13.316  -6.588  21.491  1.00 37.52  ? 15  G   D "O2'" 1 
ATOM   1341 C  "C1'" . G   D 1 15 ? 12.443  -5.130  19.844  1.00 41.41  ? 15  G   D "C1'" 1 
ATOM   1342 N  N9    . G   D 1 15 ? 12.359  -4.940  18.389  1.00 41.41  ? 15  G   D N9    1 
ATOM   1343 C  C8    . G   D 1 15 ? 12.598  -3.823  17.622  1.00 38.52  ? 15  G   D C8    1 
ATOM   1344 N  N7    . G   D 1 15 ? 12.403  -4.028  16.347  1.00 40.05  ? 15  G   D N7    1 
ATOM   1345 C  C5    . G   D 1 15 ? 12.028  -5.360  16.265  1.00 37.34  ? 15  G   D C5    1 
ATOM   1346 C  C6    . G   D 1 15 ? 11.677  -6.146  15.142  1.00 39.17  ? 15  G   D C6    1 
ATOM   1347 O  O6    . G   D 1 15 ? 11.638  -5.809  13.955  1.00 40.57  ? 15  G   D O6    1 
ATOM   1348 N  N1    . G   D 1 15 ? 11.389  -7.461  15.504  1.00 32.39  ? 15  G   D N1    1 
ATOM   1349 C  C2    . G   D 1 15 ? 11.391  -7.942  16.798  1.00 40.22  ? 15  G   D C2    1 
ATOM   1350 N  N2    . G   D 1 15 ? 11.058  -9.234  16.973  1.00 32.81  ? 15  G   D N2    1 
ATOM   1351 N  N3    . G   D 1 15 ? 11.668  -7.199  17.856  1.00 38.35  ? 15  G   D N3    1 
ATOM   1352 C  C4    . G   D 1 15 ? 11.990  -5.934  17.516  1.00 37.85  ? 15  G   D C4    1 
ATOM   1353 P  P     . C   D 1 16 ? 17.126  -5.577  20.569  1.00 46.30  ? 16  C   D P     1 
ATOM   1354 O  OP1   . C   D 1 16 ? 18.130  -5.694  21.641  1.00 50.36  ? 16  C   D OP1   1 
ATOM   1355 O  OP2   . C   D 1 16 ? 17.328  -4.651  19.429  1.00 48.48  ? 16  C   D OP2   1 
ATOM   1356 O  "O5'" . C   D 1 16 ? 16.848  -6.985  19.896  1.00 46.60  ? 16  C   D "O5'" 1 
ATOM   1357 C  "C5'" . C   D 1 16 ? 16.519  -8.091  20.727  1.00 47.20  ? 16  C   D "C5'" 1 
ATOM   1358 C  "C4'" . C   D 1 16 ? 16.110  -9.243  19.860  1.00 50.64  ? 16  C   D "C4'" 1 
ATOM   1359 O  "O4'" . C   D 1 16 ? 14.917  -8.891  19.106  1.00 47.25  ? 16  C   D "O4'" 1 
ATOM   1360 C  "C3'" . C   D 1 16 ? 17.073  -9.652  18.755  1.00 48.73  ? 16  C   D "C3'" 1 
ATOM   1361 O  "O3'" . C   D 1 16 ? 18.167  -10.413 19.231  1.00 52.31  ? 16  C   D "O3'" 1 
ATOM   1362 C  "C2'" . C   D 1 16 ? 16.153  -10.504 17.898  1.00 46.55  ? 16  C   D "C2'" 1 
ATOM   1363 O  "O2'" . C   D 1 16 ? 15.810  -11.751 18.482  1.00 45.40  ? 16  C   D "O2'" 1 
ATOM   1364 C  "C1'" . C   D 1 16 ? 14.889  -9.643  17.909  1.00 40.05  ? 16  C   D "C1'" 1 
ATOM   1365 N  N1    . C   D 1 16 ? 14.854  -8.742  16.754  1.00 40.01  ? 16  C   D N1    1 
ATOM   1366 C  C2    . C   D 1 16 ? 14.366  -9.261  15.548  1.00 44.05  ? 16  C   D C2    1 
ATOM   1367 O  O2    . C   D 1 16 ? 13.950  -10.433 15.526  1.00 39.01  ? 16  C   D O2    1 
ATOM   1368 N  N3    . C   D 1 16 ? 14.364  -8.482  14.444  1.00 36.17  ? 16  C   D N3    1 
ATOM   1369 C  C4    . C   D 1 16 ? 14.833  -7.233  14.514  1.00 39.40  ? 16  C   D C4    1 
ATOM   1370 N  N4    . C   D 1 16 ? 14.794  -6.490  13.415  1.00 36.14  ? 16  C   D N4    1 
ATOM   1371 C  C5    . C   D 1 16 ? 15.334  -6.680  15.730  1.00 38.16  ? 16  C   D C5    1 
ATOM   1372 C  C6    . C   D 1 16 ? 15.346  -7.470  16.807  1.00 38.24  ? 16  C   D C6    1 
HETATM 1373 C  C     . GAI E 2 .  ? 6.151   -1.749  -8.675  1.00 36.74  ? 101 GAI A C     1 
HETATM 1374 N  N1    . GAI E 2 .  ? 5.868   -0.709  -7.921  1.00 34.55  ? 101 GAI A N1    1 
HETATM 1375 N  N2    . GAI E 2 .  ? 7.395   -2.172  -8.677  1.00 39.42  ? 101 GAI A N2    1 
HETATM 1376 N  N3    . GAI E 2 .  ? 5.261   -2.325  -9.392  1.00 37.48  ? 101 GAI A N3    1 
HETATM 1377 N  N1    . SPM F 3 .  ? 12.419  -3.827  -12.274 1.00 52.16  ? 102 SPM A N1    1 
HETATM 1378 C  C2    . SPM F 3 .  ? 12.884  -2.503  -11.807 1.00 62.06  ? 102 SPM A C2    1 
HETATM 1379 C  C3    . SPM F 3 .  ? 11.792  -1.456  -12.051 1.00 56.44  ? 102 SPM A C3    1 
HETATM 1380 C  C4    . SPM F 3 .  ? 10.862  -1.247  -10.854 1.00 63.74  ? 102 SPM A C4    1 
HETATM 1381 N  N5    . SPM F 3 .  ? 11.445  -0.613  -9.663  1.00 60.99  ? 102 SPM A N5    1 
HETATM 1382 C  C6    . SPM F 3 .  ? 10.612  0.516   -9.238  1.00 64.33  ? 102 SPM A C6    1 
HETATM 1383 C  C7    . SPM F 3 .  ? 11.148  1.135   -7.971  1.00 61.10  ? 102 SPM A C7    1 
HETATM 1384 C  C8    . SPM F 3 .  ? 12.282  2.129   -8.189  1.00 58.90  ? 102 SPM A C8    1 
HETATM 1385 C  C9    . SPM F 3 .  ? 12.510  2.906   -6.862  1.00 67.07  ? 102 SPM A C9    1 
HETATM 1386 N  N10   . SPM F 3 .  ? 11.950  2.267   -5.654  1.00 60.03  ? 102 SPM A N10   1 
HETATM 1387 C  C11   . SPM F 3 .  ? 12.240  3.006   -4.416  1.00 58.04  ? 102 SPM A C11   1 
HETATM 1388 C  C12   . SPM F 3 .  ? 10.913  3.338   -3.721  1.00 52.52  ? 102 SPM A C12   1 
HETATM 1389 C  C13   . SPM F 3 .  ? 10.774  2.585   -2.397  1.00 53.52  ? 102 SPM A C13   1 
HETATM 1390 N  N14   . SPM F 3 .  ? 9.646   3.128   -1.639  1.00 57.44  ? 102 SPM A N14   1 
HETATM 1391 C  C     . GAI G 2 .  ? -2.290  -5.927  -10.476 1.00 43.49  ? 101 GAI B C     1 
HETATM 1392 N  N1    . GAI G 2 .  ? -3.138  -4.918  -10.730 1.00 38.94  ? 101 GAI B N1    1 
HETATM 1393 N  N2    . GAI G 2 .  ? -1.159  -5.760  -9.884  1.00 43.98  ? 101 GAI B N2    1 
HETATM 1394 N  N3    . GAI G 2 .  ? -2.586  -7.150  -10.854 1.00 39.58  ? 101 GAI B N3    1 
HETATM 1395 N  N1    . SPM H 3 .  ? 3.690   -11.568 6.518   1.00 80.98  ? 102 SPM B N1    1 
HETATM 1396 C  C2    . SPM H 3 .  ? 3.575   -11.279 5.081   1.00 88.40  ? 102 SPM B C2    1 
HETATM 1397 C  C3    . SPM H 3 .  ? 2.444   -10.268 4.790   1.00 87.09  ? 102 SPM B C3    1 
HETATM 1398 C  C4    . SPM H 3 .  ? 1.627   -10.706 3.558   1.00 91.90  ? 102 SPM B C4    1 
HETATM 1399 N  N5    . SPM H 3 .  ? 0.413   -11.497 3.922   1.00 95.04  ? 102 SPM B N5    1 
HETATM 1400 C  C6    . SPM H 3 .  ? -0.079  -12.383 2.830   1.00 81.03  ? 102 SPM B C6    1 
HETATM 1401 C  C7    . SPM H 3 .  ? -1.616  -12.334 2.770   1.00 73.78  ? 102 SPM B C7    1 
HETATM 1402 C  C8    . SPM H 3 .  ? -2.151  -13.729 2.411   1.00 72.24  ? 102 SPM B C8    1 
HETATM 1403 C  C9    . SPM H 3 .  ? -3.587  -13.704 1.839   1.00 64.72  ? 102 SPM B C9    1 
HETATM 1404 N  N10   . SPM H 3 .  ? -3.678  -13.815 0.366   1.00 55.59  ? 102 SPM B N10   1 
HETATM 1405 C  C11   . SPM H 3 .  ? -4.635  -14.813 -0.078  1.00 48.67  ? 102 SPM B C11   1 
HETATM 1406 C  C12   . SPM H 3 .  ? -4.959  -14.583 -1.553  1.00 56.35  ? 102 SPM B C12   1 
HETATM 1407 C  C13   . SPM H 3 .  ? -6.415  -14.086 -1.719  1.00 57.77  ? 102 SPM B C13   1 
HETATM 1408 N  N14   . SPM H 3 .  ? -7.024  -14.436 -2.998  1.00 57.33  ? 102 SPM B N14   1 
HETATM 1409 MG MG    . MG  I 4 .  ? -7.573  -8.495  -11.553 1.00 30.00  ? 103 MG  B MG    1 
HETATM 1410 C  C     . GAI J 2 .  ? -2.708  10.046  8.588   1.00 39.27  ? 101 GAI C C     1 
HETATM 1411 N  N1    . GAI J 2 .  ? -2.142  10.956  9.403   1.00 36.92  ? 101 GAI C N1    1 
HETATM 1412 N  N2    . GAI J 2 .  ? -3.076  8.848   9.010   1.00 32.50  ? 101 GAI C N2    1 
HETATM 1413 N  N3    . GAI J 2 .  ? -2.932  10.453  7.322   1.00 35.79  ? 101 GAI C N3    1 
HETATM 1414 N  N1    . SPM K 3 .  ? -7.930  14.709  1.233   1.00 102.46 ? 102 SPM C N1    1 
HETATM 1415 C  C2    . SPM K 3 .  ? -7.987  14.692  2.734   1.00 96.90  ? 102 SPM C C2    1 
HETATM 1416 C  C3    . SPM K 3 .  ? -7.031  13.595  3.282   1.00 86.35  ? 102 SPM C C3    1 
HETATM 1417 C  C4    . SPM K 3 .  ? -5.889  14.303  3.991   1.00 81.97  ? 102 SPM C C4    1 
HETATM 1418 N  N5    . SPM K 3 .  ? -4.990  13.364  4.697   1.00 76.36  ? 102 SPM C N5    1 
HETATM 1419 C  C6    . SPM K 3 .  ? -4.406  14.069  5.835   1.00 63.17  ? 102 SPM C C6    1 
HETATM 1420 C  C7    . SPM K 3 .  ? -3.683  15.359  5.432   1.00 66.82  ? 102 SPM C C7    1 
HETATM 1421 C  C8    . SPM K 3 .  ? -3.203  16.019  6.720   1.00 65.21  ? 102 SPM C C8    1 
HETATM 1422 C  C9    . SPM K 3 .  ? -2.720  17.464  6.451   1.00 62.65  ? 102 SPM C C9    1 
HETATM 1423 N  N10   . SPM K 3 .  ? -1.244  17.559  6.423   1.00 65.76  ? 102 SPM C N10   1 
HETATM 1424 C  C11   . SPM K 3 .  ? -0.614  18.535  7.358   1.00 58.40  ? 102 SPM C C11   1 
HETATM 1425 C  C12   . SPM K 3 .  ? 0.563   17.889  8.124   1.00 56.92  ? 102 SPM C C12   1 
HETATM 1426 C  C13   . SPM K 3 .  ? 1.789   17.728  7.244   1.00 55.72  ? 102 SPM C C13   1 
HETATM 1427 N  N14   . SPM K 3 .  ? 2.960   17.508  8.105   1.00 65.89  ? 102 SPM C N14   1 
HETATM 1428 C  C     . GAI L 2 .  ? -2.752  1.805   13.026  1.00 34.42  ? 101 GAI D C     1 
HETATM 1429 N  N1    . GAI L 2 .  ? -2.963  2.093   14.238  1.00 38.00  ? 101 GAI D N1    1 
HETATM 1430 N  N2    . GAI L 2 .  ? -2.898  0.572   12.569  1.00 35.10  ? 101 GAI D N2    1 
HETATM 1431 N  N3    . GAI L 2 .  ? -2.318  2.771   12.194  1.00 30.83  ? 101 GAI D N3    1 
HETATM 1432 N  N1    . SPM M 3 .  ? -8.585  0.080   23.083  1.00 78.32  ? 102 SPM D N1    1 
HETATM 1433 C  C2    . SPM M 3 .  ? -7.927  -0.406  21.862  1.00 76.39  ? 102 SPM D C2    1 
HETATM 1434 C  C3    . SPM M 3 .  ? -8.750  -1.531  21.229  1.00 68.33  ? 102 SPM D C3    1 
HETATM 1435 C  C4    . SPM M 3 .  ? -8.012  -2.257  20.106  1.00 68.28  ? 102 SPM D C4    1 
HETATM 1436 N  N5    . SPM M 3 .  ? -6.545  -2.301  20.280  1.00 66.20  ? 102 SPM D N5    1 
HETATM 1437 C  C6    . SPM M 3 .  ? -6.051  -3.308  19.339  1.00 60.93  ? 102 SPM D C6    1 
HETATM 1438 C  C7    . SPM M 3 .  ? -4.540  -3.218  19.228  1.00 61.67  ? 102 SPM D C7    1 
HETATM 1439 C  C8    . SPM M 3 .  ? -4.014  -4.522  18.588  1.00 54.60  ? 102 SPM D C8    1 
HETATM 1440 C  C9    . SPM M 3 .  ? -2.671  -4.311  17.911  1.00 57.61  ? 102 SPM D C9    1 
HETATM 1441 N  N10   . SPM M 3 .  ? -2.758  -3.285  16.869  1.00 65.29  ? 102 SPM D N10   1 
HETATM 1442 C  C11   . SPM M 3 .  ? -1.455  -2.932  16.247  1.00 59.45  ? 102 SPM D C11   1 
HETATM 1443 C  C12   . SPM M 3 .  ? -1.391  -3.165  14.707  1.00 59.86  ? 102 SPM D C12   1 
HETATM 1444 C  C13   . SPM M 3 .  ? -0.057  -3.872  14.354  1.00 69.05  ? 102 SPM D C13   1 
HETATM 1445 N  N14   . SPM M 3 .  ? 0.061   -4.335  12.950  1.00 63.86  ? 102 SPM D N14   1 
HETATM 1446 O  O     . HOH N 5 .  ? 7.552   4.547   -3.304  1.00 33.04  ? 201 HOH A O     1 
HETATM 1447 O  O     . HOH N 5 .  ? 8.376   -9.339  -6.066  1.00 43.92  ? 202 HOH A O     1 
HETATM 1448 O  O     . HOH O 5 .  ? -7.904  -6.585  -10.609 1.00 30.00  ? 201 HOH B O     1 
HETATM 1449 O  O     . HOH O 5 .  ? -5.808  -8.954  -10.351 1.00 30.00  ? 202 HOH B O     1 
HETATM 1450 O  O     . HOH O 5 .  ? -7.208  -10.383 -12.509 1.00 30.00  ? 203 HOH B O     1 
HETATM 1451 O  O     . HOH O 5 .  ? -8.778  -9.655  -10.196 1.00 30.00  ? 204 HOH B O     1 
HETATM 1452 O  O     . HOH O 5 .  ? -9.339  -8.032  -12.782 1.00 30.00  ? 205 HOH B O     1 
HETATM 1453 O  O     . HOH P 5 .  ? -19.104 20.802  -2.816  1.00 45.45  ? 201 HOH C O     1 
HETATM 1454 O  O     . HOH Q 5 .  ? -2.502  1.845   22.773  1.00 43.15  ? 201 HOH D O     1 
HETATM 1455 O  O     . HOH Q 5 .  ? 7.960   -5.228  12.768  1.00 40.28  ? 202 HOH D O     1 
HETATM 1456 O  O     . HOH Q 5 .  ? 4.045   -7.051  13.925  1.00 41.10  ? 203 HOH D O     1 
# 
